data_3JVN
# 
_entry.id   3JVN 
# 
_audit_conform.dict_name       mmcif_pdbx.dic 
_audit_conform.dict_version    5.398 
_audit_conform.dict_location   http://mmcif.pdb.org/dictionaries/ascii/mmcif_pdbx.dic 
# 
loop_
_database_2.database_id 
_database_2.database_code 
_database_2.pdbx_database_accession 
_database_2.pdbx_DOI 
PDB   3JVN         pdb_00003jvn 10.2210/pdb3jvn/pdb 
RCSB  RCSB055216   ?            ?                   
WWPDB D_1000055216 ?            ?                   
# 
loop_
_pdbx_audit_revision_history.ordinal 
_pdbx_audit_revision_history.data_content_type 
_pdbx_audit_revision_history.major_revision 
_pdbx_audit_revision_history.minor_revision 
_pdbx_audit_revision_history.revision_date 
1 'Structure model' 1 0 2009-09-29 
2 'Structure model' 1 1 2011-07-13 
3 'Structure model' 1 2 2017-11-01 
4 'Structure model' 1 3 2019-08-07 
5 'Structure model' 1 4 2024-11-06 
# 
_pdbx_audit_revision_details.ordinal             1 
_pdbx_audit_revision_details.revision_ordinal    1 
_pdbx_audit_revision_details.data_content_type   'Structure model' 
_pdbx_audit_revision_details.provider            repository 
_pdbx_audit_revision_details.type                'Initial release' 
_pdbx_audit_revision_details.description         ? 
_pdbx_audit_revision_details.details             ? 
# 
loop_
_pdbx_audit_revision_group.ordinal 
_pdbx_audit_revision_group.revision_ordinal 
_pdbx_audit_revision_group.data_content_type 
_pdbx_audit_revision_group.group 
1  2 'Structure model' 'Source and taxonomy'       
2  2 'Structure model' 'Version format compliance' 
3  3 'Structure model' 'Refinement description'    
4  4 'Structure model' 'Data collection'           
5  4 'Structure model' 'Derived calculations'      
6  4 'Structure model' 'Refinement description'    
7  5 'Structure model' 'Data collection'           
8  5 'Structure model' 'Database references'       
9  5 'Structure model' 'Derived calculations'      
10 5 'Structure model' 'Structure summary'         
# 
loop_
_pdbx_audit_revision_category.ordinal 
_pdbx_audit_revision_category.revision_ordinal 
_pdbx_audit_revision_category.data_content_type 
_pdbx_audit_revision_category.category 
1  3 'Structure model' software                  
2  4 'Structure model' software                  
3  4 'Structure model' struct_conn               
4  5 'Structure model' chem_comp_atom            
5  5 'Structure model' chem_comp_bond            
6  5 'Structure model' database_2                
7  5 'Structure model' pdbx_entry_details        
8  5 'Structure model' pdbx_modification_feature 
9  5 'Structure model' struct_ref_seq_dif        
10 5 'Structure model' struct_site               
# 
loop_
_pdbx_audit_revision_item.ordinal 
_pdbx_audit_revision_item.revision_ordinal 
_pdbx_audit_revision_item.data_content_type 
_pdbx_audit_revision_item.item 
1  3 'Structure model' '_software.name'                      
2  4 'Structure model' '_software.contact_author'            
3  4 'Structure model' '_software.contact_author_email'      
4  4 'Structure model' '_software.language'                  
5  4 'Structure model' '_software.location'                  
6  4 'Structure model' '_software.name'                      
7  4 'Structure model' '_software.type'                      
8  4 'Structure model' '_software.version'                   
9  4 'Structure model' '_struct_conn.pdbx_leaving_atom_flag' 
10 5 'Structure model' '_database_2.pdbx_DOI'                
11 5 'Structure model' '_database_2.pdbx_database_accession' 
12 5 'Structure model' '_struct_ref_seq_dif.details'         
13 5 'Structure model' '_struct_site.pdbx_auth_asym_id'      
14 5 'Structure model' '_struct_site.pdbx_auth_comp_id'      
15 5 'Structure model' '_struct_site.pdbx_auth_seq_id'       
# 
_pdbx_database_status.entry_id                        3JVN 
_pdbx_database_status.deposit_site                    RCSB 
_pdbx_database_status.process_site                    RCSB 
_pdbx_database_status.recvd_initial_deposition_date   2009-09-17 
_pdbx_database_status.status_code                     REL 
_pdbx_database_status.status_code_sf                  REL 
_pdbx_database_status.status_code_mr                  ? 
_pdbx_database_status.SG_entry                        Y 
_pdbx_database_status.pdb_format_compatible           Y 
_pdbx_database_status.status_code_cs                  ? 
_pdbx_database_status.methods_development_category    ? 
_pdbx_database_status.status_code_nmr_data            ? 
# 
_pdbx_database_related.db_name        TargetDB 
_pdbx_database_related.db_id          VfR136 
_pdbx_database_related.details        . 
_pdbx_database_related.content_type   unspecified 
# 
loop_
_audit_author.name 
_audit_author.pdbx_ordinal 
'Forouhar, F.'                                    1  
'Neely, H.'                                       2  
'Seetharaman, J.'                                 3  
'Mao, M.'                                         4  
'Xiao, R.'                                        5  
'Ciccosanti, C.'                                  6  
'Zhao, L.'                                        7  
'Everett, J.K.'                                   8  
'Nair, R.'                                        9  
'Acton, T.B.'                                     10 
'Rost, B.'                                        11 
'Montelione, G.T.'                                12 
'Tong, L.'                                        13 
'Hunt, J.F.'                                      14 
'Northeast Structural Genomics Consortium (NESG)' 15 
# 
_citation.id                        primary 
_citation.title                     'Northeast Structural Genomics Consortium Target VfR136' 
_citation.journal_abbrev            'To be Published' 
_citation.journal_volume            ? 
_citation.page_first                ? 
_citation.page_last                 ? 
_citation.year                      ? 
_citation.journal_id_ASTM           ? 
_citation.country                   ? 
_citation.journal_id_ISSN           ? 
_citation.journal_id_CSD            0353 
_citation.book_publisher            ? 
_citation.pdbx_database_id_PubMed   ? 
_citation.pdbx_database_id_DOI      ? 
# 
loop_
_citation_author.citation_id 
_citation_author.name 
_citation_author.ordinal 
_citation_author.identifier_ORCID 
primary 'Forouhar, F.'     1  ? 
primary 'Neely, H.'        2  ? 
primary 'Seetharaman, J.'  3  ? 
primary 'Mao, M.'          4  ? 
primary 'Xiao, R.'         5  ? 
primary 'Ciccosanti, C.'   6  ? 
primary 'Zhao, L.'         7  ? 
primary 'Everett, J.K.'    8  ? 
primary 'Nair, R.'         9  ? 
primary 'Acton, T.B.'      10 ? 
primary 'Rost, B.'         11 ? 
primary 'Montelione, G.T.' 12 ? 
primary 'Tong, L.'         13 ? 
primary 'Hunt, J.F.'       14 ? 
# 
loop_
_entity.id 
_entity.type 
_entity.src_method 
_entity.pdbx_description 
_entity.formula_weight 
_entity.pdbx_number_of_molecules 
_entity.pdbx_ec 
_entity.pdbx_mutation 
_entity.pdbx_fragment 
_entity.details 
1 polymer     man Acetyltransferase 20214.938 1  2.3.1.- ? ? ? 
2 non-polymer syn 'SULFATE ION'     96.063    1  ?       ? ? ? 
3 water       nat water             18.015    27 ?       ? ? ? 
# 
_entity_poly.entity_id                      1 
_entity_poly.type                           'polypeptide(L)' 
_entity_poly.nstd_linkage                   no 
_entity_poly.nstd_monomer                   yes 
_entity_poly.pdbx_seq_one_letter_code       
;(MSE)APVIRRAKEIDLYCLNSL(MSE)YKLHDEHHQQCPDLFKTASEIEEEKSIARYLDDPEC(MSE)VYVAE(MSE)D
DVIIGFITGHFCELISTVSKLV(MSE)(MSE)ATIDELYIEKEYRREGVAEQL(MSE)(MSE)RIEQELKDYGVKEIFVE
VWDFNKGALEFYNKQGLNEHIHYLRKPLNRLEHHHHHH
;
_entity_poly.pdbx_seq_one_letter_code_can   
;MAPVIRRAKEIDLYCLNSLMYKLHDEHHQQCPDLFKTASEIEEEKSIARYLDDPECMVYVAEMDDVIIGFITGHFCELIS
TVSKLVMMATIDELYIEKEYRREGVAEQLMMRIEQELKDYGVKEIFVEVWDFNKGALEFYNKQGLNEHIHYLRKPLNRLE
HHHHHH
;
_entity_poly.pdbx_strand_id                 A 
_entity_poly.pdbx_target_identifier         VfR136 
# 
loop_
_pdbx_entity_nonpoly.entity_id 
_pdbx_entity_nonpoly.name 
_pdbx_entity_nonpoly.comp_id 
2 'SULFATE ION' SO4 
3 water         HOH 
# 
loop_
_entity_poly_seq.entity_id 
_entity_poly_seq.num 
_entity_poly_seq.mon_id 
_entity_poly_seq.hetero 
1 1   MSE n 
1 2   ALA n 
1 3   PRO n 
1 4   VAL n 
1 5   ILE n 
1 6   ARG n 
1 7   ARG n 
1 8   ALA n 
1 9   LYS n 
1 10  GLU n 
1 11  ILE n 
1 12  ASP n 
1 13  LEU n 
1 14  TYR n 
1 15  CYS n 
1 16  LEU n 
1 17  ASN n 
1 18  SER n 
1 19  LEU n 
1 20  MSE n 
1 21  TYR n 
1 22  LYS n 
1 23  LEU n 
1 24  HIS n 
1 25  ASP n 
1 26  GLU n 
1 27  HIS n 
1 28  HIS n 
1 29  GLN n 
1 30  GLN n 
1 31  CYS n 
1 32  PRO n 
1 33  ASP n 
1 34  LEU n 
1 35  PHE n 
1 36  LYS n 
1 37  THR n 
1 38  ALA n 
1 39  SER n 
1 40  GLU n 
1 41  ILE n 
1 42  GLU n 
1 43  GLU n 
1 44  GLU n 
1 45  LYS n 
1 46  SER n 
1 47  ILE n 
1 48  ALA n 
1 49  ARG n 
1 50  TYR n 
1 51  LEU n 
1 52  ASP n 
1 53  ASP n 
1 54  PRO n 
1 55  GLU n 
1 56  CYS n 
1 57  MSE n 
1 58  VAL n 
1 59  TYR n 
1 60  VAL n 
1 61  ALA n 
1 62  GLU n 
1 63  MSE n 
1 64  ASP n 
1 65  ASP n 
1 66  VAL n 
1 67  ILE n 
1 68  ILE n 
1 69  GLY n 
1 70  PHE n 
1 71  ILE n 
1 72  THR n 
1 73  GLY n 
1 74  HIS n 
1 75  PHE n 
1 76  CYS n 
1 77  GLU n 
1 78  LEU n 
1 79  ILE n 
1 80  SER n 
1 81  THR n 
1 82  VAL n 
1 83  SER n 
1 84  LYS n 
1 85  LEU n 
1 86  VAL n 
1 87  MSE n 
1 88  MSE n 
1 89  ALA n 
1 90  THR n 
1 91  ILE n 
1 92  ASP n 
1 93  GLU n 
1 94  LEU n 
1 95  TYR n 
1 96  ILE n 
1 97  GLU n 
1 98  LYS n 
1 99  GLU n 
1 100 TYR n 
1 101 ARG n 
1 102 ARG n 
1 103 GLU n 
1 104 GLY n 
1 105 VAL n 
1 106 ALA n 
1 107 GLU n 
1 108 GLN n 
1 109 LEU n 
1 110 MSE n 
1 111 MSE n 
1 112 ARG n 
1 113 ILE n 
1 114 GLU n 
1 115 GLN n 
1 116 GLU n 
1 117 LEU n 
1 118 LYS n 
1 119 ASP n 
1 120 TYR n 
1 121 GLY n 
1 122 VAL n 
1 123 LYS n 
1 124 GLU n 
1 125 ILE n 
1 126 PHE n 
1 127 VAL n 
1 128 GLU n 
1 129 VAL n 
1 130 TRP n 
1 131 ASP n 
1 132 PHE n 
1 133 ASN n 
1 134 LYS n 
1 135 GLY n 
1 136 ALA n 
1 137 LEU n 
1 138 GLU n 
1 139 PHE n 
1 140 TYR n 
1 141 ASN n 
1 142 LYS n 
1 143 GLN n 
1 144 GLY n 
1 145 LEU n 
1 146 ASN n 
1 147 GLU n 
1 148 HIS n 
1 149 ILE n 
1 150 HIS n 
1 151 TYR n 
1 152 LEU n 
1 153 ARG n 
1 154 LYS n 
1 155 PRO n 
1 156 LEU n 
1 157 ASN n 
1 158 ARG n 
1 159 LEU n 
1 160 GLU n 
1 161 HIS n 
1 162 HIS n 
1 163 HIS n 
1 164 HIS n 
1 165 HIS n 
1 166 HIS n 
# 
_entity_src_gen.entity_id                          1 
_entity_src_gen.pdbx_src_id                        1 
_entity_src_gen.pdbx_alt_source_flag               sample 
_entity_src_gen.pdbx_seq_type                      ? 
_entity_src_gen.pdbx_beg_seq_num                   ? 
_entity_src_gen.pdbx_end_seq_num                   ? 
_entity_src_gen.gene_src_common_name               ? 
_entity_src_gen.gene_src_genus                     ? 
_entity_src_gen.pdbx_gene_src_gene                 VF_1542 
_entity_src_gen.gene_src_species                   ? 
_entity_src_gen.gene_src_strain                    ES114 
_entity_src_gen.gene_src_tissue                    ? 
_entity_src_gen.gene_src_tissue_fraction           ? 
_entity_src_gen.gene_src_details                   ? 
_entity_src_gen.pdbx_gene_src_fragment             ? 
_entity_src_gen.pdbx_gene_src_scientific_name      'Vibrio fischeri' 
_entity_src_gen.pdbx_gene_src_ncbi_taxonomy_id     312309 
_entity_src_gen.pdbx_gene_src_variant              ? 
_entity_src_gen.pdbx_gene_src_cell_line            ? 
_entity_src_gen.pdbx_gene_src_atcc                 700601 
_entity_src_gen.pdbx_gene_src_organ                ? 
_entity_src_gen.pdbx_gene_src_organelle            ? 
_entity_src_gen.pdbx_gene_src_cell                 ? 
_entity_src_gen.pdbx_gene_src_cellular_location    ? 
_entity_src_gen.host_org_common_name               ? 
_entity_src_gen.pdbx_host_org_scientific_name      'Escherichia coli' 
_entity_src_gen.pdbx_host_org_ncbi_taxonomy_id     469008 
_entity_src_gen.host_org_genus                     ? 
_entity_src_gen.pdbx_host_org_gene                 ? 
_entity_src_gen.pdbx_host_org_organ                ? 
_entity_src_gen.host_org_species                   ? 
_entity_src_gen.pdbx_host_org_tissue               ? 
_entity_src_gen.pdbx_host_org_tissue_fraction      ? 
_entity_src_gen.pdbx_host_org_strain               'BL21(DE3)+ Magic' 
_entity_src_gen.pdbx_host_org_variant              ? 
_entity_src_gen.pdbx_host_org_cell_line            ? 
_entity_src_gen.pdbx_host_org_atcc                 ? 
_entity_src_gen.pdbx_host_org_culture_collection   ? 
_entity_src_gen.pdbx_host_org_cell                 ? 
_entity_src_gen.pdbx_host_org_organelle            ? 
_entity_src_gen.pdbx_host_org_cellular_location    ? 
_entity_src_gen.pdbx_host_org_vector_type          plasmid 
_entity_src_gen.pdbx_host_org_vector               'pET 21-23C' 
_entity_src_gen.host_org_details                   ? 
_entity_src_gen.expression_system_id               ? 
_entity_src_gen.plasmid_name                       BL21 
_entity_src_gen.plasmid_details                    ? 
_entity_src_gen.pdbx_description                   ? 
# 
loop_
_chem_comp.id 
_chem_comp.type 
_chem_comp.mon_nstd_flag 
_chem_comp.name 
_chem_comp.pdbx_synonyms 
_chem_comp.formula 
_chem_comp.formula_weight 
ALA 'L-peptide linking' y ALANINE          ? 'C3 H7 N O2'     89.093  
ARG 'L-peptide linking' y ARGININE         ? 'C6 H15 N4 O2 1' 175.209 
ASN 'L-peptide linking' y ASPARAGINE       ? 'C4 H8 N2 O3'    132.118 
ASP 'L-peptide linking' y 'ASPARTIC ACID'  ? 'C4 H7 N O4'     133.103 
CYS 'L-peptide linking' y CYSTEINE         ? 'C3 H7 N O2 S'   121.158 
GLN 'L-peptide linking' y GLUTAMINE        ? 'C5 H10 N2 O3'   146.144 
GLU 'L-peptide linking' y 'GLUTAMIC ACID'  ? 'C5 H9 N O4'     147.129 
GLY 'peptide linking'   y GLYCINE          ? 'C2 H5 N O2'     75.067  
HIS 'L-peptide linking' y HISTIDINE        ? 'C6 H10 N3 O2 1' 156.162 
HOH non-polymer         . WATER            ? 'H2 O'           18.015  
ILE 'L-peptide linking' y ISOLEUCINE       ? 'C6 H13 N O2'    131.173 
LEU 'L-peptide linking' y LEUCINE          ? 'C6 H13 N O2'    131.173 
LYS 'L-peptide linking' y LYSINE           ? 'C6 H15 N2 O2 1' 147.195 
MSE 'L-peptide linking' n SELENOMETHIONINE ? 'C5 H11 N O2 Se' 196.106 
PHE 'L-peptide linking' y PHENYLALANINE    ? 'C9 H11 N O2'    165.189 
PRO 'L-peptide linking' y PROLINE          ? 'C5 H9 N O2'     115.130 
SER 'L-peptide linking' y SERINE           ? 'C3 H7 N O3'     105.093 
SO4 non-polymer         . 'SULFATE ION'    ? 'O4 S -2'        96.063  
THR 'L-peptide linking' y THREONINE        ? 'C4 H9 N O3'     119.119 
TRP 'L-peptide linking' y TRYPTOPHAN       ? 'C11 H12 N2 O2'  204.225 
TYR 'L-peptide linking' y TYROSINE         ? 'C9 H11 N O3'    181.189 
VAL 'L-peptide linking' y VALINE           ? 'C5 H11 N O2'    117.146 
# 
loop_
_pdbx_poly_seq_scheme.asym_id 
_pdbx_poly_seq_scheme.entity_id 
_pdbx_poly_seq_scheme.seq_id 
_pdbx_poly_seq_scheme.mon_id 
_pdbx_poly_seq_scheme.ndb_seq_num 
_pdbx_poly_seq_scheme.pdb_seq_num 
_pdbx_poly_seq_scheme.auth_seq_num 
_pdbx_poly_seq_scheme.pdb_mon_id 
_pdbx_poly_seq_scheme.auth_mon_id 
_pdbx_poly_seq_scheme.pdb_strand_id 
_pdbx_poly_seq_scheme.pdb_ins_code 
_pdbx_poly_seq_scheme.hetero 
A 1 1   MSE 1   1   ?   ?   ?   A . n 
A 1 2   ALA 2   2   ?   ?   ?   A . n 
A 1 3   PRO 3   3   3   PRO PRO A . n 
A 1 4   VAL 4   4   4   VAL VAL A . n 
A 1 5   ILE 5   5   5   ILE ILE A . n 
A 1 6   ARG 6   6   6   ARG ARG A . n 
A 1 7   ARG 7   7   7   ARG ARG A . n 
A 1 8   ALA 8   8   8   ALA ALA A . n 
A 1 9   LYS 9   9   9   LYS LYS A . n 
A 1 10  GLU 10  10  10  GLU GLU A . n 
A 1 11  ILE 11  11  11  ILE ILE A . n 
A 1 12  ASP 12  12  12  ASP ASP A . n 
A 1 13  LEU 13  13  13  LEU LEU A . n 
A 1 14  TYR 14  14  14  TYR TYR A . n 
A 1 15  CYS 15  15  15  CYS CYS A . n 
A 1 16  LEU 16  16  16  LEU LEU A . n 
A 1 17  ASN 17  17  17  ASN ASN A . n 
A 1 18  SER 18  18  18  SER SER A . n 
A 1 19  LEU 19  19  19  LEU LEU A . n 
A 1 20  MSE 20  20  20  MSE MSE A . n 
A 1 21  TYR 21  21  21  TYR TYR A . n 
A 1 22  LYS 22  22  22  LYS LYS A . n 
A 1 23  LEU 23  23  23  LEU LEU A . n 
A 1 24  HIS 24  24  24  HIS HIS A . n 
A 1 25  ASP 25  25  25  ASP ASP A . n 
A 1 26  GLU 26  26  26  GLU GLU A . n 
A 1 27  HIS 27  27  27  HIS HIS A . n 
A 1 28  HIS 28  28  28  HIS HIS A . n 
A 1 29  GLN 29  29  29  GLN GLN A . n 
A 1 30  GLN 30  30  30  GLN GLN A . n 
A 1 31  CYS 31  31  31  CYS CYS A . n 
A 1 32  PRO 32  32  32  PRO PRO A . n 
A 1 33  ASP 33  33  33  ASP ASP A . n 
A 1 34  LEU 34  34  ?   ?   ?   A . n 
A 1 35  PHE 35  35  ?   ?   ?   A . n 
A 1 36  LYS 36  36  ?   ?   ?   A . n 
A 1 37  THR 37  37  ?   ?   ?   A . n 
A 1 38  ALA 38  38  ?   ?   ?   A . n 
A 1 39  SER 39  39  ?   ?   ?   A . n 
A 1 40  GLU 40  40  ?   ?   ?   A . n 
A 1 41  ILE 41  41  ?   ?   ?   A . n 
A 1 42  GLU 42  42  ?   ?   ?   A . n 
A 1 43  GLU 43  43  ?   ?   ?   A . n 
A 1 44  GLU 44  44  44  GLU GLU A . n 
A 1 45  LYS 45  45  45  LYS LYS A . n 
A 1 46  SER 46  46  46  SER SER A . n 
A 1 47  ILE 47  47  47  ILE ILE A . n 
A 1 48  ALA 48  48  48  ALA ALA A . n 
A 1 49  ARG 49  49  49  ARG ARG A . n 
A 1 50  TYR 50  50  50  TYR TYR A . n 
A 1 51  LEU 51  51  51  LEU LEU A . n 
A 1 52  ASP 52  52  52  ASP ASP A . n 
A 1 53  ASP 53  53  53  ASP ASP A . n 
A 1 54  PRO 54  54  54  PRO PRO A . n 
A 1 55  GLU 55  55  55  GLU GLU A . n 
A 1 56  CYS 56  56  56  CYS CYS A . n 
A 1 57  MSE 57  57  57  MSE MSE A . n 
A 1 58  VAL 58  58  58  VAL VAL A . n 
A 1 59  TYR 59  59  59  TYR TYR A . n 
A 1 60  VAL 60  60  60  VAL VAL A . n 
A 1 61  ALA 61  61  61  ALA ALA A . n 
A 1 62  GLU 62  62  62  GLU GLU A . n 
A 1 63  MSE 63  63  63  MSE MSE A . n 
A 1 64  ASP 64  64  64  ASP ASP A . n 
A 1 65  ASP 65  65  65  ASP ASP A . n 
A 1 66  VAL 66  66  66  VAL VAL A . n 
A 1 67  ILE 67  67  67  ILE ILE A . n 
A 1 68  ILE 68  68  68  ILE ILE A . n 
A 1 69  GLY 69  69  69  GLY GLY A . n 
A 1 70  PHE 70  70  70  PHE PHE A . n 
A 1 71  ILE 71  71  71  ILE ILE A . n 
A 1 72  THR 72  72  72  THR THR A . n 
A 1 73  GLY 73  73  73  GLY GLY A . n 
A 1 74  HIS 74  74  74  HIS HIS A . n 
A 1 75  PHE 75  75  75  PHE PHE A . n 
A 1 76  CYS 76  76  76  CYS CYS A . n 
A 1 77  GLU 77  77  77  GLU GLU A . n 
A 1 78  LEU 78  78  78  LEU LEU A . n 
A 1 79  ILE 79  79  79  ILE ILE A . n 
A 1 80  SER 80  80  80  SER SER A . n 
A 1 81  THR 81  81  81  THR THR A . n 
A 1 82  VAL 82  82  82  VAL VAL A . n 
A 1 83  SER 83  83  83  SER SER A . n 
A 1 84  LYS 84  84  84  LYS LYS A . n 
A 1 85  LEU 85  85  85  LEU LEU A . n 
A 1 86  VAL 86  86  86  VAL VAL A . n 
A 1 87  MSE 87  87  87  MSE MSE A . n 
A 1 88  MSE 88  88  88  MSE MSE A . n 
A 1 89  ALA 89  89  89  ALA ALA A . n 
A 1 90  THR 90  90  90  THR THR A . n 
A 1 91  ILE 91  91  91  ILE ILE A . n 
A 1 92  ASP 92  92  92  ASP ASP A . n 
A 1 93  GLU 93  93  93  GLU GLU A . n 
A 1 94  LEU 94  94  94  LEU LEU A . n 
A 1 95  TYR 95  95  95  TYR TYR A . n 
A 1 96  ILE 96  96  96  ILE ILE A . n 
A 1 97  GLU 97  97  97  GLU GLU A . n 
A 1 98  LYS 98  98  98  LYS LYS A . n 
A 1 99  GLU 99  99  99  GLU GLU A . n 
A 1 100 TYR 100 100 100 TYR TYR A . n 
A 1 101 ARG 101 101 101 ARG ARG A . n 
A 1 102 ARG 102 102 102 ARG ARG A . n 
A 1 103 GLU 103 103 103 GLU GLU A . n 
A 1 104 GLY 104 104 104 GLY GLY A . n 
A 1 105 VAL 105 105 105 VAL VAL A . n 
A 1 106 ALA 106 106 106 ALA ALA A . n 
A 1 107 GLU 107 107 107 GLU GLU A . n 
A 1 108 GLN 108 108 108 GLN GLN A . n 
A 1 109 LEU 109 109 109 LEU LEU A . n 
A 1 110 MSE 110 110 110 MSE MSE A . n 
A 1 111 MSE 111 111 111 MSE MSE A . n 
A 1 112 ARG 112 112 112 ARG ARG A . n 
A 1 113 ILE 113 113 113 ILE ILE A . n 
A 1 114 GLU 114 114 114 GLU GLU A . n 
A 1 115 GLN 115 115 115 GLN GLN A . n 
A 1 116 GLU 116 116 116 GLU GLU A . n 
A 1 117 LEU 117 117 117 LEU LEU A . n 
A 1 118 LYS 118 118 118 LYS LYS A . n 
A 1 119 ASP 119 119 119 ASP ASP A . n 
A 1 120 TYR 120 120 120 TYR TYR A . n 
A 1 121 GLY 121 121 121 GLY GLY A . n 
A 1 122 VAL 122 122 122 VAL VAL A . n 
A 1 123 LYS 123 123 123 LYS LYS A . n 
A 1 124 GLU 124 124 124 GLU GLU A . n 
A 1 125 ILE 125 125 125 ILE ILE A . n 
A 1 126 PHE 126 126 126 PHE PHE A . n 
A 1 127 VAL 127 127 127 VAL VAL A . n 
A 1 128 GLU 128 128 128 GLU GLU A . n 
A 1 129 VAL 129 129 129 VAL VAL A . n 
A 1 130 TRP 130 130 130 TRP TRP A . n 
A 1 131 ASP 131 131 ?   ?   ?   A . n 
A 1 132 PHE 132 132 ?   ?   ?   A . n 
A 1 133 ASN 133 133 133 ASN ASN A . n 
A 1 134 LYS 134 134 134 LYS LYS A . n 
A 1 135 GLY 135 135 135 GLY GLY A . n 
A 1 136 ALA 136 136 136 ALA ALA A . n 
A 1 137 LEU 137 137 ?   ?   ?   A . n 
A 1 138 GLU 138 138 ?   ?   ?   A . n 
A 1 139 PHE 139 139 ?   ?   ?   A . n 
A 1 140 TYR 140 140 ?   ?   ?   A . n 
A 1 141 ASN 141 141 ?   ?   ?   A . n 
A 1 142 LYS 142 142 ?   ?   ?   A . n 
A 1 143 GLN 143 143 ?   ?   ?   A . n 
A 1 144 GLY 144 144 ?   ?   ?   A . n 
A 1 145 LEU 145 145 ?   ?   ?   A . n 
A 1 146 ASN 146 146 ?   ?   ?   A . n 
A 1 147 GLU 147 147 ?   ?   ?   A . n 
A 1 148 HIS 148 148 ?   ?   ?   A . n 
A 1 149 ILE 149 149 ?   ?   ?   A . n 
A 1 150 HIS 150 150 ?   ?   ?   A . n 
A 1 151 TYR 151 151 ?   ?   ?   A . n 
A 1 152 LEU 152 152 ?   ?   ?   A . n 
A 1 153 ARG 153 153 ?   ?   ?   A . n 
A 1 154 LYS 154 154 ?   ?   ?   A . n 
A 1 155 PRO 155 155 ?   ?   ?   A . n 
A 1 156 LEU 156 156 ?   ?   ?   A . n 
A 1 157 ASN 157 157 ?   ?   ?   A . n 
A 1 158 ARG 158 158 ?   ?   ?   A . n 
A 1 159 LEU 159 159 ?   ?   ?   A . n 
A 1 160 GLU 160 160 ?   ?   ?   A . n 
A 1 161 HIS 161 161 ?   ?   ?   A . n 
A 1 162 HIS 162 162 ?   ?   ?   A . n 
A 1 163 HIS 163 163 ?   ?   ?   A . n 
A 1 164 HIS 164 164 ?   ?   ?   A . n 
A 1 165 HIS 165 165 ?   ?   ?   A . n 
A 1 166 HIS 166 166 ?   ?   ?   A . n 
# 
loop_
_pdbx_nonpoly_scheme.asym_id 
_pdbx_nonpoly_scheme.entity_id 
_pdbx_nonpoly_scheme.mon_id 
_pdbx_nonpoly_scheme.ndb_seq_num 
_pdbx_nonpoly_scheme.pdb_seq_num 
_pdbx_nonpoly_scheme.auth_seq_num 
_pdbx_nonpoly_scheme.pdb_mon_id 
_pdbx_nonpoly_scheme.auth_mon_id 
_pdbx_nonpoly_scheme.pdb_strand_id 
_pdbx_nonpoly_scheme.pdb_ins_code 
B 2 SO4 1  201 201 SO4 SO4 A . 
C 3 HOH 1  167 1   HOH HOH A . 
C 3 HOH 2  168 2   HOH HOH A . 
C 3 HOH 3  169 3   HOH HOH A . 
C 3 HOH 4  170 4   HOH HOH A . 
C 3 HOH 5  171 5   HOH HOH A . 
C 3 HOH 6  172 6   HOH HOH A . 
C 3 HOH 7  173 8   HOH HOH A . 
C 3 HOH 8  174 9   HOH HOH A . 
C 3 HOH 9  175 10  HOH HOH A . 
C 3 HOH 10 176 11  HOH HOH A . 
C 3 HOH 11 177 12  HOH HOH A . 
C 3 HOH 12 178 13  HOH HOH A . 
C 3 HOH 13 179 14  HOH HOH A . 
C 3 HOH 14 180 15  HOH HOH A . 
C 3 HOH 15 181 16  HOH HOH A . 
C 3 HOH 16 182 17  HOH HOH A . 
C 3 HOH 17 183 18  HOH HOH A . 
C 3 HOH 18 184 19  HOH HOH A . 
C 3 HOH 19 185 20  HOH HOH A . 
C 3 HOH 20 186 21  HOH HOH A . 
C 3 HOH 21 187 22  HOH HOH A . 
C 3 HOH 22 188 23  HOH HOH A . 
C 3 HOH 23 189 24  HOH HOH A . 
C 3 HOH 24 190 25  HOH HOH A . 
C 3 HOH 25 191 26  HOH HOH A . 
C 3 HOH 26 192 27  HOH HOH A . 
C 3 HOH 27 193 28  HOH HOH A . 
# 
loop_
_software.name 
_software.version 
_software.date 
_software.type 
_software.contact_author 
_software.contact_author_email 
_software.classification 
_software.location 
_software.language 
_software.citation_id 
_software.pdbx_ordinal 
CNS         1.2                  ?                 ?       ?                 ?                        refinement        ? ? ? 1 
PDB_EXTRACT 3.00                 'March. 27, 2007' package PDB               sw-help@rcsb.rutgers.edu 'data extraction' 
http://pdb.rutgers.edu/software/ C++        ? 2 
ADSC        Quantum              ?                 ?       ?                 ?                        'data collection' ? ? ? 3 
HKL-2000    .                    ?                 ?       ?                 ?                        'data reduction'  ? ? ? 4 
SCALEPACK   .                    ?                 ?       ?                 ?                        'data scaling'    ? ? ? 5 
SnB         'then SOLVE/RESOLVE' ?                 ?       ?                 ?                        phasing           ? ? ? 6 
REFMAC      .                    ?                 program 'Murshudov, G.N.' ccp4@dl.ac.uk            refinement        
http://www.ccp4.ac.uk/main.html  Fortran_77 ? 7 
# 
_cell.entry_id           3JVN 
_cell.length_a           45.714 
_cell.length_b           105.332 
_cell.length_c           73.872 
_cell.angle_alpha        90.000 
_cell.angle_beta         90.000 
_cell.angle_gamma        90.000 
_cell.pdbx_unique_axis   ? 
_cell.Z_PDB              8 
_cell.length_a_esd       ? 
_cell.length_b_esd       ? 
_cell.length_c_esd       ? 
_cell.angle_alpha_esd    ? 
_cell.angle_beta_esd     ? 
_cell.angle_gamma_esd    ? 
# 
_symmetry.entry_id                         3JVN 
_symmetry.space_group_name_H-M             'C 2 2 21' 
_symmetry.Int_Tables_number                20 
_symmetry.pdbx_full_space_group_name_H-M   ? 
_symmetry.cell_setting                     ? 
_symmetry.space_group_name_Hall            ? 
# 
_exptl.crystals_number   1 
_exptl.entry_id          3JVN 
_exptl.method            'X-RAY DIFFRACTION' 
# 
_exptl_crystal.id                    1 
_exptl_crystal.density_Matthews      2.20 
_exptl_crystal.density_meas          ? 
_exptl_crystal.density_percent_sol   44.08 
_exptl_crystal.description           ? 
_exptl_crystal.F_000                 ? 
_exptl_crystal.preparation           ? 
# 
_exptl_crystal_grow.crystal_id      1 
_exptl_crystal_grow.method          'microbatch, under oil' 
_exptl_crystal_grow.pH              5.5 
_exptl_crystal_grow.temp            277 
_exptl_crystal_grow.pdbx_details    
;Protein solution: 100mM NaCl, 5mM DTT, 0.02% NaN3, 10mM Tris-HCl (pH 7.5). Reservoir solution: 0.1M Bis Tris (pH 5.5), 1% PEG 3350, and 0.1M ammonium sulfate, microbatch, under oil, temperature 277K
;
_exptl_crystal_grow.temp_details    ? 
_exptl_crystal_grow.pdbx_pH_range   ? 
# 
_diffrn.id                     1 
_diffrn.ambient_temp           100 
_diffrn.ambient_temp_details   ? 
_diffrn.crystal_id             1 
# 
_diffrn_detector.diffrn_id              1 
_diffrn_detector.detector               CCD 
_diffrn_detector.type                   'MAR CCD 165 mm' 
_diffrn_detector.pdbx_collection_date   2009-09-03 
_diffrn_detector.details                mirrors 
# 
_diffrn_radiation.diffrn_id                        1 
_diffrn_radiation.pdbx_diffrn_protocol             'SINGLE WAVELENGTH' 
_diffrn_radiation.monochromator                    'Si 111 CHANNEL' 
_diffrn_radiation.wavelength_id                    1 
_diffrn_radiation.pdbx_monochromatic_or_laue_m_l   M 
_diffrn_radiation.pdbx_scattering_type             x-ray 
# 
_diffrn_radiation_wavelength.id           1 
_diffrn_radiation_wavelength.wavelength   0.9791 
_diffrn_radiation_wavelength.wt           1.0 
# 
_diffrn_source.diffrn_id                   1 
_diffrn_source.source                      SYNCHROTRON 
_diffrn_source.type                        'NSLS BEAMLINE X4A' 
_diffrn_source.pdbx_wavelength_list        0.9791 
_diffrn_source.pdbx_wavelength             ? 
_diffrn_source.pdbx_synchrotron_site       NSLS 
_diffrn_source.pdbx_synchrotron_beamline   X4A 
# 
_reflns.entry_id                     3JVN 
_reflns.B_iso_Wilson_estimate        31.600 
_reflns.observed_criterion_sigma_F   2 
_reflns.observed_criterion_sigma_I   2 
_reflns.d_resolution_high            2.6 
_reflns.d_resolution_low             30 
_reflns.number_all                   10548 
_reflns.number_obs                   8101 
_reflns.percent_possible_obs         76.8 
_reflns.pdbx_Rmerge_I_obs            0.048 
_reflns.pdbx_Rsym_value              0.054 
_reflns.pdbx_netI_over_sigmaI        24.93 
_reflns.pdbx_redundancy              3.6 
_reflns.R_free_details               ? 
_reflns.limit_h_max                  ? 
_reflns.limit_h_min                  ? 
_reflns.limit_k_max                  ? 
_reflns.limit_k_min                  ? 
_reflns.limit_l_max                  ? 
_reflns.limit_l_min                  ? 
_reflns.observed_criterion_F_max     ? 
_reflns.observed_criterion_F_min     ? 
_reflns.pdbx_chi_squared             ? 
_reflns.pdbx_scaling_rejects         ? 
_reflns.pdbx_ordinal                 1 
_reflns.pdbx_diffrn_id               1 
# 
_reflns_shell.d_res_high             2.60 
_reflns_shell.d_res_low              2.69 
_reflns_shell.percent_possible_obs   ? 
_reflns_shell.percent_possible_all   52.3 
_reflns_shell.Rmerge_I_obs           0.082 
_reflns_shell.meanI_over_sigI_obs    7.97 
_reflns_shell.pdbx_Rsym_value        0.101 
_reflns_shell.pdbx_redundancy        2.3 
_reflns_shell.number_unique_all      1051 
_reflns_shell.number_measured_all    ? 
_reflns_shell.number_measured_obs    ? 
_reflns_shell.number_unique_obs      ? 
_reflns_shell.pdbx_chi_squared       ? 
_reflns_shell.pdbx_ordinal           1 
_reflns_shell.pdbx_diffrn_id         1 
# 
_refine.entry_id                                 3JVN 
_refine.ls_d_res_high                            2.610 
_refine.ls_d_res_low                             19.130 
_refine.pdbx_ls_sigma_F                          2.00 
_refine.pdbx_data_cutoff_high_absF               318924.312 
_refine.pdbx_data_cutoff_low_absF                0.000 
_refine.ls_percent_reflns_obs                    76.800 
_refine.ls_number_reflns_obs                     8088 
_refine.pdbx_ls_cross_valid_method               THROUGHOUT 
_refine.pdbx_R_Free_selection_details            RANDOM 
_refine.ls_R_factor_R_work                       0.233 
_refine.ls_R_factor_R_free                       0.273 
_refine.ls_percent_reflns_R_free                 5.200 
_refine.ls_number_reflns_R_free                  417 
_refine.ls_R_factor_R_free_error                 0.013 
_refine.B_iso_mean                               40.100 
_refine.solvent_model_param_bsol                 34.501 
_refine.solvent_model_param_ksol                 0.350 
_refine.pdbx_isotropic_thermal_model             RESTRAINED 
_refine.aniso_B[1][1]                            -5.630 
_refine.aniso_B[2][2]                            14.500 
_refine.aniso_B[3][3]                            -8.870 
_refine.aniso_B[1][2]                            0.000 
_refine.aniso_B[1][3]                            0.000 
_refine.aniso_B[2][3]                            0.000 
_refine.solvent_model_details                    'FLAT MODEL' 
_refine.pdbx_ls_sigma_I                          2.00 
_refine.ls_number_reflns_all                     10531 
_refine.ls_R_factor_all                          0.335 
_refine.ls_R_factor_obs                          0.334 
_refine.ls_redundancy_reflns_obs                 ? 
_refine.ls_number_parameters                     ? 
_refine.ls_number_restraints                     ? 
_refine.ls_R_factor_R_free_error_details         ? 
_refine.pdbx_method_to_determine_struct          SAD 
_refine.pdbx_starting_model                      ? 
_refine.pdbx_stereochem_target_val_spec_case     ? 
_refine.pdbx_stereochemistry_target_values       'Engh & Huber' 
_refine.occupancy_max                            ? 
_refine.occupancy_min                            ? 
_refine.details                                  ? 
_refine.B_iso_min                                ? 
_refine.B_iso_max                                ? 
_refine.correlation_coeff_Fo_to_Fc               ? 
_refine.correlation_coeff_Fo_to_Fc_free          ? 
_refine.pdbx_solvent_vdw_probe_radii             ? 
_refine.pdbx_solvent_ion_probe_radii             ? 
_refine.pdbx_solvent_shrinkage_radii             ? 
_refine.overall_SU_R_Cruickshank_DPI             ? 
_refine.overall_SU_R_free                        ? 
_refine.overall_SU_ML                            ? 
_refine.overall_SU_B                             ? 
_refine.pdbx_overall_ESU_R_Free                  ? 
_refine.pdbx_data_cutoff_high_rms_absF           ? 
_refine.pdbx_overall_ESU_R                       ? 
_refine.ls_wR_factor_R_free                      ? 
_refine.ls_wR_factor_R_work                      ? 
_refine.overall_FOM_free_R_set                   ? 
_refine.overall_FOM_work_R_set                   ? 
_refine.pdbx_overall_phase_error                 ? 
_refine.pdbx_refine_id                           'X-RAY DIFFRACTION' 
_refine.pdbx_diffrn_id                           1 
_refine.pdbx_TLS_residual_ADP_flag               ? 
_refine.pdbx_overall_SU_R_free_Cruickshank_DPI   ? 
_refine.pdbx_overall_SU_R_Blow_DPI               ? 
_refine.pdbx_overall_SU_R_free_Blow_DPI          ? 
# 
_refine_analyze.entry_id                        3JVN 
_refine_analyze.Luzzati_coordinate_error_obs    0.320 
_refine_analyze.Luzzati_sigma_a_obs             0.220 
_refine_analyze.Luzzati_d_res_low_obs           5.000 
_refine_analyze.Luzzati_coordinate_error_free   0.380 
_refine_analyze.Luzzati_sigma_a_free            0.440 
_refine_analyze.Luzzati_d_res_low_free          ? 
_refine_analyze.number_disordered_residues      ? 
_refine_analyze.occupancy_sum_non_hydrogen      ? 
_refine_analyze.occupancy_sum_hydrogen          ? 
_refine_analyze.pdbx_Luzzati_d_res_high_obs     ? 
_refine_analyze.pdbx_refine_id                  'X-RAY DIFFRACTION' 
# 
_refine_hist.pdbx_refine_id                   'X-RAY DIFFRACTION' 
_refine_hist.cycle_id                         LAST 
_refine_hist.pdbx_number_atoms_protein        1002 
_refine_hist.pdbx_number_atoms_nucleic_acid   0 
_refine_hist.pdbx_number_atoms_ligand         5 
_refine_hist.number_atoms_solvent             27 
_refine_hist.number_atoms_total               1034 
_refine_hist.d_res_high                       2.610 
_refine_hist.d_res_low                        19.130 
# 
loop_
_refine_ls_restr.type 
_refine_ls_restr.number 
_refine_ls_restr.dev_ideal 
_refine_ls_restr.dev_ideal_target 
_refine_ls_restr.weight 
_refine_ls_restr.pdbx_refine_id 
_refine_ls_restr.pdbx_restraint_function 
c_bond_d           ? 0.008  ? ? 'X-RAY DIFFRACTION' ? 
c_angle_deg        ? 1.100  ? ? 'X-RAY DIFFRACTION' ? 
c_dihedral_angle_d ? 24.200 ? ? 'X-RAY DIFFRACTION' ? 
c_improper_angle_d ? 0.700  ? ? 'X-RAY DIFFRACTION' ? 
# 
_refine_ls_shell.d_res_high                       2.600 
_refine_ls_shell.d_res_low                        2.690 
_refine_ls_shell.pdbx_total_number_of_bins_used   10 
_refine_ls_shell.percent_reflns_obs               48.400 
_refine_ls_shell.number_reflns_R_work             482 
_refine_ls_shell.R_factor_all                     ? 
_refine_ls_shell.R_factor_R_work                  0.300 
_refine_ls_shell.R_factor_R_free                  0.354 
_refine_ls_shell.percent_reflns_R_free            5.100 
_refine_ls_shell.number_reflns_R_free             26 
_refine_ls_shell.R_factor_R_free_error            0.070 
_refine_ls_shell.number_reflns_all                ? 
_refine_ls_shell.number_reflns_obs                508 
_refine_ls_shell.redundancy_reflns_obs            ? 
_refine_ls_shell.pdbx_refine_id                   'X-RAY DIFFRACTION' 
# 
_struct.entry_id                  3JVN 
_struct.title                     
'Crystal Structure of the acetyltransferase VF_1542 from Vibrio fischeri, Northeast Structural Genomics Consortium Target VfR136' 
_struct.pdbx_model_details        ? 
_struct.pdbx_CASP_flag            ? 
_struct.pdbx_model_type_details   ? 
# 
_struct_keywords.entry_id        3JVN 
_struct_keywords.text            
;alpha-beta protein, Structural Genomics, PSI-2, Protein Structure Initiative, Northeast Structural Genomics Consortium, NESG, Acyltransferase, Transferase
;
_struct_keywords.pdbx_keywords   TRANSFERASE 
# 
loop_
_struct_asym.id 
_struct_asym.pdbx_blank_PDB_chainid_flag 
_struct_asym.pdbx_modified 
_struct_asym.entity_id 
_struct_asym.details 
A N N 1 ? 
B N N 2 ? 
C N N 3 ? 
# 
_struct_ref.id                         1 
_struct_ref.db_name                    UNP 
_struct_ref.db_code                    Q5E4K9_VIBF1 
_struct_ref.pdbx_db_accession          Q5E4K9 
_struct_ref.entity_id                  1 
_struct_ref.pdbx_seq_one_letter_code   
;MAPVIRRAKEIDLYCLNSLMYKLHDEHHQQCPDLFKTASEIEEEKSIARYLDDPECMVYVAEMDDVIIGFITGHFCELIS
TVSKLVMMATIDELYIEKEYRREGVAEQLMMRIEQELKDYGVKEIFVEVWDFNKGALEFYNKQGLNEHIHYLRKPLNR
;
_struct_ref.pdbx_align_begin           1 
_struct_ref.pdbx_db_isoform            ? 
# 
_struct_ref_seq.align_id                      1 
_struct_ref_seq.ref_id                        1 
_struct_ref_seq.pdbx_PDB_id_code              3JVN 
_struct_ref_seq.pdbx_strand_id                A 
_struct_ref_seq.seq_align_beg                 1 
_struct_ref_seq.pdbx_seq_align_beg_ins_code   ? 
_struct_ref_seq.seq_align_end                 158 
_struct_ref_seq.pdbx_seq_align_end_ins_code   ? 
_struct_ref_seq.pdbx_db_accession             Q5E4K9 
_struct_ref_seq.db_align_beg                  1 
_struct_ref_seq.pdbx_db_align_beg_ins_code    ? 
_struct_ref_seq.db_align_end                  158 
_struct_ref_seq.pdbx_db_align_end_ins_code    ? 
_struct_ref_seq.pdbx_auth_seq_align_beg       1 
_struct_ref_seq.pdbx_auth_seq_align_end       158 
# 
loop_
_struct_ref_seq_dif.align_id 
_struct_ref_seq_dif.pdbx_pdb_id_code 
_struct_ref_seq_dif.mon_id 
_struct_ref_seq_dif.pdbx_pdb_strand_id 
_struct_ref_seq_dif.seq_num 
_struct_ref_seq_dif.pdbx_pdb_ins_code 
_struct_ref_seq_dif.pdbx_seq_db_name 
_struct_ref_seq_dif.pdbx_seq_db_accession_code 
_struct_ref_seq_dif.db_mon_id 
_struct_ref_seq_dif.pdbx_seq_db_seq_num 
_struct_ref_seq_dif.details 
_struct_ref_seq_dif.pdbx_auth_seq_num 
_struct_ref_seq_dif.pdbx_ordinal 
1 3JVN LEU A 159 ? UNP Q5E4K9 ? ? 'expression tag' 159 1 
1 3JVN GLU A 160 ? UNP Q5E4K9 ? ? 'expression tag' 160 2 
1 3JVN HIS A 161 ? UNP Q5E4K9 ? ? 'expression tag' 161 3 
1 3JVN HIS A 162 ? UNP Q5E4K9 ? ? 'expression tag' 162 4 
1 3JVN HIS A 163 ? UNP Q5E4K9 ? ? 'expression tag' 163 5 
1 3JVN HIS A 164 ? UNP Q5E4K9 ? ? 'expression tag' 164 6 
1 3JVN HIS A 165 ? UNP Q5E4K9 ? ? 'expression tag' 165 7 
1 3JVN HIS A 166 ? UNP Q5E4K9 ? ? 'expression tag' 166 8 
# 
_pdbx_struct_assembly.id                   1 
_pdbx_struct_assembly.details              author_and_software_defined_assembly 
_pdbx_struct_assembly.method_details       PISA 
_pdbx_struct_assembly.oligomeric_details   dimeric 
_pdbx_struct_assembly.oligomeric_count     2 
# 
loop_
_pdbx_struct_assembly_prop.biol_id 
_pdbx_struct_assembly_prop.type 
_pdbx_struct_assembly_prop.value 
_pdbx_struct_assembly_prop.details 
1 'ABSA (A^2)' 1790  ? 
1 MORE         -41   ? 
1 'SSA (A^2)'  15240 ? 
# 
_pdbx_struct_assembly_gen.assembly_id       1 
_pdbx_struct_assembly_gen.oper_expression   1,2 
_pdbx_struct_assembly_gen.asym_id_list      A,B,C 
# 
loop_
_pdbx_struct_oper_list.id 
_pdbx_struct_oper_list.type 
_pdbx_struct_oper_list.name 
_pdbx_struct_oper_list.symmetry_operation 
_pdbx_struct_oper_list.matrix[1][1] 
_pdbx_struct_oper_list.matrix[1][2] 
_pdbx_struct_oper_list.matrix[1][3] 
_pdbx_struct_oper_list.vector[1] 
_pdbx_struct_oper_list.matrix[2][1] 
_pdbx_struct_oper_list.matrix[2][2] 
_pdbx_struct_oper_list.matrix[2][3] 
_pdbx_struct_oper_list.vector[2] 
_pdbx_struct_oper_list.matrix[3][1] 
_pdbx_struct_oper_list.matrix[3][2] 
_pdbx_struct_oper_list.matrix[3][3] 
_pdbx_struct_oper_list.vector[3] 
1 'identity operation'         1_555 x,y,z         1.0000000000  0.0000000000  0.0000000000 0.0000000000  0.0000000000  1.0000000000 0.0000000000  0.0000000000   0.0000000000 0.0000000000  1.0000000000  0.0000000000   
2 'crystal symmetry operation' 3_755 -x+2,y,-z+1/2 -0.9370593542 -0.2519997096 0.2416938418 27.6093778002 -0.2519997096 0.0089482364 -0.9676859384 -11.8203163547 0.2416938418 -0.9676859384 -0.0718888823 -19.5142264418 
# 
_struct_biol.id        1 
_struct_biol.details   ? 
# 
loop_
_struct_conf.conf_type_id 
_struct_conf.id 
_struct_conf.pdbx_PDB_helix_id 
_struct_conf.beg_label_comp_id 
_struct_conf.beg_label_asym_id 
_struct_conf.beg_label_seq_id 
_struct_conf.pdbx_beg_PDB_ins_code 
_struct_conf.end_label_comp_id 
_struct_conf.end_label_asym_id 
_struct_conf.end_label_seq_id 
_struct_conf.pdbx_end_PDB_ins_code 
_struct_conf.beg_auth_comp_id 
_struct_conf.beg_auth_asym_id 
_struct_conf.beg_auth_seq_id 
_struct_conf.end_auth_comp_id 
_struct_conf.end_auth_asym_id 
_struct_conf.end_auth_seq_id 
_struct_conf.pdbx_PDB_helix_class 
_struct_conf.details 
_struct_conf.pdbx_PDB_helix_length 
HELX_P HELX_P1 1 LYS A 9   ? ILE A 11  ? LYS A 9   ILE A 11  5 ? 3  
HELX_P HELX_P2 2 ASP A 12  ? CYS A 31  ? ASP A 12  CYS A 31  1 ? 20 
HELX_P HELX_P3 3 SER A 46  ? ASP A 53  ? SER A 46  ASP A 53  1 ? 8  
HELX_P HELX_P4 4 GLY A 104 ? ASP A 119 ? GLY A 104 ASP A 119 1 ? 16 
# 
_struct_conf_type.id          HELX_P 
_struct_conf_type.criteria    ? 
_struct_conf_type.reference   ? 
# 
loop_
_struct_conn.id 
_struct_conn.conn_type_id 
_struct_conn.pdbx_leaving_atom_flag 
_struct_conn.pdbx_PDB_id 
_struct_conn.ptnr1_label_asym_id 
_struct_conn.ptnr1_label_comp_id 
_struct_conn.ptnr1_label_seq_id 
_struct_conn.ptnr1_label_atom_id 
_struct_conn.pdbx_ptnr1_label_alt_id 
_struct_conn.pdbx_ptnr1_PDB_ins_code 
_struct_conn.pdbx_ptnr1_standard_comp_id 
_struct_conn.ptnr1_symmetry 
_struct_conn.ptnr2_label_asym_id 
_struct_conn.ptnr2_label_comp_id 
_struct_conn.ptnr2_label_seq_id 
_struct_conn.ptnr2_label_atom_id 
_struct_conn.pdbx_ptnr2_label_alt_id 
_struct_conn.pdbx_ptnr2_PDB_ins_code 
_struct_conn.ptnr1_auth_asym_id 
_struct_conn.ptnr1_auth_comp_id 
_struct_conn.ptnr1_auth_seq_id 
_struct_conn.ptnr2_auth_asym_id 
_struct_conn.ptnr2_auth_comp_id 
_struct_conn.ptnr2_auth_seq_id 
_struct_conn.ptnr2_symmetry 
_struct_conn.pdbx_ptnr3_label_atom_id 
_struct_conn.pdbx_ptnr3_label_seq_id 
_struct_conn.pdbx_ptnr3_label_comp_id 
_struct_conn.pdbx_ptnr3_label_asym_id 
_struct_conn.pdbx_ptnr3_label_alt_id 
_struct_conn.pdbx_ptnr3_PDB_ins_code 
_struct_conn.details 
_struct_conn.pdbx_dist_value 
_struct_conn.pdbx_value_order 
_struct_conn.pdbx_role 
covale1  covale both ? A LEU 19  C ? ? ? 1_555 A MSE 20  N ? ? A LEU 19  A MSE 20  1_555 ? ? ? ? ? ? ? 1.331 ? ? 
covale2  covale both ? A MSE 20  C ? ? ? 1_555 A TYR 21  N ? ? A MSE 20  A TYR 21  1_555 ? ? ? ? ? ? ? 1.331 ? ? 
covale3  covale both ? A CYS 56  C ? ? ? 1_555 A MSE 57  N ? ? A CYS 56  A MSE 57  1_555 ? ? ? ? ? ? ? 1.326 ? ? 
covale4  covale both ? A MSE 57  C ? ? ? 1_555 A VAL 58  N ? ? A MSE 57  A VAL 58  1_555 ? ? ? ? ? ? ? 1.322 ? ? 
covale5  covale both ? A GLU 62  C ? ? ? 1_555 A MSE 63  N ? ? A GLU 62  A MSE 63  1_555 ? ? ? ? ? ? ? 1.328 ? ? 
covale6  covale both ? A MSE 63  C ? ? ? 1_555 A ASP 64  N ? ? A MSE 63  A ASP 64  1_555 ? ? ? ? ? ? ? 1.329 ? ? 
covale7  covale both ? A VAL 86  C ? ? ? 1_555 A MSE 87  N ? ? A VAL 86  A MSE 87  1_555 ? ? ? ? ? ? ? 1.322 ? ? 
covale8  covale both ? A MSE 87  C ? ? ? 1_555 A MSE 88  N ? ? A MSE 87  A MSE 88  1_555 ? ? ? ? ? ? ? 1.327 ? ? 
covale9  covale both ? A MSE 88  C ? ? ? 1_555 A ALA 89  N ? ? A MSE 88  A ALA 89  1_555 ? ? ? ? ? ? ? 1.323 ? ? 
covale10 covale both ? A LEU 109 C ? ? ? 1_555 A MSE 110 N ? ? A LEU 109 A MSE 110 1_555 ? ? ? ? ? ? ? 1.329 ? ? 
covale11 covale both ? A MSE 110 C ? ? ? 1_555 A MSE 111 N ? ? A MSE 110 A MSE 111 1_555 ? ? ? ? ? ? ? 1.330 ? ? 
covale12 covale both ? A MSE 111 C ? ? ? 1_555 A ARG 112 N ? ? A MSE 111 A ARG 112 1_555 ? ? ? ? ? ? ? 1.327 ? ? 
# 
_struct_conn_type.id          covale 
_struct_conn_type.criteria    ? 
_struct_conn_type.reference   ? 
# 
loop_
_pdbx_modification_feature.ordinal 
_pdbx_modification_feature.label_comp_id 
_pdbx_modification_feature.label_asym_id 
_pdbx_modification_feature.label_seq_id 
_pdbx_modification_feature.label_alt_id 
_pdbx_modification_feature.modified_residue_label_comp_id 
_pdbx_modification_feature.modified_residue_label_asym_id 
_pdbx_modification_feature.modified_residue_label_seq_id 
_pdbx_modification_feature.modified_residue_label_alt_id 
_pdbx_modification_feature.auth_comp_id 
_pdbx_modification_feature.auth_asym_id 
_pdbx_modification_feature.auth_seq_id 
_pdbx_modification_feature.PDB_ins_code 
_pdbx_modification_feature.symmetry 
_pdbx_modification_feature.modified_residue_auth_comp_id 
_pdbx_modification_feature.modified_residue_auth_asym_id 
_pdbx_modification_feature.modified_residue_auth_seq_id 
_pdbx_modification_feature.modified_residue_PDB_ins_code 
_pdbx_modification_feature.modified_residue_symmetry 
_pdbx_modification_feature.comp_id_linking_atom 
_pdbx_modification_feature.modified_residue_id_linking_atom 
_pdbx_modification_feature.modified_residue_id 
_pdbx_modification_feature.ref_pcm_id 
_pdbx_modification_feature.ref_comp_id 
_pdbx_modification_feature.type 
_pdbx_modification_feature.category 
1 MSE A 20  ? . . . . MSE A 20  ? 1_555 . . . . . . . MET 1 MSE Selenomethionine 'Named protein modification' 
2 MSE A 57  ? . . . . MSE A 57  ? 1_555 . . . . . . . MET 1 MSE Selenomethionine 'Named protein modification' 
3 MSE A 63  ? . . . . MSE A 63  ? 1_555 . . . . . . . MET 1 MSE Selenomethionine 'Named protein modification' 
4 MSE A 87  ? . . . . MSE A 87  ? 1_555 . . . . . . . MET 1 MSE Selenomethionine 'Named protein modification' 
5 MSE A 88  ? . . . . MSE A 88  ? 1_555 . . . . . . . MET 1 MSE Selenomethionine 'Named protein modification' 
6 MSE A 110 ? . . . . MSE A 110 ? 1_555 . . . . . . . MET 1 MSE Selenomethionine 'Named protein modification' 
7 MSE A 111 ? . . . . MSE A 111 ? 1_555 . . . . . . . MET 1 MSE Selenomethionine 'Named protein modification' 
# 
_struct_sheet.id               A 
_struct_sheet.type             ? 
_struct_sheet.number_strands   6 
_struct_sheet.details          ? 
# 
loop_
_struct_sheet_order.sheet_id 
_struct_sheet_order.range_id_1 
_struct_sheet_order.range_id_2 
_struct_sheet_order.offset 
_struct_sheet_order.sense 
A 1 2 ? anti-parallel 
A 2 3 ? anti-parallel 
A 3 4 ? anti-parallel 
A 4 5 ? parallel      
A 5 6 ? anti-parallel 
# 
loop_
_struct_sheet_range.sheet_id 
_struct_sheet_range.id 
_struct_sheet_range.beg_label_comp_id 
_struct_sheet_range.beg_label_asym_id 
_struct_sheet_range.beg_label_seq_id 
_struct_sheet_range.pdbx_beg_PDB_ins_code 
_struct_sheet_range.end_label_comp_id 
_struct_sheet_range.end_label_asym_id 
_struct_sheet_range.end_label_seq_id 
_struct_sheet_range.pdbx_end_PDB_ins_code 
_struct_sheet_range.beg_auth_comp_id 
_struct_sheet_range.beg_auth_asym_id 
_struct_sheet_range.beg_auth_seq_id 
_struct_sheet_range.end_auth_comp_id 
_struct_sheet_range.end_auth_asym_id 
_struct_sheet_range.end_auth_seq_id 
A 1 VAL A 4   ? ARG A 7   ? VAL A 4   ARG A 7   
A 2 CYS A 56  ? GLU A 62  ? CYS A 56  GLU A 62  
A 3 ILE A 67  ? LEU A 78  ? ILE A 67  LEU A 78  
A 4 VAL A 86  ? ILE A 96  ? VAL A 86  ILE A 96  
A 5 GLU A 124 ? VAL A 127 ? GLU A 124 VAL A 127 
A 6 GLY A 135 ? ALA A 136 ? GLY A 135 ALA A 136 
# 
loop_
_pdbx_struct_sheet_hbond.sheet_id 
_pdbx_struct_sheet_hbond.range_id_1 
_pdbx_struct_sheet_hbond.range_id_2 
_pdbx_struct_sheet_hbond.range_1_label_atom_id 
_pdbx_struct_sheet_hbond.range_1_label_comp_id 
_pdbx_struct_sheet_hbond.range_1_label_asym_id 
_pdbx_struct_sheet_hbond.range_1_label_seq_id 
_pdbx_struct_sheet_hbond.range_1_PDB_ins_code 
_pdbx_struct_sheet_hbond.range_1_auth_atom_id 
_pdbx_struct_sheet_hbond.range_1_auth_comp_id 
_pdbx_struct_sheet_hbond.range_1_auth_asym_id 
_pdbx_struct_sheet_hbond.range_1_auth_seq_id 
_pdbx_struct_sheet_hbond.range_2_label_atom_id 
_pdbx_struct_sheet_hbond.range_2_label_comp_id 
_pdbx_struct_sheet_hbond.range_2_label_asym_id 
_pdbx_struct_sheet_hbond.range_2_label_seq_id 
_pdbx_struct_sheet_hbond.range_2_PDB_ins_code 
_pdbx_struct_sheet_hbond.range_2_auth_atom_id 
_pdbx_struct_sheet_hbond.range_2_auth_comp_id 
_pdbx_struct_sheet_hbond.range_2_auth_asym_id 
_pdbx_struct_sheet_hbond.range_2_auth_seq_id 
A 1 2 N VAL A 4   ? N VAL A 4   O GLU A 62  ? O GLU A 62  
A 2 3 N MSE A 57  ? N MSE A 57  O GLY A 73  ? O GLY A 73  
A 3 4 N CYS A 76  ? N CYS A 76  O MSE A 88  ? O MSE A 88  
A 4 5 N ILE A 91  ? N ILE A 91  O PHE A 126 ? O PHE A 126 
A 5 6 N ILE A 125 ? N ILE A 125 O ALA A 136 ? O ALA A 136 
# 
_struct_site.id                   AC1 
_struct_site.pdbx_evidence_code   Software 
_struct_site.pdbx_auth_asym_id    A 
_struct_site.pdbx_auth_comp_id    SO4 
_struct_site.pdbx_auth_seq_id     201 
_struct_site.pdbx_auth_ins_code   ? 
_struct_site.pdbx_num_residues    5 
_struct_site.details              'BINDING SITE FOR RESIDUE SO4 A 201' 
# 
loop_
_struct_site_gen.id 
_struct_site_gen.site_id 
_struct_site_gen.pdbx_num_res 
_struct_site_gen.label_comp_id 
_struct_site_gen.label_asym_id 
_struct_site_gen.label_seq_id 
_struct_site_gen.pdbx_auth_ins_code 
_struct_site_gen.auth_comp_id 
_struct_site_gen.auth_asym_id 
_struct_site_gen.auth_seq_id 
_struct_site_gen.label_atom_id 
_struct_site_gen.label_alt_id 
_struct_site_gen.symmetry 
_struct_site_gen.details 
1 AC1 5 ILE A 5   ? ILE A 5   . ? 1_555 ? 
2 AC1 5 ARG A 6   ? ARG A 6   . ? 1_555 ? 
3 AC1 5 ARG A 7   ? ARG A 7   . ? 1_555 ? 
4 AC1 5 ARG A 112 ? ARG A 112 . ? 1_555 ? 
5 AC1 5 HOH C .   ? HOH A 167 . ? 1_555 ? 
# 
_pdbx_entry_details.entry_id                   3JVN 
_pdbx_entry_details.compound_details           ? 
_pdbx_entry_details.source_details             ? 
_pdbx_entry_details.nonpolymer_details         ? 
_pdbx_entry_details.sequence_details           ? 
_pdbx_entry_details.has_ligand_of_interest     ? 
_pdbx_entry_details.has_protein_modification   Y 
# 
loop_
_pdbx_validate_torsion.id 
_pdbx_validate_torsion.PDB_model_num 
_pdbx_validate_torsion.auth_comp_id 
_pdbx_validate_torsion.auth_asym_id 
_pdbx_validate_torsion.auth_seq_id 
_pdbx_validate_torsion.PDB_ins_code 
_pdbx_validate_torsion.label_alt_id 
_pdbx_validate_torsion.phi 
_pdbx_validate_torsion.psi 
1 1 SER A 46 ? ? -36.77  144.22 
2 1 MSE A 63 ? ? -81.73  -81.85 
3 1 ASP A 64 ? ? -92.82  -64.92 
4 1 ASP A 65 ? ? -154.73 9.50   
5 1 ASP A 92 ? ? -88.62  -70.16 
# 
_pdbx_SG_project.id                    1 
_pdbx_SG_project.project_name          'PSI, Protein Structure Initiative' 
_pdbx_SG_project.full_name_of_center   'Northeast Structural Genomics Consortium' 
_pdbx_SG_project.initial_of_center     NESG 
# 
loop_
_pdbx_struct_mod_residue.id 
_pdbx_struct_mod_residue.label_asym_id 
_pdbx_struct_mod_residue.label_comp_id 
_pdbx_struct_mod_residue.label_seq_id 
_pdbx_struct_mod_residue.auth_asym_id 
_pdbx_struct_mod_residue.auth_comp_id 
_pdbx_struct_mod_residue.auth_seq_id 
_pdbx_struct_mod_residue.PDB_ins_code 
_pdbx_struct_mod_residue.parent_comp_id 
_pdbx_struct_mod_residue.details 
1 A MSE 20  A MSE 20  ? MET SELENOMETHIONINE 
2 A MSE 57  A MSE 57  ? MET SELENOMETHIONINE 
3 A MSE 63  A MSE 63  ? MET SELENOMETHIONINE 
4 A MSE 87  A MSE 87  ? MET SELENOMETHIONINE 
5 A MSE 88  A MSE 88  ? MET SELENOMETHIONINE 
6 A MSE 110 A MSE 110 ? MET SELENOMETHIONINE 
7 A MSE 111 A MSE 111 ? MET SELENOMETHIONINE 
# 
loop_
_pdbx_unobs_or_zero_occ_residues.id 
_pdbx_unobs_or_zero_occ_residues.PDB_model_num 
_pdbx_unobs_or_zero_occ_residues.polymer_flag 
_pdbx_unobs_or_zero_occ_residues.occupancy_flag 
_pdbx_unobs_or_zero_occ_residues.auth_asym_id 
_pdbx_unobs_or_zero_occ_residues.auth_comp_id 
_pdbx_unobs_or_zero_occ_residues.auth_seq_id 
_pdbx_unobs_or_zero_occ_residues.PDB_ins_code 
_pdbx_unobs_or_zero_occ_residues.label_asym_id 
_pdbx_unobs_or_zero_occ_residues.label_comp_id 
_pdbx_unobs_or_zero_occ_residues.label_seq_id 
1  1 Y 1 A MSE 1   ? A MSE 1   
2  1 Y 1 A ALA 2   ? A ALA 2   
3  1 Y 1 A LEU 34  ? A LEU 34  
4  1 Y 1 A PHE 35  ? A PHE 35  
5  1 Y 1 A LYS 36  ? A LYS 36  
6  1 Y 1 A THR 37  ? A THR 37  
7  1 Y 1 A ALA 38  ? A ALA 38  
8  1 Y 1 A SER 39  ? A SER 39  
9  1 Y 1 A GLU 40  ? A GLU 40  
10 1 Y 1 A ILE 41  ? A ILE 41  
11 1 Y 1 A GLU 42  ? A GLU 42  
12 1 Y 1 A GLU 43  ? A GLU 43  
13 1 Y 1 A ASP 131 ? A ASP 131 
14 1 Y 1 A PHE 132 ? A PHE 132 
15 1 Y 1 A LEU 137 ? A LEU 137 
16 1 Y 1 A GLU 138 ? A GLU 138 
17 1 Y 1 A PHE 139 ? A PHE 139 
18 1 Y 1 A TYR 140 ? A TYR 140 
19 1 Y 1 A ASN 141 ? A ASN 141 
20 1 Y 1 A LYS 142 ? A LYS 142 
21 1 Y 1 A GLN 143 ? A GLN 143 
22 1 Y 1 A GLY 144 ? A GLY 144 
23 1 Y 1 A LEU 145 ? A LEU 145 
24 1 Y 1 A ASN 146 ? A ASN 146 
25 1 Y 1 A GLU 147 ? A GLU 147 
26 1 Y 1 A HIS 148 ? A HIS 148 
27 1 Y 1 A ILE 149 ? A ILE 149 
28 1 Y 1 A HIS 150 ? A HIS 150 
29 1 Y 1 A TYR 151 ? A TYR 151 
30 1 Y 1 A LEU 152 ? A LEU 152 
31 1 Y 1 A ARG 153 ? A ARG 153 
32 1 Y 1 A LYS 154 ? A LYS 154 
33 1 Y 1 A PRO 155 ? A PRO 155 
34 1 Y 1 A LEU 156 ? A LEU 156 
35 1 Y 1 A ASN 157 ? A ASN 157 
36 1 Y 1 A ARG 158 ? A ARG 158 
37 1 Y 1 A LEU 159 ? A LEU 159 
38 1 Y 1 A GLU 160 ? A GLU 160 
39 1 Y 1 A HIS 161 ? A HIS 161 
40 1 Y 1 A HIS 162 ? A HIS 162 
41 1 Y 1 A HIS 163 ? A HIS 163 
42 1 Y 1 A HIS 164 ? A HIS 164 
43 1 Y 1 A HIS 165 ? A HIS 165 
44 1 Y 1 A HIS 166 ? A HIS 166 
# 
loop_
_chem_comp_atom.comp_id 
_chem_comp_atom.atom_id 
_chem_comp_atom.type_symbol 
_chem_comp_atom.pdbx_aromatic_flag 
_chem_comp_atom.pdbx_stereo_config 
_chem_comp_atom.pdbx_ordinal 
ALA N    N  N N 1   
ALA CA   C  N S 2   
ALA C    C  N N 3   
ALA O    O  N N 4   
ALA CB   C  N N 5   
ALA OXT  O  N N 6   
ALA H    H  N N 7   
ALA H2   H  N N 8   
ALA HA   H  N N 9   
ALA HB1  H  N N 10  
ALA HB2  H  N N 11  
ALA HB3  H  N N 12  
ALA HXT  H  N N 13  
ARG N    N  N N 14  
ARG CA   C  N S 15  
ARG C    C  N N 16  
ARG O    O  N N 17  
ARG CB   C  N N 18  
ARG CG   C  N N 19  
ARG CD   C  N N 20  
ARG NE   N  N N 21  
ARG CZ   C  N N 22  
ARG NH1  N  N N 23  
ARG NH2  N  N N 24  
ARG OXT  O  N N 25  
ARG H    H  N N 26  
ARG H2   H  N N 27  
ARG HA   H  N N 28  
ARG HB2  H  N N 29  
ARG HB3  H  N N 30  
ARG HG2  H  N N 31  
ARG HG3  H  N N 32  
ARG HD2  H  N N 33  
ARG HD3  H  N N 34  
ARG HE   H  N N 35  
ARG HH11 H  N N 36  
ARG HH12 H  N N 37  
ARG HH21 H  N N 38  
ARG HH22 H  N N 39  
ARG HXT  H  N N 40  
ASN N    N  N N 41  
ASN CA   C  N S 42  
ASN C    C  N N 43  
ASN O    O  N N 44  
ASN CB   C  N N 45  
ASN CG   C  N N 46  
ASN OD1  O  N N 47  
ASN ND2  N  N N 48  
ASN OXT  O  N N 49  
ASN H    H  N N 50  
ASN H2   H  N N 51  
ASN HA   H  N N 52  
ASN HB2  H  N N 53  
ASN HB3  H  N N 54  
ASN HD21 H  N N 55  
ASN HD22 H  N N 56  
ASN HXT  H  N N 57  
ASP N    N  N N 58  
ASP CA   C  N S 59  
ASP C    C  N N 60  
ASP O    O  N N 61  
ASP CB   C  N N 62  
ASP CG   C  N N 63  
ASP OD1  O  N N 64  
ASP OD2  O  N N 65  
ASP OXT  O  N N 66  
ASP H    H  N N 67  
ASP H2   H  N N 68  
ASP HA   H  N N 69  
ASP HB2  H  N N 70  
ASP HB3  H  N N 71  
ASP HD2  H  N N 72  
ASP HXT  H  N N 73  
CYS N    N  N N 74  
CYS CA   C  N R 75  
CYS C    C  N N 76  
CYS O    O  N N 77  
CYS CB   C  N N 78  
CYS SG   S  N N 79  
CYS OXT  O  N N 80  
CYS H    H  N N 81  
CYS H2   H  N N 82  
CYS HA   H  N N 83  
CYS HB2  H  N N 84  
CYS HB3  H  N N 85  
CYS HG   H  N N 86  
CYS HXT  H  N N 87  
GLN N    N  N N 88  
GLN CA   C  N S 89  
GLN C    C  N N 90  
GLN O    O  N N 91  
GLN CB   C  N N 92  
GLN CG   C  N N 93  
GLN CD   C  N N 94  
GLN OE1  O  N N 95  
GLN NE2  N  N N 96  
GLN OXT  O  N N 97  
GLN H    H  N N 98  
GLN H2   H  N N 99  
GLN HA   H  N N 100 
GLN HB2  H  N N 101 
GLN HB3  H  N N 102 
GLN HG2  H  N N 103 
GLN HG3  H  N N 104 
GLN HE21 H  N N 105 
GLN HE22 H  N N 106 
GLN HXT  H  N N 107 
GLU N    N  N N 108 
GLU CA   C  N S 109 
GLU C    C  N N 110 
GLU O    O  N N 111 
GLU CB   C  N N 112 
GLU CG   C  N N 113 
GLU CD   C  N N 114 
GLU OE1  O  N N 115 
GLU OE2  O  N N 116 
GLU OXT  O  N N 117 
GLU H    H  N N 118 
GLU H2   H  N N 119 
GLU HA   H  N N 120 
GLU HB2  H  N N 121 
GLU HB3  H  N N 122 
GLU HG2  H  N N 123 
GLU HG3  H  N N 124 
GLU HE2  H  N N 125 
GLU HXT  H  N N 126 
GLY N    N  N N 127 
GLY CA   C  N N 128 
GLY C    C  N N 129 
GLY O    O  N N 130 
GLY OXT  O  N N 131 
GLY H    H  N N 132 
GLY H2   H  N N 133 
GLY HA2  H  N N 134 
GLY HA3  H  N N 135 
GLY HXT  H  N N 136 
HIS N    N  N N 137 
HIS CA   C  N S 138 
HIS C    C  N N 139 
HIS O    O  N N 140 
HIS CB   C  N N 141 
HIS CG   C  Y N 142 
HIS ND1  N  Y N 143 
HIS CD2  C  Y N 144 
HIS CE1  C  Y N 145 
HIS NE2  N  Y N 146 
HIS OXT  O  N N 147 
HIS H    H  N N 148 
HIS H2   H  N N 149 
HIS HA   H  N N 150 
HIS HB2  H  N N 151 
HIS HB3  H  N N 152 
HIS HD1  H  N N 153 
HIS HD2  H  N N 154 
HIS HE1  H  N N 155 
HIS HE2  H  N N 156 
HIS HXT  H  N N 157 
HOH O    O  N N 158 
HOH H1   H  N N 159 
HOH H2   H  N N 160 
ILE N    N  N N 161 
ILE CA   C  N S 162 
ILE C    C  N N 163 
ILE O    O  N N 164 
ILE CB   C  N S 165 
ILE CG1  C  N N 166 
ILE CG2  C  N N 167 
ILE CD1  C  N N 168 
ILE OXT  O  N N 169 
ILE H    H  N N 170 
ILE H2   H  N N 171 
ILE HA   H  N N 172 
ILE HB   H  N N 173 
ILE HG12 H  N N 174 
ILE HG13 H  N N 175 
ILE HG21 H  N N 176 
ILE HG22 H  N N 177 
ILE HG23 H  N N 178 
ILE HD11 H  N N 179 
ILE HD12 H  N N 180 
ILE HD13 H  N N 181 
ILE HXT  H  N N 182 
LEU N    N  N N 183 
LEU CA   C  N S 184 
LEU C    C  N N 185 
LEU O    O  N N 186 
LEU CB   C  N N 187 
LEU CG   C  N N 188 
LEU CD1  C  N N 189 
LEU CD2  C  N N 190 
LEU OXT  O  N N 191 
LEU H    H  N N 192 
LEU H2   H  N N 193 
LEU HA   H  N N 194 
LEU HB2  H  N N 195 
LEU HB3  H  N N 196 
LEU HG   H  N N 197 
LEU HD11 H  N N 198 
LEU HD12 H  N N 199 
LEU HD13 H  N N 200 
LEU HD21 H  N N 201 
LEU HD22 H  N N 202 
LEU HD23 H  N N 203 
LEU HXT  H  N N 204 
LYS N    N  N N 205 
LYS CA   C  N S 206 
LYS C    C  N N 207 
LYS O    O  N N 208 
LYS CB   C  N N 209 
LYS CG   C  N N 210 
LYS CD   C  N N 211 
LYS CE   C  N N 212 
LYS NZ   N  N N 213 
LYS OXT  O  N N 214 
LYS H    H  N N 215 
LYS H2   H  N N 216 
LYS HA   H  N N 217 
LYS HB2  H  N N 218 
LYS HB3  H  N N 219 
LYS HG2  H  N N 220 
LYS HG3  H  N N 221 
LYS HD2  H  N N 222 
LYS HD3  H  N N 223 
LYS HE2  H  N N 224 
LYS HE3  H  N N 225 
LYS HZ1  H  N N 226 
LYS HZ2  H  N N 227 
LYS HZ3  H  N N 228 
LYS HXT  H  N N 229 
MSE N    N  N N 230 
MSE CA   C  N S 231 
MSE C    C  N N 232 
MSE O    O  N N 233 
MSE OXT  O  N N 234 
MSE CB   C  N N 235 
MSE CG   C  N N 236 
MSE SE   SE N N 237 
MSE CE   C  N N 238 
MSE H    H  N N 239 
MSE H2   H  N N 240 
MSE HA   H  N N 241 
MSE HXT  H  N N 242 
MSE HB2  H  N N 243 
MSE HB3  H  N N 244 
MSE HG2  H  N N 245 
MSE HG3  H  N N 246 
MSE HE1  H  N N 247 
MSE HE2  H  N N 248 
MSE HE3  H  N N 249 
PHE N    N  N N 250 
PHE CA   C  N S 251 
PHE C    C  N N 252 
PHE O    O  N N 253 
PHE CB   C  N N 254 
PHE CG   C  Y N 255 
PHE CD1  C  Y N 256 
PHE CD2  C  Y N 257 
PHE CE1  C  Y N 258 
PHE CE2  C  Y N 259 
PHE CZ   C  Y N 260 
PHE OXT  O  N N 261 
PHE H    H  N N 262 
PHE H2   H  N N 263 
PHE HA   H  N N 264 
PHE HB2  H  N N 265 
PHE HB3  H  N N 266 
PHE HD1  H  N N 267 
PHE HD2  H  N N 268 
PHE HE1  H  N N 269 
PHE HE2  H  N N 270 
PHE HZ   H  N N 271 
PHE HXT  H  N N 272 
PRO N    N  N N 273 
PRO CA   C  N S 274 
PRO C    C  N N 275 
PRO O    O  N N 276 
PRO CB   C  N N 277 
PRO CG   C  N N 278 
PRO CD   C  N N 279 
PRO OXT  O  N N 280 
PRO H    H  N N 281 
PRO HA   H  N N 282 
PRO HB2  H  N N 283 
PRO HB3  H  N N 284 
PRO HG2  H  N N 285 
PRO HG3  H  N N 286 
PRO HD2  H  N N 287 
PRO HD3  H  N N 288 
PRO HXT  H  N N 289 
SER N    N  N N 290 
SER CA   C  N S 291 
SER C    C  N N 292 
SER O    O  N N 293 
SER CB   C  N N 294 
SER OG   O  N N 295 
SER OXT  O  N N 296 
SER H    H  N N 297 
SER H2   H  N N 298 
SER HA   H  N N 299 
SER HB2  H  N N 300 
SER HB3  H  N N 301 
SER HG   H  N N 302 
SER HXT  H  N N 303 
SO4 S    S  N N 304 
SO4 O1   O  N N 305 
SO4 O2   O  N N 306 
SO4 O3   O  N N 307 
SO4 O4   O  N N 308 
THR N    N  N N 309 
THR CA   C  N S 310 
THR C    C  N N 311 
THR O    O  N N 312 
THR CB   C  N R 313 
THR OG1  O  N N 314 
THR CG2  C  N N 315 
THR OXT  O  N N 316 
THR H    H  N N 317 
THR H2   H  N N 318 
THR HA   H  N N 319 
THR HB   H  N N 320 
THR HG1  H  N N 321 
THR HG21 H  N N 322 
THR HG22 H  N N 323 
THR HG23 H  N N 324 
THR HXT  H  N N 325 
TRP N    N  N N 326 
TRP CA   C  N S 327 
TRP C    C  N N 328 
TRP O    O  N N 329 
TRP CB   C  N N 330 
TRP CG   C  Y N 331 
TRP CD1  C  Y N 332 
TRP CD2  C  Y N 333 
TRP NE1  N  Y N 334 
TRP CE2  C  Y N 335 
TRP CE3  C  Y N 336 
TRP CZ2  C  Y N 337 
TRP CZ3  C  Y N 338 
TRP CH2  C  Y N 339 
TRP OXT  O  N N 340 
TRP H    H  N N 341 
TRP H2   H  N N 342 
TRP HA   H  N N 343 
TRP HB2  H  N N 344 
TRP HB3  H  N N 345 
TRP HD1  H  N N 346 
TRP HE1  H  N N 347 
TRP HE3  H  N N 348 
TRP HZ2  H  N N 349 
TRP HZ3  H  N N 350 
TRP HH2  H  N N 351 
TRP HXT  H  N N 352 
TYR N    N  N N 353 
TYR CA   C  N S 354 
TYR C    C  N N 355 
TYR O    O  N N 356 
TYR CB   C  N N 357 
TYR CG   C  Y N 358 
TYR CD1  C  Y N 359 
TYR CD2  C  Y N 360 
TYR CE1  C  Y N 361 
TYR CE2  C  Y N 362 
TYR CZ   C  Y N 363 
TYR OH   O  N N 364 
TYR OXT  O  N N 365 
TYR H    H  N N 366 
TYR H2   H  N N 367 
TYR HA   H  N N 368 
TYR HB2  H  N N 369 
TYR HB3  H  N N 370 
TYR HD1  H  N N 371 
TYR HD2  H  N N 372 
TYR HE1  H  N N 373 
TYR HE2  H  N N 374 
TYR HH   H  N N 375 
TYR HXT  H  N N 376 
VAL N    N  N N 377 
VAL CA   C  N S 378 
VAL C    C  N N 379 
VAL O    O  N N 380 
VAL CB   C  N N 381 
VAL CG1  C  N N 382 
VAL CG2  C  N N 383 
VAL OXT  O  N N 384 
VAL H    H  N N 385 
VAL H2   H  N N 386 
VAL HA   H  N N 387 
VAL HB   H  N N 388 
VAL HG11 H  N N 389 
VAL HG12 H  N N 390 
VAL HG13 H  N N 391 
VAL HG21 H  N N 392 
VAL HG22 H  N N 393 
VAL HG23 H  N N 394 
VAL HXT  H  N N 395 
# 
loop_
_chem_comp_bond.comp_id 
_chem_comp_bond.atom_id_1 
_chem_comp_bond.atom_id_2 
_chem_comp_bond.value_order 
_chem_comp_bond.pdbx_aromatic_flag 
_chem_comp_bond.pdbx_stereo_config 
_chem_comp_bond.pdbx_ordinal 
ALA N   CA   sing N N 1   
ALA N   H    sing N N 2   
ALA N   H2   sing N N 3   
ALA CA  C    sing N N 4   
ALA CA  CB   sing N N 5   
ALA CA  HA   sing N N 6   
ALA C   O    doub N N 7   
ALA C   OXT  sing N N 8   
ALA CB  HB1  sing N N 9   
ALA CB  HB2  sing N N 10  
ALA CB  HB3  sing N N 11  
ALA OXT HXT  sing N N 12  
ARG N   CA   sing N N 13  
ARG N   H    sing N N 14  
ARG N   H2   sing N N 15  
ARG CA  C    sing N N 16  
ARG CA  CB   sing N N 17  
ARG CA  HA   sing N N 18  
ARG C   O    doub N N 19  
ARG C   OXT  sing N N 20  
ARG CB  CG   sing N N 21  
ARG CB  HB2  sing N N 22  
ARG CB  HB3  sing N N 23  
ARG CG  CD   sing N N 24  
ARG CG  HG2  sing N N 25  
ARG CG  HG3  sing N N 26  
ARG CD  NE   sing N N 27  
ARG CD  HD2  sing N N 28  
ARG CD  HD3  sing N N 29  
ARG NE  CZ   sing N N 30  
ARG NE  HE   sing N N 31  
ARG CZ  NH1  sing N N 32  
ARG CZ  NH2  doub N N 33  
ARG NH1 HH11 sing N N 34  
ARG NH1 HH12 sing N N 35  
ARG NH2 HH21 sing N N 36  
ARG NH2 HH22 sing N N 37  
ARG OXT HXT  sing N N 38  
ASN N   CA   sing N N 39  
ASN N   H    sing N N 40  
ASN N   H2   sing N N 41  
ASN CA  C    sing N N 42  
ASN CA  CB   sing N N 43  
ASN CA  HA   sing N N 44  
ASN C   O    doub N N 45  
ASN C   OXT  sing N N 46  
ASN CB  CG   sing N N 47  
ASN CB  HB2  sing N N 48  
ASN CB  HB3  sing N N 49  
ASN CG  OD1  doub N N 50  
ASN CG  ND2  sing N N 51  
ASN ND2 HD21 sing N N 52  
ASN ND2 HD22 sing N N 53  
ASN OXT HXT  sing N N 54  
ASP N   CA   sing N N 55  
ASP N   H    sing N N 56  
ASP N   H2   sing N N 57  
ASP CA  C    sing N N 58  
ASP CA  CB   sing N N 59  
ASP CA  HA   sing N N 60  
ASP C   O    doub N N 61  
ASP C   OXT  sing N N 62  
ASP CB  CG   sing N N 63  
ASP CB  HB2  sing N N 64  
ASP CB  HB3  sing N N 65  
ASP CG  OD1  doub N N 66  
ASP CG  OD2  sing N N 67  
ASP OD2 HD2  sing N N 68  
ASP OXT HXT  sing N N 69  
CYS N   CA   sing N N 70  
CYS N   H    sing N N 71  
CYS N   H2   sing N N 72  
CYS CA  C    sing N N 73  
CYS CA  CB   sing N N 74  
CYS CA  HA   sing N N 75  
CYS C   O    doub N N 76  
CYS C   OXT  sing N N 77  
CYS CB  SG   sing N N 78  
CYS CB  HB2  sing N N 79  
CYS CB  HB3  sing N N 80  
CYS SG  HG   sing N N 81  
CYS OXT HXT  sing N N 82  
GLN N   CA   sing N N 83  
GLN N   H    sing N N 84  
GLN N   H2   sing N N 85  
GLN CA  C    sing N N 86  
GLN CA  CB   sing N N 87  
GLN CA  HA   sing N N 88  
GLN C   O    doub N N 89  
GLN C   OXT  sing N N 90  
GLN CB  CG   sing N N 91  
GLN CB  HB2  sing N N 92  
GLN CB  HB3  sing N N 93  
GLN CG  CD   sing N N 94  
GLN CG  HG2  sing N N 95  
GLN CG  HG3  sing N N 96  
GLN CD  OE1  doub N N 97  
GLN CD  NE2  sing N N 98  
GLN NE2 HE21 sing N N 99  
GLN NE2 HE22 sing N N 100 
GLN OXT HXT  sing N N 101 
GLU N   CA   sing N N 102 
GLU N   H    sing N N 103 
GLU N   H2   sing N N 104 
GLU CA  C    sing N N 105 
GLU CA  CB   sing N N 106 
GLU CA  HA   sing N N 107 
GLU C   O    doub N N 108 
GLU C   OXT  sing N N 109 
GLU CB  CG   sing N N 110 
GLU CB  HB2  sing N N 111 
GLU CB  HB3  sing N N 112 
GLU CG  CD   sing N N 113 
GLU CG  HG2  sing N N 114 
GLU CG  HG3  sing N N 115 
GLU CD  OE1  doub N N 116 
GLU CD  OE2  sing N N 117 
GLU OE2 HE2  sing N N 118 
GLU OXT HXT  sing N N 119 
GLY N   CA   sing N N 120 
GLY N   H    sing N N 121 
GLY N   H2   sing N N 122 
GLY CA  C    sing N N 123 
GLY CA  HA2  sing N N 124 
GLY CA  HA3  sing N N 125 
GLY C   O    doub N N 126 
GLY C   OXT  sing N N 127 
GLY OXT HXT  sing N N 128 
HIS N   CA   sing N N 129 
HIS N   H    sing N N 130 
HIS N   H2   sing N N 131 
HIS CA  C    sing N N 132 
HIS CA  CB   sing N N 133 
HIS CA  HA   sing N N 134 
HIS C   O    doub N N 135 
HIS C   OXT  sing N N 136 
HIS CB  CG   sing N N 137 
HIS CB  HB2  sing N N 138 
HIS CB  HB3  sing N N 139 
HIS CG  ND1  sing Y N 140 
HIS CG  CD2  doub Y N 141 
HIS ND1 CE1  doub Y N 142 
HIS ND1 HD1  sing N N 143 
HIS CD2 NE2  sing Y N 144 
HIS CD2 HD2  sing N N 145 
HIS CE1 NE2  sing Y N 146 
HIS CE1 HE1  sing N N 147 
HIS NE2 HE2  sing N N 148 
HIS OXT HXT  sing N N 149 
HOH O   H1   sing N N 150 
HOH O   H2   sing N N 151 
ILE N   CA   sing N N 152 
ILE N   H    sing N N 153 
ILE N   H2   sing N N 154 
ILE CA  C    sing N N 155 
ILE CA  CB   sing N N 156 
ILE CA  HA   sing N N 157 
ILE C   O    doub N N 158 
ILE C   OXT  sing N N 159 
ILE CB  CG1  sing N N 160 
ILE CB  CG2  sing N N 161 
ILE CB  HB   sing N N 162 
ILE CG1 CD1  sing N N 163 
ILE CG1 HG12 sing N N 164 
ILE CG1 HG13 sing N N 165 
ILE CG2 HG21 sing N N 166 
ILE CG2 HG22 sing N N 167 
ILE CG2 HG23 sing N N 168 
ILE CD1 HD11 sing N N 169 
ILE CD1 HD12 sing N N 170 
ILE CD1 HD13 sing N N 171 
ILE OXT HXT  sing N N 172 
LEU N   CA   sing N N 173 
LEU N   H    sing N N 174 
LEU N   H2   sing N N 175 
LEU CA  C    sing N N 176 
LEU CA  CB   sing N N 177 
LEU CA  HA   sing N N 178 
LEU C   O    doub N N 179 
LEU C   OXT  sing N N 180 
LEU CB  CG   sing N N 181 
LEU CB  HB2  sing N N 182 
LEU CB  HB3  sing N N 183 
LEU CG  CD1  sing N N 184 
LEU CG  CD2  sing N N 185 
LEU CG  HG   sing N N 186 
LEU CD1 HD11 sing N N 187 
LEU CD1 HD12 sing N N 188 
LEU CD1 HD13 sing N N 189 
LEU CD2 HD21 sing N N 190 
LEU CD2 HD22 sing N N 191 
LEU CD2 HD23 sing N N 192 
LEU OXT HXT  sing N N 193 
LYS N   CA   sing N N 194 
LYS N   H    sing N N 195 
LYS N   H2   sing N N 196 
LYS CA  C    sing N N 197 
LYS CA  CB   sing N N 198 
LYS CA  HA   sing N N 199 
LYS C   O    doub N N 200 
LYS C   OXT  sing N N 201 
LYS CB  CG   sing N N 202 
LYS CB  HB2  sing N N 203 
LYS CB  HB3  sing N N 204 
LYS CG  CD   sing N N 205 
LYS CG  HG2  sing N N 206 
LYS CG  HG3  sing N N 207 
LYS CD  CE   sing N N 208 
LYS CD  HD2  sing N N 209 
LYS CD  HD3  sing N N 210 
LYS CE  NZ   sing N N 211 
LYS CE  HE2  sing N N 212 
LYS CE  HE3  sing N N 213 
LYS NZ  HZ1  sing N N 214 
LYS NZ  HZ2  sing N N 215 
LYS NZ  HZ3  sing N N 216 
LYS OXT HXT  sing N N 217 
MSE N   CA   sing N N 218 
MSE N   H    sing N N 219 
MSE N   H2   sing N N 220 
MSE CA  C    sing N N 221 
MSE CA  CB   sing N N 222 
MSE CA  HA   sing N N 223 
MSE C   O    doub N N 224 
MSE C   OXT  sing N N 225 
MSE OXT HXT  sing N N 226 
MSE CB  CG   sing N N 227 
MSE CB  HB2  sing N N 228 
MSE CB  HB3  sing N N 229 
MSE CG  SE   sing N N 230 
MSE CG  HG2  sing N N 231 
MSE CG  HG3  sing N N 232 
MSE SE  CE   sing N N 233 
MSE CE  HE1  sing N N 234 
MSE CE  HE2  sing N N 235 
MSE CE  HE3  sing N N 236 
PHE N   CA   sing N N 237 
PHE N   H    sing N N 238 
PHE N   H2   sing N N 239 
PHE CA  C    sing N N 240 
PHE CA  CB   sing N N 241 
PHE CA  HA   sing N N 242 
PHE C   O    doub N N 243 
PHE C   OXT  sing N N 244 
PHE CB  CG   sing N N 245 
PHE CB  HB2  sing N N 246 
PHE CB  HB3  sing N N 247 
PHE CG  CD1  doub Y N 248 
PHE CG  CD2  sing Y N 249 
PHE CD1 CE1  sing Y N 250 
PHE CD1 HD1  sing N N 251 
PHE CD2 CE2  doub Y N 252 
PHE CD2 HD2  sing N N 253 
PHE CE1 CZ   doub Y N 254 
PHE CE1 HE1  sing N N 255 
PHE CE2 CZ   sing Y N 256 
PHE CE2 HE2  sing N N 257 
PHE CZ  HZ   sing N N 258 
PHE OXT HXT  sing N N 259 
PRO N   CA   sing N N 260 
PRO N   CD   sing N N 261 
PRO N   H    sing N N 262 
PRO CA  C    sing N N 263 
PRO CA  CB   sing N N 264 
PRO CA  HA   sing N N 265 
PRO C   O    doub N N 266 
PRO C   OXT  sing N N 267 
PRO CB  CG   sing N N 268 
PRO CB  HB2  sing N N 269 
PRO CB  HB3  sing N N 270 
PRO CG  CD   sing N N 271 
PRO CG  HG2  sing N N 272 
PRO CG  HG3  sing N N 273 
PRO CD  HD2  sing N N 274 
PRO CD  HD3  sing N N 275 
PRO OXT HXT  sing N N 276 
SER N   CA   sing N N 277 
SER N   H    sing N N 278 
SER N   H2   sing N N 279 
SER CA  C    sing N N 280 
SER CA  CB   sing N N 281 
SER CA  HA   sing N N 282 
SER C   O    doub N N 283 
SER C   OXT  sing N N 284 
SER CB  OG   sing N N 285 
SER CB  HB2  sing N N 286 
SER CB  HB3  sing N N 287 
SER OG  HG   sing N N 288 
SER OXT HXT  sing N N 289 
SO4 S   O1   doub N N 290 
SO4 S   O2   doub N N 291 
SO4 S   O3   sing N N 292 
SO4 S   O4   sing N N 293 
THR N   CA   sing N N 294 
THR N   H    sing N N 295 
THR N   H2   sing N N 296 
THR CA  C    sing N N 297 
THR CA  CB   sing N N 298 
THR CA  HA   sing N N 299 
THR C   O    doub N N 300 
THR C   OXT  sing N N 301 
THR CB  OG1  sing N N 302 
THR CB  CG2  sing N N 303 
THR CB  HB   sing N N 304 
THR OG1 HG1  sing N N 305 
THR CG2 HG21 sing N N 306 
THR CG2 HG22 sing N N 307 
THR CG2 HG23 sing N N 308 
THR OXT HXT  sing N N 309 
TRP N   CA   sing N N 310 
TRP N   H    sing N N 311 
TRP N   H2   sing N N 312 
TRP CA  C    sing N N 313 
TRP CA  CB   sing N N 314 
TRP CA  HA   sing N N 315 
TRP C   O    doub N N 316 
TRP C   OXT  sing N N 317 
TRP CB  CG   sing N N 318 
TRP CB  HB2  sing N N 319 
TRP CB  HB3  sing N N 320 
TRP CG  CD1  doub Y N 321 
TRP CG  CD2  sing Y N 322 
TRP CD1 NE1  sing Y N 323 
TRP CD1 HD1  sing N N 324 
TRP CD2 CE2  doub Y N 325 
TRP CD2 CE3  sing Y N 326 
TRP NE1 CE2  sing Y N 327 
TRP NE1 HE1  sing N N 328 
TRP CE2 CZ2  sing Y N 329 
TRP CE3 CZ3  doub Y N 330 
TRP CE3 HE3  sing N N 331 
TRP CZ2 CH2  doub Y N 332 
TRP CZ2 HZ2  sing N N 333 
TRP CZ3 CH2  sing Y N 334 
TRP CZ3 HZ3  sing N N 335 
TRP CH2 HH2  sing N N 336 
TRP OXT HXT  sing N N 337 
TYR N   CA   sing N N 338 
TYR N   H    sing N N 339 
TYR N   H2   sing N N 340 
TYR CA  C    sing N N 341 
TYR CA  CB   sing N N 342 
TYR CA  HA   sing N N 343 
TYR C   O    doub N N 344 
TYR C   OXT  sing N N 345 
TYR CB  CG   sing N N 346 
TYR CB  HB2  sing N N 347 
TYR CB  HB3  sing N N 348 
TYR CG  CD1  doub Y N 349 
TYR CG  CD2  sing Y N 350 
TYR CD1 CE1  sing Y N 351 
TYR CD1 HD1  sing N N 352 
TYR CD2 CE2  doub Y N 353 
TYR CD2 HD2  sing N N 354 
TYR CE1 CZ   doub Y N 355 
TYR CE1 HE1  sing N N 356 
TYR CE2 CZ   sing Y N 357 
TYR CE2 HE2  sing N N 358 
TYR CZ  OH   sing N N 359 
TYR OH  HH   sing N N 360 
TYR OXT HXT  sing N N 361 
VAL N   CA   sing N N 362 
VAL N   H    sing N N 363 
VAL N   H2   sing N N 364 
VAL CA  C    sing N N 365 
VAL CA  CB   sing N N 366 
VAL CA  HA   sing N N 367 
VAL C   O    doub N N 368 
VAL C   OXT  sing N N 369 
VAL CB  CG1  sing N N 370 
VAL CB  CG2  sing N N 371 
VAL CB  HB   sing N N 372 
VAL CG1 HG11 sing N N 373 
VAL CG1 HG12 sing N N 374 
VAL CG1 HG13 sing N N 375 
VAL CG2 HG21 sing N N 376 
VAL CG2 HG22 sing N N 377 
VAL CG2 HG23 sing N N 378 
VAL OXT HXT  sing N N 379 
# 
_atom_sites.entry_id                    3JVN 
_atom_sites.fract_transf_matrix[1][1]   0.01934218 
_atom_sites.fract_transf_matrix[1][2]   0.00916424 
_atom_sites.fract_transf_matrix[1][3]   0.00451802 
_atom_sites.fract_transf_matrix[2][1]   0.00168422 
_atom_sites.fract_transf_matrix[2][2]   -0.00674324 
_atom_sites.fract_transf_matrix[2][3]   0.00646747 
_atom_sites.fract_transf_matrix[3][1]   0.00584911 
_atom_sites.fract_transf_matrix[3][2]   -0.00765790 
_atom_sites.fract_transf_matrix[3][3]   -0.00950762 
_atom_sites.fract_transf_vector[1]      0.831226 
_atom_sites.fract_transf_vector[2]      0.159864 
_atom_sites.fract_transf_vector[3]      0.031230 
# 
loop_
_atom_type.symbol 
C  
N  
O  
S  
SE 
# 
loop_
_atom_site.group_PDB 
_atom_site.id 
_atom_site.type_symbol 
_atom_site.label_atom_id 
_atom_site.label_alt_id 
_atom_site.label_comp_id 
_atom_site.label_asym_id 
_atom_site.label_entity_id 
_atom_site.label_seq_id 
_atom_site.pdbx_PDB_ins_code 
_atom_site.Cartn_x 
_atom_site.Cartn_y 
_atom_site.Cartn_z 
_atom_site.occupancy 
_atom_site.B_iso_or_equiv 
_atom_site.pdbx_formal_charge 
_atom_site.auth_seq_id 
_atom_site.auth_comp_id 
_atom_site.auth_asym_id 
_atom_site.auth_atom_id 
_atom_site.pdbx_PDB_model_num 
ATOM   1    N  N   . PRO A 1 3   ? -6.339  15.708  4.712   1.00 45.63 ? 3   PRO A N   1 
ATOM   2    C  CA  . PRO A 1 3   ? -6.358  14.317  5.235   1.00 44.87 ? 3   PRO A CA  1 
ATOM   3    C  C   . PRO A 1 3   ? -5.038  13.964  5.919   1.00 44.42 ? 3   PRO A C   1 
ATOM   4    O  O   . PRO A 1 3   ? -3.965  14.223  5.377   1.00 44.17 ? 3   PRO A O   1 
ATOM   5    C  CB  . PRO A 1 3   ? -6.599  13.398  4.044   1.00 44.92 ? 3   PRO A CB  1 
ATOM   6    C  CG  . PRO A 1 3   ? -7.275  14.350  3.045   1.00 44.26 ? 3   PRO A CG  1 
ATOM   7    C  CD  . PRO A 1 3   ? -6.569  15.700  3.255   1.00 44.32 ? 3   PRO A CD  1 
ATOM   8    N  N   . VAL A 1 4   ? -5.123  13.359  7.101   1.00 44.44 ? 4   VAL A N   1 
ATOM   9    C  CA  . VAL A 1 4   ? -3.936  12.960  7.869   1.00 44.19 ? 4   VAL A CA  1 
ATOM   10   C  C   . VAL A 1 4   ? -3.416  11.559  7.484   1.00 43.03 ? 4   VAL A C   1 
ATOM   11   O  O   . VAL A 1 4   ? -4.119  10.558  7.655   1.00 42.69 ? 4   VAL A O   1 
ATOM   12   C  CB  . VAL A 1 4   ? -4.238  12.952  9.395   1.00 45.28 ? 4   VAL A CB  1 
ATOM   13   C  CG1 . VAL A 1 4   ? -2.965  12.665  10.189  1.00 44.39 ? 4   VAL A CG1 1 
ATOM   14   C  CG2 . VAL A 1 4   ? -4.853  14.279  9.806   1.00 46.17 ? 4   VAL A CG2 1 
ATOM   15   N  N   . ILE A 1 5   ? -2.186  11.480  6.980   1.00 41.36 ? 5   ILE A N   1 
ATOM   16   C  CA  . ILE A 1 5   ? -1.616  10.190  6.603   1.00 41.15 ? 5   ILE A CA  1 
ATOM   17   C  C   . ILE A 1 5   ? -0.830  9.591   7.765   1.00 40.40 ? 5   ILE A C   1 
ATOM   18   O  O   . ILE A 1 5   ? 0.001   10.263  8.384   1.00 40.23 ? 5   ILE A O   1 
ATOM   19   C  CB  . ILE A 1 5   ? -0.687  10.311  5.365   1.00 41.17 ? 5   ILE A CB  1 
ATOM   20   C  CG1 . ILE A 1 5   ? -1.512  10.591  4.108   1.00 40.81 ? 5   ILE A CG1 1 
ATOM   21   C  CG2 . ILE A 1 5   ? 0.088   9.017   5.165   1.00 41.58 ? 5   ILE A CG2 1 
ATOM   22   C  CD1 . ILE A 1 5   ? -2.196  11.930  4.107   1.00 41.62 ? 5   ILE A CD1 1 
ATOM   23   N  N   . ARG A 1 6   ? -1.104  8.325   8.064   1.00 39.06 ? 6   ARG A N   1 
ATOM   24   C  CA  . ARG A 1 6   ? -0.432  7.637   9.162   1.00 38.86 ? 6   ARG A CA  1 
ATOM   25   C  C   . ARG A 1 6   ? -0.289  6.139   8.953   1.00 38.93 ? 6   ARG A C   1 
ATOM   26   O  O   . ARG A 1 6   ? -0.937  5.554   8.088   1.00 40.39 ? 6   ARG A O   1 
ATOM   27   C  CB  . ARG A 1 6   ? -1.182  7.879   10.475  1.00 37.02 ? 6   ARG A CB  1 
ATOM   28   C  CG  . ARG A 1 6   ? -2.691  7.787   10.359  1.00 37.29 ? 6   ARG A CG  1 
ATOM   29   C  CD  . ARG A 1 6   ? -3.369  7.618   11.726  1.00 36.71 ? 6   ARG A CD  1 
ATOM   30   N  NE  . ARG A 1 6   ? -3.533  6.202   12.060  1.00 38.24 ? 6   ARG A NE  1 
ATOM   31   C  CZ  . ARG A 1 6   ? -4.698  5.551   12.058  1.00 36.26 ? 6   ARG A CZ  1 
ATOM   32   N  NH1 . ARG A 1 6   ? -4.738  4.261   12.364  1.00 35.44 ? 6   ARG A NH1 1 
ATOM   33   N  NH2 . ARG A 1 6   ? -5.825  6.189   11.780  1.00 33.35 ? 6   ARG A NH2 1 
ATOM   34   N  N   . ARG A 1 7   ? 0.580   5.521   9.745   1.00 38.69 ? 7   ARG A N   1 
ATOM   35   C  CA  . ARG A 1 7   ? 0.776   4.086   9.653   1.00 38.49 ? 7   ARG A CA  1 
ATOM   36   C  C   . ARG A 1 7   ? -0.465  3.447   10.270  1.00 37.86 ? 7   ARG A C   1 
ATOM   37   O  O   . ARG A 1 7   ? -0.952  3.886   11.314  1.00 38.28 ? 7   ARG A O   1 
ATOM   38   C  CB  . ARG A 1 7   ? 2.016   3.653   10.435  1.00 39.59 ? 7   ARG A CB  1 
ATOM   39   C  CG  . ARG A 1 7   ? 1.857   3.774   11.926  1.00 42.22 ? 7   ARG A CG  1 
ATOM   40   C  CD  . ARG A 1 7   ? 2.868   2.933   12.667  1.00 43.93 ? 7   ARG A CD  1 
ATOM   41   N  NE  . ARG A 1 7   ? 4.019   3.699   13.136  1.00 47.07 ? 7   ARG A NE  1 
ATOM   42   C  CZ  . ARG A 1 7   ? 4.970   4.198   12.355  1.00 48.10 ? 7   ARG A CZ  1 
ATOM   43   N  NH1 . ARG A 1 7   ? 5.974   4.876   12.893  1.00 46.94 ? 7   ARG A NH1 1 
ATOM   44   N  NH2 . ARG A 1 7   ? 4.923   4.019   11.041  1.00 50.41 ? 7   ARG A NH2 1 
ATOM   45   N  N   . ALA A 1 8   ? -0.984  2.420   9.608   1.00 37.17 ? 8   ALA A N   1 
ATOM   46   C  CA  . ALA A 1 8   ? -2.169  1.713   10.076  1.00 35.78 ? 8   ALA A CA  1 
ATOM   47   C  C   . ALA A 1 8   ? -1.935  1.033   11.421  1.00 35.03 ? 8   ALA A C   1 
ATOM   48   O  O   . ALA A 1 8   ? -0.805  0.899   11.891  1.00 33.45 ? 8   ALA A O   1 
ATOM   49   C  CB  . ALA A 1 8   ? -2.594  0.687   9.045   1.00 35.77 ? 8   ALA A CB  1 
ATOM   50   N  N   . LYS A 1 9   ? -3.027  0.608   12.037  1.00 35.91 ? 9   LYS A N   1 
ATOM   51   C  CA  . LYS A 1 9   ? -2.977  -0.057  13.328  1.00 35.21 ? 9   LYS A CA  1 
ATOM   52   C  C   . LYS A 1 9   ? -3.965  -1.211  13.361  1.00 35.38 ? 9   LYS A C   1 
ATOM   53   O  O   . LYS A 1 9   ? -4.839  -1.323  12.499  1.00 35.10 ? 9   LYS A O   1 
ATOM   54   C  CB  . LYS A 1 9   ? -3.315  0.926   14.451  1.00 33.89 ? 9   LYS A CB  1 
ATOM   55   C  CG  . LYS A 1 9   ? -2.346  2.087   14.612  1.00 32.97 ? 9   LYS A CG  1 
ATOM   56   C  CD  . LYS A 1 9   ? -2.647  2.848   15.898  1.00 34.58 ? 9   LYS A CD  1 
ATOM   57   C  CE  . LYS A 1 9   ? -4.073  3.400   15.902  1.00 35.48 ? 9   LYS A CE  1 
ATOM   58   N  NZ  . LYS A 1 9   ? -4.506  3.944   17.223  1.00 33.84 ? 9   LYS A NZ  1 
ATOM   59   N  N   . GLU A 1 10  ? -3.819  -2.065  14.368  1.00 35.50 ? 10  GLU A N   1 
ATOM   60   C  CA  . GLU A 1 10  ? -4.687  -3.216  14.536  1.00 37.18 ? 10  GLU A CA  1 
ATOM   61   C  C   . GLU A 1 10  ? -6.158  -2.770  14.648  1.00 36.30 ? 10  GLU A C   1 
ATOM   62   O  O   . GLU A 1 10  ? -7.074  -3.541  14.338  1.00 36.07 ? 10  GLU A O   1 
ATOM   63   C  CB  . GLU A 1 10  ? -4.256  -3.994  15.783  1.00 39.35 ? 10  GLU A CB  1 
ATOM   64   C  CG  . GLU A 1 10  ? -4.870  -5.381  15.915  1.00 44.90 ? 10  GLU A CG  1 
ATOM   65   C  CD  . GLU A 1 10  ? -4.463  -6.091  17.203  1.00 48.70 ? 10  GLU A CD  1 
ATOM   66   O  OE1 . GLU A 1 10  ? -4.674  -5.504  18.293  1.00 50.37 ? 10  GLU A OE1 1 
ATOM   67   O  OE2 . GLU A 1 10  ? -3.955  -7.239  17.130  1.00 47.84 ? 10  GLU A OE2 1 
ATOM   68   N  N   . ILE A 1 11  ? -6.359  -1.517  15.057  1.00 35.37 ? 11  ILE A N   1 
ATOM   69   C  CA  . ILE A 1 11  ? -7.684  -0.915  15.231  1.00 35.00 ? 11  ILE A CA  1 
ATOM   70   C  C   . ILE A 1 11  ? -8.389  -0.557  13.922  1.00 34.18 ? 11  ILE A C   1 
ATOM   71   O  O   . ILE A 1 11  ? -9.575  -0.239  13.915  1.00 34.67 ? 11  ILE A O   1 
ATOM   72   C  CB  . ILE A 1 11  ? -7.600  0.385   16.081  1.00 35.45 ? 11  ILE A CB  1 
ATOM   73   C  CG1 . ILE A 1 11  ? -6.713  1.427   15.378  1.00 35.93 ? 11  ILE A CG1 1 
ATOM   74   C  CG2 . ILE A 1 11  ? -7.021  0.076   17.457  1.00 35.91 ? 11  ILE A CG2 1 
ATOM   75   C  CD1 . ILE A 1 11  ? -7.351  2.813   15.203  1.00 33.79 ? 11  ILE A CD1 1 
ATOM   76   N  N   . ASP A 1 12  ? -7.660  -0.609  12.815  1.00 34.21 ? 12  ASP A N   1 
ATOM   77   C  CA  . ASP A 1 12  ? -8.241  -0.279  11.522  1.00 32.60 ? 12  ASP A CA  1 
ATOM   78   C  C   . ASP A 1 12  ? -8.530  -1.530  10.691  1.00 32.04 ? 12  ASP A C   1 
ATOM   79   O  O   . ASP A 1 12  ? -9.128  -1.443  9.617   1.00 32.86 ? 12  ASP A O   1 
ATOM   80   C  CB  . ASP A 1 12  ? -7.297  0.642   10.754  1.00 32.64 ? 12  ASP A CB  1 
ATOM   81   C  CG  . ASP A 1 12  ? -6.837  1.830   11.581  1.00 32.17 ? 12  ASP A CG  1 
ATOM   82   O  OD1 . ASP A 1 12  ? -7.681  2.693   11.925  1.00 32.23 ? 12  ASP A OD1 1 
ATOM   83   O  OD2 . ASP A 1 12  ? -5.624  1.891   11.881  1.00 28.96 ? 12  ASP A OD2 1 
ATOM   84   N  N   . LEU A 1 13  ? -8.104  -2.692  11.180  1.00 30.76 ? 13  LEU A N   1 
ATOM   85   C  CA  . LEU A 1 13  ? -8.332  -3.938  10.456  1.00 30.53 ? 13  LEU A CA  1 
ATOM   86   C  C   . LEU A 1 13  ? -9.793  -4.090  10.029  1.00 29.76 ? 13  LEU A C   1 
ATOM   87   O  O   . LEU A 1 13  ? -10.088 -4.586  8.939   1.00 28.05 ? 13  LEU A O   1 
ATOM   88   C  CB  . LEU A 1 13  ? -7.902  -5.146  11.305  1.00 30.80 ? 13  LEU A CB  1 
ATOM   89   C  CG  . LEU A 1 13  ? -6.384  -5.361  11.422  1.00 32.38 ? 13  LEU A CG  1 
ATOM   90   C  CD1 . LEU A 1 13  ? -6.083  -6.598  12.266  1.00 32.19 ? 13  LEU A CD1 1 
ATOM   91   C  CD2 . LEU A 1 13  ? -5.782  -5.510  10.020  1.00 29.05 ? 13  LEU A CD2 1 
ATOM   92   N  N   . TYR A 1 14  ? -10.704 -3.654  10.889  1.00 29.06 ? 14  TYR A N   1 
ATOM   93   C  CA  . TYR A 1 14  ? -12.126 -3.750  10.590  1.00 30.67 ? 14  TYR A CA  1 
ATOM   94   C  C   . TYR A 1 14  ? -12.467 -2.890  9.357   1.00 31.07 ? 14  TYR A C   1 
ATOM   95   O  O   . TYR A 1 14  ? -13.100 -3.369  8.415   1.00 30.61 ? 14  TYR A O   1 
ATOM   96   C  CB  . TYR A 1 14  ? -12.942 -3.310  11.817  1.00 30.32 ? 14  TYR A CB  1 
ATOM   97   C  CG  . TYR A 1 14  ? -14.398 -3.707  11.753  1.00 28.66 ? 14  TYR A CG  1 
ATOM   98   C  CD1 . TYR A 1 14  ? -14.827 -4.966  12.194  1.00 28.36 ? 14  TYR A CD1 1 
ATOM   99   C  CD2 . TYR A 1 14  ? -15.343 -2.848  11.197  1.00 27.48 ? 14  TYR A CD2 1 
ATOM   100  C  CE1 . TYR A 1 14  ? -16.166 -5.357  12.077  1.00 28.50 ? 14  TYR A CE1 1 
ATOM   101  C  CE2 . TYR A 1 14  ? -16.672 -3.228  11.065  1.00 28.57 ? 14  TYR A CE2 1 
ATOM   102  C  CZ  . TYR A 1 14  ? -17.081 -4.481  11.505  1.00 29.20 ? 14  TYR A CZ  1 
ATOM   103  O  OH  . TYR A 1 14  ? -18.397 -4.845  11.339  1.00 31.10 ? 14  TYR A OH  1 
ATOM   104  N  N   . CYS A 1 15  ? -12.026 -1.632  9.366   1.00 31.86 ? 15  CYS A N   1 
ATOM   105  C  CA  . CYS A 1 15  ? -12.264 -0.702  8.255   1.00 33.18 ? 15  CYS A CA  1 
ATOM   106  C  C   . CYS A 1 15  ? -11.612 -1.228  6.988   1.00 31.69 ? 15  CYS A C   1 
ATOM   107  O  O   . CYS A 1 15  ? -12.215 -1.253  5.909   1.00 28.27 ? 15  CYS A O   1 
ATOM   108  C  CB  . CYS A 1 15  ? -11.655 0.665   8.561   1.00 35.34 ? 15  CYS A CB  1 
ATOM   109  S  SG  . CYS A 1 15  ? -11.977 1.244   10.232  1.00 50.36 ? 15  CYS A SG  1 
ATOM   110  N  N   . LEU A 1 16  ? -10.360 -1.641  7.133   1.00 30.76 ? 16  LEU A N   1 
ATOM   111  C  CA  . LEU A 1 16  ? -9.605  -2.152  6.011   1.00 30.35 ? 16  LEU A CA  1 
ATOM   112  C  C   . LEU A 1 16  ? -10.294 -3.307  5.285   1.00 28.86 ? 16  LEU A C   1 
ATOM   113  O  O   . LEU A 1 16  ? -10.271 -3.346  4.061   1.00 28.51 ? 16  LEU A O   1 
ATOM   114  C  CB  . LEU A 1 16  ? -8.187  -2.512  6.481   1.00 30.24 ? 16  LEU A CB  1 
ATOM   115  C  CG  . LEU A 1 16  ? -7.453  -1.256  6.997   1.00 32.11 ? 16  LEU A CG  1 
ATOM   116  C  CD1 . LEU A 1 16  ? -6.027  -1.577  7.421   1.00 31.18 ? 16  LEU A CD1 1 
ATOM   117  C  CD2 . LEU A 1 16  ? -7.441  -0.194  5.890   1.00 34.84 ? 16  LEU A CD2 1 
ATOM   118  N  N   . ASN A 1 17  ? -10.914 -4.233  6.017   1.00 29.72 ? 17  ASN A N   1 
ATOM   119  C  CA  . ASN A 1 17  ? -11.626 -5.346  5.374   1.00 29.21 ? 17  ASN A CA  1 
ATOM   120  C  C   . ASN A 1 17  ? -12.629 -4.807  4.351   1.00 29.06 ? 17  ASN A C   1 
ATOM   121  O  O   . ASN A 1 17  ? -12.722 -5.317  3.231   1.00 27.64 ? 17  ASN A O   1 
ATOM   122  C  CB  . ASN A 1 17  ? -12.368 -6.205  6.403   1.00 28.34 ? 17  ASN A CB  1 
ATOM   123  C  CG  . ASN A 1 17  ? -11.444 -7.149  7.148   1.00 28.68 ? 17  ASN A CG  1 
ATOM   124  O  OD1 . ASN A 1 17  ? -10.387 -7.523  6.640   1.00 33.70 ? 17  ASN A OD1 1 
ATOM   125  N  ND2 . ASN A 1 17  ? -11.846 -7.557  8.341   1.00 27.55 ? 17  ASN A ND2 1 
ATOM   126  N  N   . SER A 1 18  ? -13.353 -3.762  4.746   1.00 29.83 ? 18  SER A N   1 
ATOM   127  C  CA  . SER A 1 18  ? -14.357 -3.102  3.912   1.00 31.45 ? 18  SER A CA  1 
ATOM   128  C  C   . SER A 1 18  ? -13.772 -2.349  2.724   1.00 31.80 ? 18  SER A C   1 
ATOM   129  O  O   . SER A 1 18  ? -14.279 -2.461  1.621   1.00 32.89 ? 18  SER A O   1 
ATOM   130  C  CB  . SER A 1 18  ? -15.184 -2.139  4.769   1.00 31.62 ? 18  SER A CB  1 
ATOM   131  O  OG  . SER A 1 18  ? -16.009 -1.332  3.960   1.00 34.38 ? 18  SER A OG  1 
ATOM   132  N  N   . LEU A 1 19  ? -12.723 -1.569  2.949   1.00 33.46 ? 19  LEU A N   1 
ATOM   133  C  CA  . LEU A 1 19  ? -12.098 -0.816  1.861   1.00 34.99 ? 19  LEU A CA  1 
ATOM   134  C  C   . LEU A 1 19  ? -11.335 -1.776  0.948   1.00 38.07 ? 19  LEU A C   1 
ATOM   135  O  O   . LEU A 1 19  ? -11.202 -1.534  -0.252  1.00 38.52 ? 19  LEU A O   1 
ATOM   136  C  CB  . LEU A 1 19  ? -11.135 0.248   2.411   1.00 31.64 ? 19  LEU A CB  1 
ATOM   137  C  CG  . LEU A 1 19  ? -11.696 1.317   3.355   1.00 29.62 ? 19  LEU A CG  1 
ATOM   138  C  CD1 . LEU A 1 19  ? -10.556 2.083   4.026   1.00 29.40 ? 19  LEU A CD1 1 
ATOM   139  C  CD2 . LEU A 1 19  ? -12.595 2.252   2.593   1.00 25.71 ? 19  LEU A CD2 1 
HETATM 140  N  N   . MSE A 1 20  ? -10.825 -2.862  1.526   1.00 40.64 ? 20  MSE A N   1 
HETATM 141  C  CA  . MSE A 1 20  ? -10.093 -3.866  0.761   1.00 42.77 ? 20  MSE A CA  1 
HETATM 142  C  C   . MSE A 1 20  ? -11.121 -4.550  -0.137  1.00 41.44 ? 20  MSE A C   1 
HETATM 143  O  O   . MSE A 1 20  ? -10.818 -4.938  -1.264  1.00 41.69 ? 20  MSE A O   1 
HETATM 144  C  CB  . MSE A 1 20  ? -9.440  -4.882  1.713   1.00 46.72 ? 20  MSE A CB  1 
HETATM 145  C  CG  . MSE A 1 20  ? -8.517  -5.917  1.044   1.00 53.66 ? 20  MSE A CG  1 
HETATM 146  SE SE  . MSE A 1 20  ? -6.817  -5.204  0.362   1.00 62.86 ? 20  MSE A SE  1 
HETATM 147  C  CE  . MSE A 1 20  ? -6.086  -4.546  2.033   1.00 59.59 ? 20  MSE A CE  1 
ATOM   148  N  N   . TYR A 1 21  ? -12.344 -4.676  0.373   1.00 39.51 ? 21  TYR A N   1 
ATOM   149  C  CA  . TYR A 1 21  ? -13.438 -5.295  -0.369  1.00 38.40 ? 21  TYR A CA  1 
ATOM   150  C  C   . TYR A 1 21  ? -13.915 -4.346  -1.469  1.00 37.56 ? 21  TYR A C   1 
ATOM   151  O  O   . TYR A 1 21  ? -14.153 -4.765  -2.604  1.00 36.74 ? 21  TYR A O   1 
ATOM   152  C  CB  . TYR A 1 21  ? -14.602 -5.610  0.573   1.00 39.48 ? 21  TYR A CB  1 
ATOM   153  C  CG  . TYR A 1 21  ? -15.829 -6.100  -0.143  1.00 42.27 ? 21  TYR A CG  1 
ATOM   154  C  CD1 . TYR A 1 21  ? -15.877 -7.379  -0.690  1.00 44.32 ? 21  TYR A CD1 1 
ATOM   155  C  CD2 . TYR A 1 21  ? -16.935 -5.267  -0.317  1.00 44.46 ? 21  TYR A CD2 1 
ATOM   156  C  CE1 . TYR A 1 21  ? -16.993 -7.816  -1.394  1.00 44.41 ? 21  TYR A CE1 1 
ATOM   157  C  CE2 . TYR A 1 21  ? -18.055 -5.696  -1.021  1.00 44.18 ? 21  TYR A CE2 1 
ATOM   158  C  CZ  . TYR A 1 21  ? -18.079 -6.970  -1.556  1.00 44.36 ? 21  TYR A CZ  1 
ATOM   159  O  OH  . TYR A 1 21  ? -19.185 -7.400  -2.253  1.00 43.37 ? 21  TYR A OH  1 
ATOM   160  N  N   . LYS A 1 22  ? -14.059 -3.068  -1.128  1.00 35.74 ? 22  LYS A N   1 
ATOM   161  C  CA  . LYS A 1 22  ? -14.488 -2.075  -2.103  1.00 35.82 ? 22  LYS A CA  1 
ATOM   162  C  C   . LYS A 1 22  ? -13.482 -2.045  -3.256  1.00 35.81 ? 22  LYS A C   1 
ATOM   163  O  O   . LYS A 1 22  ? -13.871 -1.991  -4.426  1.00 34.97 ? 22  LYS A O   1 
ATOM   164  C  CB  . LYS A 1 22  ? -14.583 -0.684  -1.462  1.00 36.16 ? 22  LYS A CB  1 
ATOM   165  C  CG  . LYS A 1 22  ? -15.811 -0.446  -0.582  1.00 36.34 ? 22  LYS A CG  1 
ATOM   166  C  CD  . LYS A 1 22  ? -15.789 0.985   -0.039  1.00 40.27 ? 22  LYS A CD  1 
ATOM   167  C  CE  . LYS A 1 22  ? -17.125 1.444   0.561   1.00 42.28 ? 22  LYS A CE  1 
ATOM   168  N  NZ  . LYS A 1 22  ? -17.493 0.775   1.840   1.00 43.67 ? 22  LYS A NZ  1 
ATOM   169  N  N   . LEU A 1 23  ? -12.191 -2.086  -2.918  1.00 35.30 ? 23  LEU A N   1 
ATOM   170  C  CA  . LEU A 1 23  ? -11.128 -2.067  -3.924  1.00 34.42 ? 23  LEU A CA  1 
ATOM   171  C  C   . LEU A 1 23  ? -11.290 -3.235  -4.889  1.00 35.38 ? 23  LEU A C   1 
ATOM   172  O  O   . LEU A 1 23  ? -11.435 -3.046  -6.104  1.00 33.93 ? 23  LEU A O   1 
ATOM   173  C  CB  . LEU A 1 23  ? -9.742  -2.158  -3.266  1.00 32.02 ? 23  LEU A CB  1 
ATOM   174  C  CG  . LEU A 1 23  ? -8.539  -2.234  -4.233  1.00 31.13 ? 23  LEU A CG  1 
ATOM   175  C  CD1 . LEU A 1 23  ? -8.559  -1.020  -5.157  1.00 29.77 ? 23  LEU A CD1 1 
ATOM   176  C  CD2 . LEU A 1 23  ? -7.217  -2.280  -3.462  1.00 27.75 ? 23  LEU A CD2 1 
ATOM   177  N  N   . HIS A 1 24  ? -11.265 -4.445  -4.341  1.00 35.70 ? 24  HIS A N   1 
ATOM   178  C  CA  . HIS A 1 24  ? -11.397 -5.645  -5.149  1.00 37.36 ? 24  HIS A CA  1 
ATOM   179  C  C   . HIS A 1 24  ? -12.701 -5.685  -5.917  1.00 38.16 ? 24  HIS A C   1 
ATOM   180  O  O   . HIS A 1 24  ? -12.750 -6.209  -7.031  1.00 39.57 ? 24  HIS A O   1 
ATOM   181  C  CB  . HIS A 1 24  ? -11.285 -6.877  -4.264  1.00 35.57 ? 24  HIS A CB  1 
ATOM   182  C  CG  . HIS A 1 24  ? -9.934  -7.037  -3.641  1.00 34.36 ? 24  HIS A CG  1 
ATOM   183  N  ND1 . HIS A 1 24  ? -9.713  -7.815  -2.524  1.00 35.61 ? 24  HIS A ND1 1 
ATOM   184  C  CD2 . HIS A 1 24  ? -8.734  -6.517  -3.981  1.00 34.26 ? 24  HIS A CD2 1 
ATOM   185  C  CE1 . HIS A 1 24  ? -8.434  -7.764  -2.203  1.00 34.15 ? 24  HIS A CE1 1 
ATOM   186  N  NE2 . HIS A 1 24  ? -7.816  -6.983  -3.071  1.00 34.18 ? 24  HIS A NE2 1 
ATOM   187  N  N   . ASP A 1 25  ? -13.756 -5.129  -5.336  1.00 39.38 ? 25  ASP A N   1 
ATOM   188  C  CA  . ASP A 1 25  ? -15.052 -5.130  -6.004  1.00 40.77 ? 25  ASP A CA  1 
ATOM   189  C  C   . ASP A 1 25  ? -15.009 -4.340  -7.304  1.00 41.71 ? 25  ASP A C   1 
ATOM   190  O  O   . ASP A 1 25  ? -15.383 -4.849  -8.361  1.00 41.47 ? 25  ASP A O   1 
ATOM   191  C  CB  . ASP A 1 25  ? -16.124 -4.535  -5.097  1.00 40.77 ? 25  ASP A CB  1 
ATOM   192  C  CG  . ASP A 1 25  ? -17.516 -4.729  -5.657  1.00 39.72 ? 25  ASP A CG  1 
ATOM   193  O  OD1 . ASP A 1 25  ? -17.999 -5.875  -5.638  1.00 39.53 ? 25  ASP A OD1 1 
ATOM   194  O  OD2 . ASP A 1 25  ? -18.124 -3.753  -6.133  1.00 41.44 ? 25  ASP A OD2 1 
ATOM   195  N  N   . GLU A 1 26  ? -14.557 -3.093  -7.212  1.00 42.40 ? 26  GLU A N   1 
ATOM   196  C  CA  . GLU A 1 26  ? -14.456 -2.225  -8.373  1.00 43.87 ? 26  GLU A CA  1 
ATOM   197  C  C   . GLU A 1 26  ? -13.509 -2.834  -9.410  1.00 44.12 ? 26  GLU A C   1 
ATOM   198  O  O   . GLU A 1 26  ? -13.659 -2.602  -10.607 1.00 45.61 ? 26  GLU A O   1 
ATOM   199  C  CB  . GLU A 1 26  ? -13.961 -0.834  -7.945  1.00 45.03 ? 26  GLU A CB  1 
ATOM   200  C  CG  . GLU A 1 26  ? -14.791 -0.196  -6.824  1.00 47.31 ? 26  GLU A CG  1 
ATOM   201  C  CD  . GLU A 1 26  ? -14.164 1.070   -6.242  1.00 50.47 ? 26  GLU A CD  1 
ATOM   202  O  OE1 . GLU A 1 26  ? -14.681 1.575   -5.215  1.00 50.66 ? 26  GLU A OE1 1 
ATOM   203  O  OE2 . GLU A 1 26  ? -13.157 1.559   -6.804  1.00 51.12 ? 26  GLU A OE2 1 
ATOM   204  N  N   . HIS A 1 27  ? -12.540 -3.616  -8.946  1.00 43.87 ? 27  HIS A N   1 
ATOM   205  C  CA  . HIS A 1 27  ? -11.585 -4.261  -9.840  1.00 44.90 ? 27  HIS A CA  1 
ATOM   206  C  C   . HIS A 1 27  ? -12.311 -5.210  -10.787 1.00 46.22 ? 27  HIS A C   1 
ATOM   207  O  O   . HIS A 1 27  ? -12.098 -5.183  -11.997 1.00 45.16 ? 27  HIS A O   1 
ATOM   208  C  CB  . HIS A 1 27  ? -10.532 -5.023  -9.021  1.00 44.52 ? 27  HIS A CB  1 
ATOM   209  C  CG  . HIS A 1 27  ? -9.268  -4.248  -8.779  1.00 44.31 ? 27  HIS A CG  1 
ATOM   210  N  ND1 . HIS A 1 27  ? -9.221  -2.867  -8.814  1.00 42.86 ? 27  HIS A ND1 1 
ATOM   211  C  CD2 . HIS A 1 27  ? -8.013  -4.659  -8.494  1.00 43.83 ? 27  HIS A CD2 1 
ATOM   212  C  CE1 . HIS A 1 27  ? -7.987  -2.467  -8.564  1.00 43.32 ? 27  HIS A CE1 1 
ATOM   213  N  NE2 . HIS A 1 27  ? -7.232  -3.532  -8.366  1.00 42.91 ? 27  HIS A NE2 1 
ATOM   214  N  N   . HIS A 1 28  ? -13.184 -6.034  -10.218 1.00 49.52 ? 28  HIS A N   1 
ATOM   215  C  CA  . HIS A 1 28  ? -13.971 -7.012  -10.967 1.00 51.32 ? 28  HIS A CA  1 
ATOM   216  C  C   . HIS A 1 28  ? -15.047 -6.349  -11.829 1.00 53.09 ? 28  HIS A C   1 
ATOM   217  O  O   . HIS A 1 28  ? -15.724 -7.016  -12.610 1.00 53.12 ? 28  HIS A O   1 
ATOM   218  C  CB  . HIS A 1 28  ? -14.641 -7.977  -9.989  1.00 51.90 ? 28  HIS A CB  1 
ATOM   219  C  CG  . HIS A 1 28  ? -15.168 -9.220  -10.630 1.00 52.72 ? 28  HIS A CG  1 
ATOM   220  N  ND1 . HIS A 1 28  ? -14.341 -10.192 -11.148 1.00 53.06 ? 28  HIS A ND1 1 
ATOM   221  C  CD2 . HIS A 1 28  ? -16.435 -9.636  -10.865 1.00 52.66 ? 28  HIS A CD2 1 
ATOM   222  C  CE1 . HIS A 1 28  ? -15.076 -11.154 -11.677 1.00 53.55 ? 28  HIS A CE1 1 
ATOM   223  N  NE2 . HIS A 1 28  ? -16.349 -10.841 -11.519 1.00 52.73 ? 28  HIS A NE2 1 
ATOM   224  N  N   . GLN A 1 29  ? -15.204 -5.036  -11.686 1.00 56.09 ? 29  GLN A N   1 
ATOM   225  C  CA  . GLN A 1 29  ? -16.201 -4.295  -12.450 1.00 59.12 ? 29  GLN A CA  1 
ATOM   226  C  C   . GLN A 1 29  ? -15.638 -3.580  -13.684 1.00 61.02 ? 29  GLN A C   1 
ATOM   227  O  O   . GLN A 1 29  ? -16.388 -3.217  -14.595 1.00 61.35 ? 29  GLN A O   1 
ATOM   228  C  CB  . GLN A 1 29  ? -16.932 -3.310  -11.528 1.00 59.53 ? 29  GLN A CB  1 
ATOM   229  C  CG  . GLN A 1 29  ? -17.916 -4.010  -10.578 1.00 61.36 ? 29  GLN A CG  1 
ATOM   230  C  CD  . GLN A 1 29  ? -18.591 -3.066  -9.588  1.00 62.95 ? 29  GLN A CD  1 
ATOM   231  O  OE1 . GLN A 1 29  ? -19.580 -3.430  -8.949  1.00 64.20 ? 29  GLN A OE1 1 
ATOM   232  N  NE2 . GLN A 1 29  ? -18.046 -1.860  -9.442  1.00 62.68 ? 29  GLN A NE2 1 
ATOM   233  N  N   . GLN A 1 30  ? -14.324 -3.363  -13.712 1.00 62.62 ? 30  GLN A N   1 
ATOM   234  C  CA  . GLN A 1 30  ? -13.692 -2.732  -14.871 1.00 64.29 ? 30  GLN A CA  1 
ATOM   235  C  C   . GLN A 1 30  ? -13.238 -3.853  -15.801 1.00 65.23 ? 30  GLN A C   1 
ATOM   236  O  O   . GLN A 1 30  ? -13.642 -3.921  -16.962 1.00 65.38 ? 30  GLN A O   1 
ATOM   237  C  CB  . GLN A 1 30  ? -12.476 -1.892  -14.467 1.00 64.42 ? 30  GLN A CB  1 
ATOM   238  C  CG  . GLN A 1 30  ? -12.797 -0.505  -13.934 1.00 65.91 ? 30  GLN A CG  1 
ATOM   239  C  CD  . GLN A 1 30  ? -12.919 -0.471  -12.425 1.00 67.45 ? 30  GLN A CD  1 
ATOM   240  O  OE1 . GLN A 1 30  ? -11.996 -0.863  -11.706 1.00 67.77 ? 30  GLN A OE1 1 
ATOM   241  N  NE2 . GLN A 1 30  ? -14.057 0.008   -11.933 1.00 67.95 ? 30  GLN A NE2 1 
ATOM   242  N  N   . CYS A 1 31  ? -12.399 -4.738  -15.274 1.00 66.57 ? 31  CYS A N   1 
ATOM   243  C  CA  . CYS A 1 31  ? -11.882 -5.866  -16.033 1.00 67.80 ? 31  CYS A CA  1 
ATOM   244  C  C   . CYS A 1 31  ? -12.301 -7.156  -15.333 1.00 67.35 ? 31  CYS A C   1 
ATOM   245  O  O   . CYS A 1 31  ? -11.511 -7.772  -14.617 1.00 67.09 ? 31  CYS A O   1 
ATOM   246  C  CB  . CYS A 1 31  ? -10.355 -5.774  -16.122 1.00 68.83 ? 31  CYS A CB  1 
ATOM   247  S  SG  . CYS A 1 31  ? -9.538  -7.180  -16.915 1.00 72.49 ? 31  CYS A SG  1 
ATOM   248  N  N   . PRO A 1 32  ? -13.564 -7.577  -15.529 1.00 67.51 ? 32  PRO A N   1 
ATOM   249  C  CA  . PRO A 1 32  ? -14.113 -8.795  -14.924 1.00 68.05 ? 32  PRO A CA  1 
ATOM   250  C  C   . PRO A 1 32  ? -13.274 -10.039 -15.233 1.00 69.48 ? 32  PRO A C   1 
ATOM   251  O  O   . PRO A 1 32  ? -12.924 -10.808 -14.331 1.00 68.91 ? 32  PRO A O   1 
ATOM   252  C  CB  . PRO A 1 32  ? -15.507 -8.889  -15.543 1.00 66.73 ? 32  PRO A CB  1 
ATOM   253  C  CG  . PRO A 1 32  ? -15.851 -7.475  -15.837 1.00 66.84 ? 32  PRO A CG  1 
ATOM   254  C  CD  . PRO A 1 32  ? -14.568 -6.935  -16.396 1.00 67.18 ? 32  PRO A CD  1 
ATOM   255  N  N   . ASP A 1 33  ? -12.962 -10.215 -16.518 1.00 69.94 ? 33  ASP A N   1 
ATOM   256  C  CA  . ASP A 1 33  ? -12.189 -11.350 -17.010 1.00 70.37 ? 33  ASP A CA  1 
ATOM   257  C  C   . ASP A 1 33  ? -12.450 -12.604 -16.185 1.00 70.74 ? 33  ASP A C   1 
ATOM   258  O  O   . ASP A 1 33  ? -13.602 -13.013 -16.001 1.00 70.75 ? 33  ASP A O   1 
ATOM   259  C  CB  . ASP A 1 33  ? -10.683 -11.029 -17.025 1.00 70.25 ? 33  ASP A CB  1 
ATOM   260  C  CG  . ASP A 1 33  ? -10.061 -11.021 -15.637 1.00 71.04 ? 33  ASP A CG  1 
ATOM   261  O  OD1 . ASP A 1 33  ? -10.254 -10.037 -14.882 1.00 70.36 ? 33  ASP A OD1 1 
ATOM   262  O  OD2 . ASP A 1 33  ? -9.377  -12.015 -15.305 1.00 71.04 ? 33  ASP A OD2 1 
ATOM   263  N  N   . GLU A 1 44  ? -5.049  -14.532 -1.206  1.00 44.83 ? 44  GLU A N   1 
ATOM   264  C  CA  . GLU A 1 44  ? -3.738  -13.965 -0.912  1.00 44.75 ? 44  GLU A CA  1 
ATOM   265  C  C   . GLU A 1 44  ? -3.512  -13.980 0.606   1.00 44.27 ? 44  GLU A C   1 
ATOM   266  O  O   . GLU A 1 44  ? -4.205  -14.702 1.333   1.00 44.85 ? 44  GLU A O   1 
ATOM   267  C  CB  . GLU A 1 44  ? -3.660  -12.531 -1.446  1.00 45.36 ? 44  GLU A CB  1 
ATOM   268  C  CG  . GLU A 1 44  ? -2.252  -12.061 -1.771  1.00 49.59 ? 44  GLU A CG  1 
ATOM   269  C  CD  . GLU A 1 44  ? -1.483  -13.073 -2.617  1.00 52.31 ? 44  GLU A CD  1 
ATOM   270  O  OE1 . GLU A 1 44  ? -0.741  -13.894 -2.027  1.00 54.23 ? 44  GLU A OE1 1 
ATOM   271  O  OE2 . GLU A 1 44  ? -1.635  -13.061 -3.865  1.00 52.68 ? 44  GLU A OE2 1 
ATOM   272  N  N   . LYS A 1 45  ? -2.561  -13.174 1.083   1.00 43.43 ? 45  LYS A N   1 
ATOM   273  C  CA  . LYS A 1 45  ? -2.245  -13.074 2.517   1.00 40.85 ? 45  LYS A CA  1 
ATOM   274  C  C   . LYS A 1 45  ? -3.073  -12.026 3.272   1.00 37.85 ? 45  LYS A C   1 
ATOM   275  O  O   . LYS A 1 45  ? -3.106  -10.849 2.896   1.00 37.91 ? 45  LYS A O   1 
ATOM   276  C  CB  . LYS A 1 45  ? -0.759  -12.746 2.722   1.00 41.85 ? 45  LYS A CB  1 
ATOM   277  C  CG  . LYS A 1 45  ? 0.198   -13.935 2.676   1.00 42.51 ? 45  LYS A CG  1 
ATOM   278  C  CD  . LYS A 1 45  ? 0.175   -14.667 1.344   1.00 41.78 ? 45  LYS A CD  1 
ATOM   279  C  CE  . LYS A 1 45  ? -0.856  -15.782 1.359   1.00 43.26 ? 45  LYS A CE  1 
ATOM   280  N  NZ  . LYS A 1 45  ? -0.881  -16.581 0.094   1.00 43.96 ? 45  LYS A NZ  1 
ATOM   281  N  N   . SER A 1 46  ? -3.715  -12.468 4.351   1.00 33.79 ? 46  SER A N   1 
ATOM   282  C  CA  . SER A 1 46  ? -4.545  -11.611 5.194   1.00 31.63 ? 46  SER A CA  1 
ATOM   283  C  C   . SER A 1 46  ? -4.033  -10.185 5.385   1.00 32.70 ? 46  SER A C   1 
ATOM   284  O  O   . SER A 1 46  ? -2.825  -9.941  5.476   1.00 33.26 ? 46  SER A O   1 
ATOM   285  C  CB  . SER A 1 46  ? -4.719  -12.246 6.573   1.00 30.00 ? 46  SER A CB  1 
ATOM   286  O  OG  . SER A 1 46  ? -5.138  -11.272 7.503   1.00 26.24 ? 46  SER A OG  1 
ATOM   287  N  N   . ILE A 1 47  ? -4.964  -9.241  5.456   1.00 32.39 ? 47  ILE A N   1 
ATOM   288  C  CA  . ILE A 1 47  ? -4.595  -7.850  5.665   1.00 29.95 ? 47  ILE A CA  1 
ATOM   289  C  C   . ILE A 1 47  ? -4.058  -7.701  7.092   1.00 29.34 ? 47  ILE A C   1 
ATOM   290  O  O   . ILE A 1 47  ? -3.213  -6.850  7.359   1.00 28.20 ? 47  ILE A O   1 
ATOM   291  C  CB  . ILE A 1 47  ? -5.811  -6.901  5.426   1.00 29.62 ? 47  ILE A CB  1 
ATOM   292  C  CG1 . ILE A 1 47  ? -5.448  -5.456  5.795   1.00 29.13 ? 47  ILE A CG1 1 
ATOM   293  C  CG2 . ILE A 1 47  ? -7.007  -7.377  6.236   1.00 28.81 ? 47  ILE A CG2 1 
ATOM   294  C  CD1 . ILE A 1 47  ? -4.253  -4.900  5.059   1.00 27.73 ? 47  ILE A CD1 1 
ATOM   295  N  N   . ALA A 1 48  ? -4.542  -8.548  8.000   1.00 28.53 ? 48  ALA A N   1 
ATOM   296  C  CA  . ALA A 1 48  ? -4.103  -8.520  9.395   1.00 29.54 ? 48  ALA A CA  1 
ATOM   297  C  C   . ALA A 1 48  ? -2.668  -9.047  9.484   1.00 31.33 ? 48  ALA A C   1 
ATOM   298  O  O   . ALA A 1 48  ? -1.778  -8.371  10.009  1.00 30.87 ? 48  ALA A O   1 
ATOM   299  C  CB  . ALA A 1 48  ? -5.027  -9.362  10.257  1.00 29.26 ? 48  ALA A CB  1 
ATOM   300  N  N   . ARG A 1 49  ? -2.453  -10.262 8.975   1.00 33.20 ? 49  ARG A N   1 
ATOM   301  C  CA  . ARG A 1 49  ? -1.128  -10.882 8.961   1.00 34.53 ? 49  ARG A CA  1 
ATOM   302  C  C   . ARG A 1 49  ? -0.175  -9.952  8.222   1.00 35.20 ? 49  ARG A C   1 
ATOM   303  O  O   . ARG A 1 49  ? 0.999   -9.803  8.584   1.00 34.26 ? 49  ARG A O   1 
ATOM   304  C  CB  . ARG A 1 49  ? -1.164  -12.222 8.217   1.00 36.43 ? 49  ARG A CB  1 
ATOM   305  C  CG  . ARG A 1 49  ? -1.663  -13.409 9.016   1.00 39.06 ? 49  ARG A CG  1 
ATOM   306  C  CD  . ARG A 1 49  ? -1.537  -14.661 8.161   1.00 43.71 ? 49  ARG A CD  1 
ATOM   307  N  NE  . ARG A 1 49  ? -1.775  -15.890 8.912   1.00 50.27 ? 49  ARG A NE  1 
ATOM   308  C  CZ  . ARG A 1 49  ? -1.573  -17.113 8.420   1.00 53.36 ? 49  ARG A CZ  1 
ATOM   309  N  NH1 . ARG A 1 49  ? -1.814  -18.184 9.167   1.00 54.37 ? 49  ARG A NH1 1 
ATOM   310  N  NH2 . ARG A 1 49  ? -1.122  -17.272 7.175   1.00 52.83 ? 49  ARG A NH2 1 
ATOM   311  N  N   . TYR A 1 50  ? -0.699  -9.347  7.158   1.00 34.81 ? 50  TYR A N   1 
ATOM   312  C  CA  . TYR A 1 50  ? 0.062   -8.416  6.337   1.00 34.78 ? 50  TYR A CA  1 
ATOM   313  C  C   . TYR A 1 50  ? 0.533   -7.254  7.196   1.00 35.30 ? 50  TYR A C   1 
ATOM   314  O  O   . TYR A 1 50  ? 1.699   -6.876  7.177   1.00 36.94 ? 50  TYR A O   1 
ATOM   315  C  CB  . TYR A 1 50  ? -0.816  -7.876  5.209   1.00 34.63 ? 50  TYR A CB  1 
ATOM   316  C  CG  . TYR A 1 50  ? -0.044  -7.145  4.129   1.00 33.19 ? 50  TYR A CG  1 
ATOM   317  C  CD1 . TYR A 1 50  ? 0.398   -5.826  4.317   1.00 32.91 ? 50  TYR A CD1 1 
ATOM   318  C  CD2 . TYR A 1 50  ? 0.272   -7.785  2.927   1.00 29.49 ? 50  TYR A CD2 1 
ATOM   319  C  CE1 . TYR A 1 50  ? 1.141   -5.167  3.330   1.00 31.63 ? 50  TYR A CE1 1 
ATOM   320  C  CE2 . TYR A 1 50  ? 1.008   -7.148  1.945   1.00 31.00 ? 50  TYR A CE2 1 
ATOM   321  C  CZ  . TYR A 1 50  ? 1.438   -5.837  2.148   1.00 32.72 ? 50  TYR A CZ  1 
ATOM   322  O  OH  . TYR A 1 50  ? 2.156   -5.214  1.155   1.00 33.93 ? 50  TYR A OH  1 
ATOM   323  N  N   . LEU A 1 51  ? -0.391  -6.688  7.954   1.00 34.28 ? 51  LEU A N   1 
ATOM   324  C  CA  . LEU A 1 51  ? -0.069  -5.567  8.804   1.00 34.43 ? 51  LEU A CA  1 
ATOM   325  C  C   . LEU A 1 51  ? 0.976   -5.941  9.862   1.00 34.63 ? 51  LEU A C   1 
ATOM   326  O  O   . LEU A 1 51  ? 1.846   -5.138  10.193  1.00 34.98 ? 51  LEU A O   1 
ATOM   327  C  CB  . LEU A 1 51  ? -1.355  -5.072  9.458   1.00 33.34 ? 51  LEU A CB  1 
ATOM   328  C  CG  . LEU A 1 51  ? -1.406  -3.671  10.067  1.00 33.38 ? 51  LEU A CG  1 
ATOM   329  C  CD1 . LEU A 1 51  ? -2.821  -3.468  10.585  1.00 31.79 ? 51  LEU A CD1 1 
ATOM   330  C  CD2 . LEU A 1 51  ? -0.395  -3.497  11.203  1.00 29.80 ? 51  LEU A CD2 1 
ATOM   331  N  N   . ASP A 1 52  ? 0.897   -7.168  10.369  1.00 34.49 ? 52  ASP A N   1 
ATOM   332  C  CA  . ASP A 1 52  ? 1.806   -7.661  11.409  1.00 33.91 ? 52  ASP A CA  1 
ATOM   333  C  C   . ASP A 1 52  ? 3.198   -8.050  10.904  1.00 32.77 ? 52  ASP A C   1 
ATOM   334  O  O   . ASP A 1 52  ? 4.151   -8.156  11.685  1.00 31.25 ? 52  ASP A O   1 
ATOM   335  C  CB  . ASP A 1 52  ? 1.161   -8.865  12.117  1.00 35.83 ? 52  ASP A CB  1 
ATOM   336  C  CG  . ASP A 1 52  ? 2.013   -9.412  13.253  1.00 39.34 ? 52  ASP A CG  1 
ATOM   337  O  OD1 . ASP A 1 52  ? 2.382   -8.626  14.155  1.00 41.32 ? 52  ASP A OD1 1 
ATOM   338  O  OD2 . ASP A 1 52  ? 2.306   -10.630 13.254  1.00 38.69 ? 52  ASP A OD2 1 
ATOM   339  N  N   . ASP A 1 53  ? 3.309   -8.263  9.597   1.00 32.20 ? 53  ASP A N   1 
ATOM   340  C  CA  . ASP A 1 53  ? 4.580   -8.660  8.990   1.00 31.78 ? 53  ASP A CA  1 
ATOM   341  C  C   . ASP A 1 53  ? 5.601   -7.526  9.120   1.00 31.52 ? 53  ASP A C   1 
ATOM   342  O  O   . ASP A 1 53  ? 5.337   -6.392  8.715   1.00 31.51 ? 53  ASP A O   1 
ATOM   343  C  CB  . ASP A 1 53  ? 4.350   -9.037  7.523   1.00 32.26 ? 53  ASP A CB  1 
ATOM   344  C  CG  . ASP A 1 53  ? 5.477   -9.874  6.950   1.00 32.51 ? 53  ASP A CG  1 
ATOM   345  O  OD1 . ASP A 1 53  ? 6.502   -9.306  6.515   1.00 35.92 ? 53  ASP A OD1 1 
ATOM   346  O  OD2 . ASP A 1 53  ? 5.341   -11.115 6.944   1.00 33.22 ? 53  ASP A OD2 1 
ATOM   347  N  N   . PRO A 1 54  ? 6.780   -7.825  9.689   1.00 30.31 ? 54  PRO A N   1 
ATOM   348  C  CA  . PRO A 1 54  ? 7.842   -6.833  9.886   1.00 29.30 ? 54  PRO A CA  1 
ATOM   349  C  C   . PRO A 1 54  ? 8.399   -6.208  8.595   1.00 30.71 ? 54  PRO A C   1 
ATOM   350  O  O   . PRO A 1 54  ? 9.036   -5.143  8.629   1.00 29.99 ? 54  PRO A O   1 
ATOM   351  C  CB  . PRO A 1 54  ? 8.888   -7.606  10.684  1.00 27.17 ? 54  PRO A CB  1 
ATOM   352  C  CG  . PRO A 1 54  ? 8.748   -8.986  10.186  1.00 28.71 ? 54  PRO A CG  1 
ATOM   353  C  CD  . PRO A 1 54  ? 7.246   -9.182  10.032  1.00 29.60 ? 54  PRO A CD  1 
ATOM   354  N  N   . GLU A 1 55  ? 8.151   -6.865  7.461   1.00 31.79 ? 55  GLU A N   1 
ATOM   355  C  CA  . GLU A 1 55  ? 8.620   -6.380  6.160   1.00 30.49 ? 55  GLU A CA  1 
ATOM   356  C  C   . GLU A 1 55  ? 7.497   -5.675  5.384   1.00 31.27 ? 55  GLU A C   1 
ATOM   357  O  O   . GLU A 1 55  ? 7.717   -5.225  4.252   1.00 31.85 ? 55  GLU A O   1 
ATOM   358  C  CB  . GLU A 1 55  ? 9.138   -7.545  5.306   1.00 30.71 ? 55  GLU A CB  1 
ATOM   359  C  CG  . GLU A 1 55  ? 10.303  -8.351  5.889   1.00 29.32 ? 55  GLU A CG  1 
ATOM   360  C  CD  . GLU A 1 55  ? 11.483  -7.491  6.347   1.00 27.45 ? 55  GLU A CD  1 
ATOM   361  O  OE1 . GLU A 1 55  ? 11.601  -6.333  5.902   1.00 27.08 ? 55  GLU A OE1 1 
ATOM   362  O  OE2 . GLU A 1 55  ? 12.296  -7.983  7.156   1.00 25.09 ? 55  GLU A OE2 1 
ATOM   363  N  N   . CYS A 1 56  ? 6.310   -5.572  5.989   1.00 29.04 ? 56  CYS A N   1 
ATOM   364  C  CA  . CYS A 1 56  ? 5.160   -4.942  5.335   1.00 28.20 ? 56  CYS A CA  1 
ATOM   365  C  C   . CYS A 1 56  ? 4.814   -3.530  5.795   1.00 28.04 ? 56  CYS A C   1 
ATOM   366  O  O   . CYS A 1 56  ? 5.135   -3.116  6.905   1.00 28.27 ? 56  CYS A O   1 
ATOM   367  C  CB  . CYS A 1 56  ? 3.915   -5.821  5.495   1.00 27.28 ? 56  CYS A CB  1 
ATOM   368  S  SG  . CYS A 1 56  ? 3.953   -7.356  4.547   1.00 27.69 ? 56  CYS A SG  1 
HETATM 369  N  N   . MSE A 1 57  ? 4.136   -2.795  4.925   1.00 27.18 ? 57  MSE A N   1 
HETATM 370  C  CA  . MSE A 1 57  ? 3.732   -1.434  5.233   1.00 27.17 ? 57  MSE A CA  1 
HETATM 371  C  C   . MSE A 1 57  ? 2.296   -1.157  4.826   1.00 24.58 ? 57  MSE A C   1 
HETATM 372  O  O   . MSE A 1 57  ? 1.835   -1.606  3.785   1.00 23.47 ? 57  MSE A O   1 
HETATM 373  C  CB  . MSE A 1 57  ? 4.649   -0.446  4.514   1.00 30.34 ? 57  MSE A CB  1 
HETATM 374  C  CG  . MSE A 1 57  ? 6.079   -0.483  4.982   1.00 35.53 ? 57  MSE A CG  1 
HETATM 375  SE SE  . MSE A 1 57  ? 7.325   0.121   3.640   1.00 42.87 ? 57  MSE A SE  1 
HETATM 376  C  CE  . MSE A 1 57  ? 6.929   2.024   3.701   1.00 43.09 ? 57  MSE A CE  1 
ATOM   377  N  N   . VAL A 1 58  ? 1.588   -0.415  5.661   1.00 23.84 ? 58  VAL A N   1 
ATOM   378  C  CA  . VAL A 1 58  ? 0.227   -0.049  5.334   1.00 24.01 ? 58  VAL A CA  1 
ATOM   379  C  C   . VAL A 1 58  ? -0.069  1.322   5.915   1.00 23.97 ? 58  VAL A C   1 
ATOM   380  O  O   . VAL A 1 58  ? -0.091  1.497   7.124   1.00 24.01 ? 58  VAL A O   1 
ATOM   381  C  CB  . VAL A 1 58  ? -0.801  -1.099  5.844   1.00 22.54 ? 58  VAL A CB  1 
ATOM   382  C  CG1 . VAL A 1 58  ? -0.491  -1.491  7.275   1.00 27.45 ? 58  VAL A CG1 1 
ATOM   383  C  CG2 . VAL A 1 58  ? -2.192  -0.533  5.738   1.00 15.92 ? 58  VAL A CG2 1 
ATOM   384  N  N   . TYR A 1 59  ? -0.260  2.308   5.047   1.00 25.15 ? 59  TYR A N   1 
ATOM   385  C  CA  . TYR A 1 59  ? -0.582  3.640   5.523   1.00 25.62 ? 59  TYR A CA  1 
ATOM   386  C  C   . TYR A 1 59  ? -2.013  3.972   5.151   1.00 26.18 ? 59  TYR A C   1 
ATOM   387  O  O   . TYR A 1 59  ? -2.526  3.490   4.141   1.00 24.83 ? 59  TYR A O   1 
ATOM   388  C  CB  . TYR A 1 59  ? 0.375   4.663   4.926   1.00 24.42 ? 59  TYR A CB  1 
ATOM   389  C  CG  . TYR A 1 59  ? 1.800   4.406   5.317   1.00 24.69 ? 59  TYR A CG  1 
ATOM   390  C  CD1 . TYR A 1 59  ? 2.271   4.745   6.592   1.00 25.22 ? 59  TYR A CD1 1 
ATOM   391  C  CD2 . TYR A 1 59  ? 2.686   3.828   4.420   1.00 22.01 ? 59  TYR A CD2 1 
ATOM   392  C  CE1 . TYR A 1 59  ? 3.593   4.505   6.954   1.00 22.96 ? 59  TYR A CE1 1 
ATOM   393  C  CE2 . TYR A 1 59  ? 4.002   3.591   4.772   1.00 21.31 ? 59  TYR A CE2 1 
ATOM   394  C  CZ  . TYR A 1 59  ? 4.453   3.932   6.028   1.00 21.20 ? 59  TYR A CZ  1 
ATOM   395  O  OH  . TYR A 1 59  ? 5.771   3.717   6.356   1.00 15.04 ? 59  TYR A OH  1 
ATOM   396  N  N   . VAL A 1 60  ? -2.658  4.782   5.988   1.00 27.85 ? 60  VAL A N   1 
ATOM   397  C  CA  . VAL A 1 60  ? -4.037  5.195   5.754   1.00 30.21 ? 60  VAL A CA  1 
ATOM   398  C  C   . VAL A 1 60  ? -4.190  6.718   5.773   1.00 32.74 ? 60  VAL A C   1 
ATOM   399  O  O   . VAL A 1 60  ? -3.400  7.430   6.400   1.00 33.66 ? 60  VAL A O   1 
ATOM   400  C  CB  . VAL A 1 60  ? -5.009  4.583   6.819   1.00 29.11 ? 60  VAL A CB  1 
ATOM   401  C  CG1 . VAL A 1 60  ? -5.161  3.080   6.596   1.00 26.64 ? 60  VAL A CG1 1 
ATOM   402  C  CG2 . VAL A 1 60  ? -4.494  4.869   8.229   1.00 26.45 ? 60  VAL A CG2 1 
ATOM   403  N  N   . ALA A 1 61  ? -5.203  7.203   5.060   1.00 34.79 ? 61  ALA A N   1 
ATOM   404  C  CA  . ALA A 1 61  ? -5.521  8.626   4.996   1.00 38.11 ? 61  ALA A CA  1 
ATOM   405  C  C   . ALA A 1 61  ? -6.777  8.813   5.854   1.00 41.07 ? 61  ALA A C   1 
ATOM   406  O  O   . ALA A 1 61  ? -7.830  8.252   5.545   1.00 42.18 ? 61  ALA A O   1 
ATOM   407  C  CB  . ALA A 1 61  ? -5.795  9.040   3.557   1.00 35.83 ? 61  ALA A CB  1 
ATOM   408  N  N   . GLU A 1 62  ? -6.661  9.580   6.936   1.00 44.29 ? 62  GLU A N   1 
ATOM   409  C  CA  . GLU A 1 62  ? -7.790  9.814   7.836   1.00 48.26 ? 62  GLU A CA  1 
ATOM   410  C  C   . GLU A 1 62  ? -8.251  11.258  7.690   1.00 52.18 ? 62  GLU A C   1 
ATOM   411  O  O   . GLU A 1 62  ? -7.475  12.190  7.899   1.00 52.91 ? 62  GLU A O   1 
ATOM   412  C  CB  . GLU A 1 62  ? -7.367  9.533   9.292   1.00 47.82 ? 62  GLU A CB  1 
ATOM   413  C  CG  . GLU A 1 62  ? -8.372  8.723   10.128  1.00 46.34 ? 62  GLU A CG  1 
ATOM   414  C  CD  . GLU A 1 62  ? -7.820  8.309   11.491  1.00 47.78 ? 62  GLU A CD  1 
ATOM   415  O  OE1 . GLU A 1 62  ? -8.491  7.525   12.200  1.00 48.02 ? 62  GLU A OE1 1 
ATOM   416  O  OE2 . GLU A 1 62  ? -6.717  8.768   11.864  1.00 47.94 ? 62  GLU A OE2 1 
HETATM 417  N  N   . MSE A 1 63  ? -9.512  11.444  7.318   1.00 57.32 ? 63  MSE A N   1 
HETATM 418  C  CA  . MSE A 1 63  ? -10.047 12.788  7.153   1.00 62.75 ? 63  MSE A CA  1 
HETATM 419  C  C   . MSE A 1 63  ? -10.458 13.364  8.505   1.00 63.31 ? 63  MSE A C   1 
HETATM 420  O  O   . MSE A 1 63  ? -9.706  14.123  9.121   1.00 64.26 ? 63  MSE A O   1 
HETATM 421  C  CB  . MSE A 1 63  ? -11.245 12.779  6.199   1.00 67.98 ? 63  MSE A CB  1 
HETATM 422  C  CG  . MSE A 1 63  ? -11.815 14.163  5.910   1.00 74.50 ? 63  MSE A CG  1 
HETATM 423  SE SE  . MSE A 1 63  ? -10.471 15.420  5.282   1.00 87.21 ? 63  MSE A SE  1 
HETATM 424  C  CE  . MSE A 1 63  ? -10.767 15.279  3.367   1.00 81.48 ? 63  MSE A CE  1 
ATOM   425  N  N   . ASP A 1 64  ? -11.650 12.996  8.965   1.00 63.35 ? 64  ASP A N   1 
ATOM   426  C  CA  . ASP A 1 64  ? -12.150 13.483  10.245  1.00 63.40 ? 64  ASP A CA  1 
ATOM   427  C  C   . ASP A 1 64  ? -11.785 12.497  11.347  1.00 62.82 ? 64  ASP A C   1 
ATOM   428  O  O   . ASP A 1 64  ? -11.015 12.811  12.254  1.00 63.57 ? 64  ASP A O   1 
ATOM   429  C  CB  . ASP A 1 64  ? -13.671 13.667  10.179  1.00 64.17 ? 64  ASP A CB  1 
ATOM   430  C  CG  . ASP A 1 64  ? -14.085 15.124  10.304  1.00 64.60 ? 64  ASP A CG  1 
ATOM   431  O  OD1 . ASP A 1 64  ? -13.852 15.706  11.384  1.00 65.47 ? 64  ASP A OD1 1 
ATOM   432  O  OD2 . ASP A 1 64  ? -14.628 15.688  9.325   1.00 64.07 ? 64  ASP A OD2 1 
ATOM   433  N  N   . ASP A 1 65  ? -12.355 11.302  11.251  1.00 61.71 ? 65  ASP A N   1 
ATOM   434  C  CA  . ASP A 1 65  ? -12.097 10.230  12.202  1.00 59.24 ? 65  ASP A CA  1 
ATOM   435  C  C   . ASP A 1 65  ? -12.373 8.938   11.454  1.00 57.14 ? 65  ASP A C   1 
ATOM   436  O  O   . ASP A 1 65  ? -12.423 7.858   12.041  1.00 57.11 ? 65  ASP A O   1 
ATOM   437  C  CB  . ASP A 1 65  ? -13.028 10.331  13.413  1.00 61.58 ? 65  ASP A CB  1 
ATOM   438  C  CG  . ASP A 1 65  ? -12.294 10.733  14.685  1.00 63.71 ? 65  ASP A CG  1 
ATOM   439  O  OD1 . ASP A 1 65  ? -11.307 10.045  15.044  1.00 63.31 ? 65  ASP A OD1 1 
ATOM   440  O  OD2 . ASP A 1 65  ? -12.709 11.729  15.327  1.00 63.94 ? 65  ASP A OD2 1 
ATOM   441  N  N   . VAL A 1 66  ? -12.564 9.076   10.146  1.00 53.65 ? 66  VAL A N   1 
ATOM   442  C  CA  . VAL A 1 66  ? -12.840 7.946   9.272   1.00 50.78 ? 66  VAL A CA  1 
ATOM   443  C  C   . VAL A 1 66  ? -11.715 7.776   8.237   1.00 48.22 ? 66  VAL A C   1 
ATOM   444  O  O   . VAL A 1 66  ? -11.196 8.751   7.690   1.00 46.57 ? 66  VAL A O   1 
ATOM   445  C  CB  . VAL A 1 66  ? -14.212 8.133   8.557   1.00 51.50 ? 66  VAL A CB  1 
ATOM   446  C  CG1 . VAL A 1 66  ? -14.245 9.467   7.822   1.00 54.04 ? 66  VAL A CG1 1 
ATOM   447  C  CG2 . VAL A 1 66  ? -14.470 6.985   7.586   1.00 50.91 ? 66  VAL A CG2 1 
ATOM   448  N  N   . ILE A 1 67  ? -11.334 6.529   7.988   1.00 46.10 ? 67  ILE A N   1 
ATOM   449  C  CA  . ILE A 1 67  ? -10.283 6.226   7.027   1.00 44.35 ? 67  ILE A CA  1 
ATOM   450  C  C   . ILE A 1 67  ? -10.859 6.273   5.617   1.00 43.47 ? 67  ILE A C   1 
ATOM   451  O  O   . ILE A 1 67  ? -11.698 5.442   5.254   1.00 42.46 ? 67  ILE A O   1 
ATOM   452  C  CB  . ILE A 1 67  ? -9.695  4.831   7.286   1.00 43.16 ? 67  ILE A CB  1 
ATOM   453  C  CG1 . ILE A 1 67  ? -9.185  4.759   8.725   1.00 42.95 ? 67  ILE A CG1 1 
ATOM   454  C  CG2 . ILE A 1 67  ? -8.589  4.546   6.290   1.00 42.94 ? 67  ILE A CG2 1 
ATOM   455  C  CD1 . ILE A 1 67  ? -8.763  3.385   9.173   1.00 45.15 ? 67  ILE A CD1 1 
ATOM   456  N  N   . ILE A 1 68  ? -10.419 7.249   4.826   1.00 41.77 ? 68  ILE A N   1 
ATOM   457  C  CA  . ILE A 1 68  ? -10.913 7.393   3.462   1.00 41.50 ? 68  ILE A CA  1 
ATOM   458  C  C   . ILE A 1 68  ? -9.937  6.875   2.414   1.00 40.71 ? 68  ILE A C   1 
ATOM   459  O  O   . ILE A 1 68  ? -10.147 7.050   1.211   1.00 42.17 ? 68  ILE A O   1 
ATOM   460  C  CB  . ILE A 1 68  ? -11.289 8.878   3.146   1.00 42.63 ? 68  ILE A CB  1 
ATOM   461  C  CG1 . ILE A 1 68  ? -10.182 9.841   3.620   1.00 41.66 ? 68  ILE A CG1 1 
ATOM   462  C  CG2 . ILE A 1 68  ? -12.624 9.228   3.798   1.00 43.18 ? 68  ILE A CG2 1 
ATOM   463  C  CD1 . ILE A 1 68  ? -8.994  9.932   2.688   1.00 39.66 ? 68  ILE A CD1 1 
ATOM   464  N  N   . GLY A 1 69  ? -8.876  6.219   2.870   1.00 38.14 ? 69  GLY A N   1 
ATOM   465  C  CA  . GLY A 1 69  ? -7.905  5.682   1.938   1.00 34.85 ? 69  GLY A CA  1 
ATOM   466  C  C   . GLY A 1 69  ? -6.748  4.962   2.601   1.00 32.77 ? 69  GLY A C   1 
ATOM   467  O  O   . GLY A 1 69  ? -6.488  5.135   3.787   1.00 31.60 ? 69  GLY A O   1 
ATOM   468  N  N   . PHE A 1 70  ? -6.057  4.134   1.826   1.00 31.34 ? 70  PHE A N   1 
ATOM   469  C  CA  . PHE A 1 70  ? -4.907  3.396   2.327   1.00 29.78 ? 70  PHE A CA  1 
ATOM   470  C  C   . PHE A 1 70  ? -4.018  2.983   1.151   1.00 28.43 ? 70  PHE A C   1 
ATOM   471  O  O   . PHE A 1 70  ? -4.428  3.033   -0.011  1.00 28.02 ? 70  PHE A O   1 
ATOM   472  C  CB  . PHE A 1 70  ? -5.353  2.150   3.115   1.00 29.41 ? 70  PHE A CB  1 
ATOM   473  C  CG  . PHE A 1 70  ? -5.945  1.068   2.258   1.00 29.63 ? 70  PHE A CG  1 
ATOM   474  C  CD1 . PHE A 1 70  ? -7.264  1.153   1.806   1.00 30.94 ? 70  PHE A CD1 1 
ATOM   475  C  CD2 . PHE A 1 70  ? -5.163  -0.002  1.838   1.00 28.34 ? 70  PHE A CD2 1 
ATOM   476  C  CE1 . PHE A 1 70  ? -7.787  0.187   0.938   1.00 28.70 ? 70  PHE A CE1 1 
ATOM   477  C  CE2 . PHE A 1 70  ? -5.673  -0.965  0.975   1.00 27.23 ? 70  PHE A CE2 1 
ATOM   478  C  CZ  . PHE A 1 70  ? -6.982  -0.872  0.524   1.00 28.28 ? 70  PHE A CZ  1 
ATOM   479  N  N   . ILE A 1 71  ? -2.790  2.600   1.465   1.00 26.10 ? 71  ILE A N   1 
ATOM   480  C  CA  . ILE A 1 71  ? -1.841  2.156   0.459   1.00 23.53 ? 71  ILE A CA  1 
ATOM   481  C  C   . ILE A 1 71  ? -1.106  1.014   1.136   1.00 23.75 ? 71  ILE A C   1 
ATOM   482  O  O   . ILE A 1 71  ? -0.967  1.004   2.359   1.00 22.67 ? 71  ILE A O   1 
ATOM   483  C  CB  . ILE A 1 71  ? -0.862  3.300   0.018   1.00 22.44 ? 71  ILE A CB  1 
ATOM   484  C  CG1 . ILE A 1 71  ? 0.050   2.785   -1.115  1.00 20.53 ? 71  ILE A CG1 1 
ATOM   485  C  CG2 . ILE A 1 71  ? -0.085  3.825   1.213   1.00 17.95 ? 71  ILE A CG2 1 
ATOM   486  C  CD1 . ILE A 1 71  ? 0.886   3.864   -1.771  1.00 16.56 ? 71  ILE A CD1 1 
ATOM   487  N  N   . THR A 1 72  ? -0.652  0.048   0.339   1.00 23.80 ? 72  THR A N   1 
ATOM   488  C  CA  . THR A 1 72  ? 0.019   -1.128  0.877   1.00 23.48 ? 72  THR A CA  1 
ATOM   489  C  C   . THR A 1 72  ? 1.286   -1.485  0.107   1.00 24.20 ? 72  THR A C   1 
ATOM   490  O  O   . THR A 1 72  ? 1.268   -1.505  -1.121  1.00 28.09 ? 72  THR A O   1 
ATOM   491  C  CB  . THR A 1 72  ? -0.985  -2.335  0.896   1.00 23.06 ? 72  THR A CB  1 
ATOM   492  O  OG1 . THR A 1 72  ? -0.760  -3.146  2.061   1.00 24.29 ? 72  THR A OG1 1 
ATOM   493  C  CG2 . THR A 1 72  ? -0.829  -3.184  -0.342  1.00 17.44 ? 72  THR A CG2 1 
ATOM   494  N  N   . GLY A 1 73  ? 2.376   -1.772  0.823   1.00 23.35 ? 73  GLY A N   1 
ATOM   495  C  CA  . GLY A 1 73  ? 3.627   -2.124  0.164   1.00 25.00 ? 73  GLY A CA  1 
ATOM   496  C  C   . GLY A 1 73  ? 4.511   -3.030  1.011   1.00 26.77 ? 73  GLY A C   1 
ATOM   497  O  O   . GLY A 1 73  ? 4.345   -3.073  2.233   1.00 27.41 ? 73  GLY A O   1 
ATOM   498  N  N   . HIS A 1 74  ? 5.438   -3.766  0.389   1.00 25.12 ? 74  HIS A N   1 
ATOM   499  C  CA  . HIS A 1 74  ? 6.329   -4.650  1.152   1.00 25.19 ? 74  HIS A CA  1 
ATOM   500  C  C   . HIS A 1 74  ? 7.781   -4.654  0.679   1.00 24.64 ? 74  HIS A C   1 
ATOM   501  O  O   . HIS A 1 74  ? 8.045   -4.497  -0.505  1.00 23.03 ? 74  HIS A O   1 
ATOM   502  C  CB  . HIS A 1 74  ? 5.802   -6.100  1.154   1.00 26.01 ? 74  HIS A CB  1 
ATOM   503  C  CG  . HIS A 1 74  ? 5.974   -6.833  -0.148  1.00 25.63 ? 74  HIS A CG  1 
ATOM   504  N  ND1 . HIS A 1 74  ? 5.176   -6.602  -1.248  1.00 28.63 ? 74  HIS A ND1 1 
ATOM   505  C  CD2 . HIS A 1 74  ? 6.814   -7.837  -0.500  1.00 26.20 ? 74  HIS A CD2 1 
ATOM   506  C  CE1 . HIS A 1 74  ? 5.513   -7.433  -2.219  1.00 26.62 ? 74  HIS A CE1 1 
ATOM   507  N  NE2 . HIS A 1 74  ? 6.503   -8.195  -1.793  1.00 24.89 ? 74  HIS A NE2 1 
ATOM   508  N  N   . PHE A 1 75  ? 8.713   -4.821  1.617   1.00 23.80 ? 75  PHE A N   1 
ATOM   509  C  CA  . PHE A 1 75  ? 10.137  -4.880  1.284   1.00 25.12 ? 75  PHE A CA  1 
ATOM   510  C  C   . PHE A 1 75  ? 10.429  -6.260  0.696   1.00 27.69 ? 75  PHE A C   1 
ATOM   511  O  O   . PHE A 1 75  ? 9.777   -7.255  1.047   1.00 28.01 ? 75  PHE A O   1 
ATOM   512  C  CB  . PHE A 1 75  ? 11.020  -4.681  2.535   1.00 23.07 ? 75  PHE A CB  1 
ATOM   513  C  CG  . PHE A 1 75  ? 11.030  -3.272  3.062   1.00 22.33 ? 75  PHE A CG  1 
ATOM   514  C  CD1 . PHE A 1 75  ? 11.397  -2.211  2.232   1.00 22.05 ? 75  PHE A CD1 1 
ATOM   515  C  CD2 . PHE A 1 75  ? 10.667  -3.004  4.387   1.00 22.16 ? 75  PHE A CD2 1 
ATOM   516  C  CE1 . PHE A 1 75  ? 11.410  -0.897  2.699   1.00 22.35 ? 75  PHE A CE1 1 
ATOM   517  C  CE2 . PHE A 1 75  ? 10.672  -1.695  4.880   1.00 24.24 ? 75  PHE A CE2 1 
ATOM   518  C  CZ  . PHE A 1 75  ? 11.046  -0.630  4.025   1.00 24.86 ? 75  PHE A CZ  1 
ATOM   519  N  N   . CYS A 1 76  ? 11.388  -6.319  -0.220  1.00 29.03 ? 76  CYS A N   1 
ATOM   520  C  CA  . CYS A 1 76  ? 11.779  -7.589  -0.815  1.00 31.65 ? 76  CYS A CA  1 
ATOM   521  C  C   . CYS A 1 76  ? 13.254  -7.554  -1.146  1.00 33.01 ? 76  CYS A C   1 
ATOM   522  O  O   . CYS A 1 76  ? 13.879  -6.493  -1.175  1.00 32.82 ? 76  CYS A O   1 
ATOM   523  C  CB  . CYS A 1 76  ? 10.954  -7.916  -2.061  1.00 33.05 ? 76  CYS A CB  1 
ATOM   524  S  SG  . CYS A 1 76  ? 10.206  -6.515  -2.894  1.00 39.80 ? 76  CYS A SG  1 
ATOM   525  N  N   . GLU A 1 77  ? 13.821  -8.728  -1.374  1.00 33.62 ? 77  GLU A N   1 
ATOM   526  C  CA  . GLU A 1 77  ? 15.238  -8.820  -1.659  1.00 32.50 ? 77  GLU A CA  1 
ATOM   527  C  C   . GLU A 1 77  ? 15.555  -9.661  -2.869  1.00 31.11 ? 77  GLU A C   1 
ATOM   528  O  O   . GLU A 1 77  ? 15.110  -10.806 -2.983  1.00 29.69 ? 77  GLU A O   1 
ATOM   529  C  CB  . GLU A 1 77  ? 15.975  -9.428  -0.467  1.00 33.23 ? 77  GLU A CB  1 
ATOM   530  C  CG  . GLU A 1 77  ? 16.261  -8.507  0.690   1.00 32.61 ? 77  GLU A CG  1 
ATOM   531  C  CD  . GLU A 1 77  ? 17.048  -9.230  1.762   1.00 33.81 ? 77  GLU A CD  1 
ATOM   532  O  OE1 . GLU A 1 77  ? 17.870  -8.585  2.452   1.00 32.81 ? 77  GLU A OE1 1 
ATOM   533  O  OE2 . GLU A 1 77  ? 16.832  -10.455 1.897   1.00 31.60 ? 77  GLU A OE2 1 
ATOM   534  N  N   . LEU A 1 78  ? 16.334  -9.075  -3.768  1.00 28.92 ? 78  LEU A N   1 
ATOM   535  C  CA  . LEU A 1 78  ? 16.784  -9.768  -4.954  1.00 26.73 ? 78  LEU A CA  1 
ATOM   536  C  C   . LEU A 1 78  ? 17.981  -10.582 -4.460  1.00 26.63 ? 78  LEU A C   1 
ATOM   537  O  O   . LEU A 1 78  ? 19.049  -10.042 -4.160  1.00 25.19 ? 78  LEU A O   1 
ATOM   538  C  CB  . LEU A 1 78  ? 17.217  -8.765  -6.013  1.00 26.98 ? 78  LEU A CB  1 
ATOM   539  C  CG  . LEU A 1 78  ? 17.832  -9.364  -7.274  1.00 26.57 ? 78  LEU A CG  1 
ATOM   540  C  CD1 . LEU A 1 78  ? 16.754  -10.085 -8.069  1.00 28.05 ? 78  LEU A CD1 1 
ATOM   541  C  CD2 . LEU A 1 78  ? 18.455  -8.254  -8.106  1.00 26.08 ? 78  LEU A CD2 1 
ATOM   542  N  N   . ILE A 1 79  ? 17.773  -11.885 -4.339  1.00 25.79 ? 79  ILE A N   1 
ATOM   543  C  CA  . ILE A 1 79  ? 18.792  -12.804 -3.858  1.00 23.74 ? 79  ILE A CA  1 
ATOM   544  C  C   . ILE A 1 79  ? 19.451  -13.565 -5.001  1.00 24.67 ? 79  ILE A C   1 
ATOM   545  O  O   . ILE A 1 79  ? 18.781  -14.068 -5.919  1.00 27.76 ? 79  ILE A O   1 
ATOM   546  C  CB  . ILE A 1 79  ? 18.171  -13.796 -2.855  1.00 23.91 ? 79  ILE A CB  1 
ATOM   547  C  CG1 . ILE A 1 79  ? 17.813  -13.040 -1.568  1.00 24.09 ? 79  ILE A CG1 1 
ATOM   548  C  CG2 . ILE A 1 79  ? 19.110  -14.954 -2.601  1.00 20.41 ? 79  ILE A CG2 1 
ATOM   549  C  CD1 . ILE A 1 79  ? 17.102  -13.896 -0.522  1.00 30.17 ? 79  ILE A CD1 1 
ATOM   550  N  N   . SER A 1 80  ? 20.774  -13.641 -4.947  1.00 21.59 ? 80  SER A N   1 
ATOM   551  C  CA  . SER A 1 80  ? 21.520  -14.357 -5.960  1.00 20.64 ? 80  SER A CA  1 
ATOM   552  C  C   . SER A 1 80  ? 22.526  -15.273 -5.281  1.00 22.82 ? 80  SER A C   1 
ATOM   553  O  O   . SER A 1 80  ? 22.613  -15.339 -4.048  1.00 22.17 ? 80  SER A O   1 
ATOM   554  C  CB  . SER A 1 80  ? 22.250  -13.386 -6.878  1.00 19.86 ? 80  SER A CB  1 
ATOM   555  O  OG  . SER A 1 80  ? 23.151  -12.562 -6.165  1.00 22.29 ? 80  SER A OG  1 
ATOM   556  N  N   . THR A 1 81  ? 23.273  -16.000 -6.093  1.00 23.20 ? 81  THR A N   1 
ATOM   557  C  CA  . THR A 1 81  ? 24.275  -16.907 -5.575  1.00 25.69 ? 81  THR A CA  1 
ATOM   558  C  C   . THR A 1 81  ? 25.670  -16.322 -5.793  1.00 27.86 ? 81  THR A C   1 
ATOM   559  O  O   . THR A 1 81  ? 26.675  -16.968 -5.492  1.00 28.39 ? 81  THR A O   1 
ATOM   560  C  CB  . THR A 1 81  ? 24.194  -18.258 -6.287  1.00 24.55 ? 81  THR A CB  1 
ATOM   561  O  OG1 . THR A 1 81  ? 24.402  -18.064 -7.690  1.00 27.52 ? 81  THR A OG1 1 
ATOM   562  C  CG2 . THR A 1 81  ? 22.841  -18.892 -6.071  1.00 20.65 ? 81  THR A CG2 1 
ATOM   563  N  N   . VAL A 1 82  ? 25.728  -15.096 -6.303  1.00 28.70 ? 82  VAL A N   1 
ATOM   564  C  CA  . VAL A 1 82  ? 27.010  -14.461 -6.576  1.00 30.29 ? 82  VAL A CA  1 
ATOM   565  C  C   . VAL A 1 82  ? 27.077  -13.003 -6.166  1.00 30.92 ? 82  VAL A C   1 
ATOM   566  O  O   . VAL A 1 82  ? 28.050  -12.319 -6.470  1.00 32.15 ? 82  VAL A O   1 
ATOM   567  C  CB  . VAL A 1 82  ? 27.350  -14.530 -8.069  1.00 30.37 ? 82  VAL A CB  1 
ATOM   568  C  CG1 . VAL A 1 82  ? 27.339  -15.976 -8.531  1.00 29.74 ? 82  VAL A CG1 1 
ATOM   569  C  CG2 . VAL A 1 82  ? 26.352  -13.703 -8.866  1.00 30.43 ? 82  VAL A CG2 1 
ATOM   570  N  N   . SER A 1 83  ? 26.044  -12.518 -5.492  1.00 32.24 ? 83  SER A N   1 
ATOM   571  C  CA  . SER A 1 83  ? 26.029  -11.130 -5.059  1.00 32.78 ? 83  SER A CA  1 
ATOM   572  C  C   . SER A 1 83  ? 25.236  -10.988 -3.787  1.00 34.49 ? 83  SER A C   1 
ATOM   573  O  O   . SER A 1 83  ? 24.314  -11.763 -3.520  1.00 37.00 ? 83  SER A O   1 
ATOM   574  C  CB  . SER A 1 83  ? 25.399  -10.231 -6.125  1.00 31.97 ? 83  SER A CB  1 
ATOM   575  O  OG  . SER A 1 83  ? 26.172  -10.199 -7.312  1.00 35.37 ? 83  SER A OG  1 
ATOM   576  N  N   . LYS A 1 84  ? 25.601  -9.989  -3.002  1.00 35.49 ? 84  LYS A N   1 
ATOM   577  C  CA  . LYS A 1 84  ? 24.897  -9.721  -1.769  1.00 36.30 ? 84  LYS A CA  1 
ATOM   578  C  C   . LYS A 1 84  ? 23.474  -9.296  -2.139  1.00 34.65 ? 84  LYS A C   1 
ATOM   579  O  O   . LYS A 1 84  ? 23.234  -8.756  -3.218  1.00 33.08 ? 84  LYS A O   1 
ATOM   580  C  CB  . LYS A 1 84  ? 25.610  -8.614  -0.980  1.00 38.43 ? 84  LYS A CB  1 
ATOM   581  C  CG  . LYS A 1 84  ? 26.224  -9.085  0.340   1.00 41.72 ? 84  LYS A CG  1 
ATOM   582  C  CD  . LYS A 1 84  ? 27.594  -9.747  0.162   1.00 44.54 ? 84  LYS A CD  1 
ATOM   583  C  CE  . LYS A 1 84  ? 27.793  -10.917 1.142   1.00 45.38 ? 84  LYS A CE  1 
ATOM   584  N  NZ  . LYS A 1 84  ? 27.480  -10.590 2.576   1.00 44.73 ? 84  LYS A NZ  1 
ATOM   585  N  N   . LEU A 1 85  ? 22.536  -9.552  -1.240  1.00 33.29 ? 85  LEU A N   1 
ATOM   586  C  CA  . LEU A 1 85  ? 21.146  -9.206  -1.464  1.00 32.88 ? 85  LEU A CA  1 
ATOM   587  C  C   . LEU A 1 85  ? 20.989  -7.697  -1.711  1.00 31.77 ? 85  LEU A C   1 
ATOM   588  O  O   . LEU A 1 85  ? 21.655  -6.885  -1.072  1.00 30.81 ? 85  LEU A O   1 
ATOM   589  C  CB  . LEU A 1 85  ? 20.319  -9.646  -0.252  1.00 33.44 ? 85  LEU A CB  1 
ATOM   590  C  CG  . LEU A 1 85  ? 20.715  -10.990 0.356   1.00 35.29 ? 85  LEU A CG  1 
ATOM   591  C  CD1 . LEU A 1 85  ? 20.877  -12.026 -0.752  1.00 40.31 ? 85  LEU A CD1 1 
ATOM   592  C  CD2 . LEU A 1 85  ? 22.018  -10.848 1.128   1.00 34.09 ? 85  LEU A CD2 1 
ATOM   593  N  N   . VAL A 1 86  ? 20.117  -7.336  -2.652  1.00 29.36 ? 86  VAL A N   1 
ATOM   594  C  CA  . VAL A 1 86  ? 19.852  -5.940  -2.995  1.00 28.20 ? 86  VAL A CA  1 
ATOM   595  C  C   . VAL A 1 86  ? 18.499  -5.602  -2.409  1.00 29.80 ? 86  VAL A C   1 
ATOM   596  O  O   . VAL A 1 86  ? 17.532  -6.325  -2.621  1.00 32.55 ? 86  VAL A O   1 
ATOM   597  C  CB  . VAL A 1 86  ? 19.772  -5.747  -4.526  1.00 27.15 ? 86  VAL A CB  1 
ATOM   598  C  CG1 . VAL A 1 86  ? 19.722  -4.264  -4.870  1.00 23.80 ? 86  VAL A CG1 1 
ATOM   599  C  CG2 . VAL A 1 86  ? 20.939  -6.423  -5.204  1.00 25.33 ? 86  VAL A CG2 1 
HETATM 600  N  N   . MSE A 1 87  ? 18.415  -4.506  -1.673  1.00 30.97 ? 87  MSE A N   1 
HETATM 601  C  CA  . MSE A 1 87  ? 17.141  -4.149  -1.081  1.00 31.87 ? 87  MSE A CA  1 
HETATM 602  C  C   . MSE A 1 87  ? 16.197  -3.500  -2.085  1.00 32.74 ? 87  MSE A C   1 
HETATM 603  O  O   . MSE A 1 87  ? 16.531  -2.501  -2.725  1.00 31.51 ? 87  MSE A O   1 
HETATM 604  C  CB  . MSE A 1 87  ? 17.343  -3.209  0.105   1.00 34.40 ? 87  MSE A CB  1 
HETATM 605  C  CG  . MSE A 1 87  ? 16.026  -2.737  0.751   1.00 36.40 ? 87  MSE A CG  1 
HETATM 606  SE SE  . MSE A 1 87  ? 15.056  -4.117  1.730   1.00 40.61 ? 87  MSE A SE  1 
HETATM 607  C  CE  . MSE A 1 87  ? 14.847  -3.179  3.406   1.00 32.92 ? 87  MSE A CE  1 
HETATM 608  N  N   . MSE A 1 88  ? 15.011  -4.079  -2.218  1.00 32.38 ? 88  MSE A N   1 
HETATM 609  C  CA  . MSE A 1 88  ? 14.002  -3.550  -3.121  1.00 32.45 ? 88  MSE A CA  1 
HETATM 610  C  C   . MSE A 1 88  ? 12.663  -3.629  -2.426  1.00 29.97 ? 88  MSE A C   1 
HETATM 611  O  O   . MSE A 1 88  ? 12.556  -4.157  -1.317  1.00 30.70 ? 88  MSE A O   1 
HETATM 612  C  CB  . MSE A 1 88  ? 13.951  -4.362  -4.413  1.00 37.10 ? 88  MSE A CB  1 
HETATM 613  C  CG  . MSE A 1 88  ? 15.281  -4.525  -5.108  1.00 42.61 ? 88  MSE A CG  1 
HETATM 614  SE SE  . MSE A 1 88  ? 15.038  -5.340  -6.836  1.00 53.76 ? 88  MSE A SE  1 
HETATM 615  C  CE  . MSE A 1 88  ? 16.849  -5.189  -7.490  1.00 48.91 ? 88  MSE A CE  1 
ATOM   616  N  N   . ALA A 1 89  ? 11.637  -3.110  -3.081  1.00 26.01 ? 89  ALA A N   1 
ATOM   617  C  CA  . ALA A 1 89  ? 10.311  -3.133  -2.505  1.00 25.97 ? 89  ALA A CA  1 
ATOM   618  C  C   . ALA A 1 89  ? 9.233   -3.184  -3.573  1.00 25.22 ? 89  ALA A C   1 
ATOM   619  O  O   . ALA A 1 89  ? 9.510   -3.056  -4.767  1.00 24.17 ? 89  ALA A O   1 
ATOM   620  C  CB  . ALA A 1 89  ? 10.092  -1.907  -1.591  1.00 26.14 ? 89  ALA A CB  1 
ATOM   621  N  N   . THR A 1 90  ? 7.993   -3.352  -3.123  1.00 25.26 ? 90  THR A N   1 
ATOM   622  C  CA  . THR A 1 90  ? 6.846   -3.429  -4.022  1.00 25.42 ? 90  THR A CA  1 
ATOM   623  C  C   . THR A 1 90  ? 5.628   -2.710  -3.430  1.00 24.94 ? 90  THR A C   1 
ATOM   624  O  O   . THR A 1 90  ? 5.290   -2.902  -2.264  1.00 24.80 ? 90  THR A O   1 
ATOM   625  C  CB  . THR A 1 90  ? 6.442   -4.911  -4.289  1.00 25.06 ? 90  THR A CB  1 
ATOM   626  O  OG1 . THR A 1 90  ? 7.610   -5.680  -4.601  1.00 24.83 ? 90  THR A OG1 1 
ATOM   627  C  CG2 . THR A 1 90  ? 5.467   -5.001  -5.453  1.00 21.07 ? 90  THR A CG2 1 
ATOM   628  N  N   . ILE A 1 91  ? 4.986   -1.877  -4.238  1.00 24.13 ? 91  ILE A N   1 
ATOM   629  C  CA  . ILE A 1 91  ? 3.776   -1.186  -3.814  1.00 26.66 ? 91  ILE A CA  1 
ATOM   630  C  C   . ILE A 1 91  ? 2.686   -2.080  -4.384  1.00 27.08 ? 91  ILE A C   1 
ATOM   631  O  O   . ILE A 1 91  ? 2.593   -2.272  -5.599  1.00 26.34 ? 91  ILE A O   1 
ATOM   632  C  CB  . ILE A 1 91  ? 3.692   0.251   -4.399  1.00 27.25 ? 91  ILE A CB  1 
ATOM   633  C  CG1 . ILE A 1 91  ? 4.732   1.137   -3.713  1.00 30.49 ? 91  ILE A CG1 1 
ATOM   634  C  CG2 . ILE A 1 91  ? 2.317   0.840   -4.165  1.00 27.97 ? 91  ILE A CG2 1 
ATOM   635  C  CD1 . ILE A 1 91  ? 4.932   2.486   -4.350  1.00 34.18 ? 91  ILE A CD1 1 
ATOM   636  N  N   . ASP A 1 92  ? 1.881   -2.647  -3.491  1.00 26.91 ? 92  ASP A N   1 
ATOM   637  C  CA  . ASP A 1 92  ? 0.837   -3.569  -3.895  1.00 27.41 ? 92  ASP A CA  1 
ATOM   638  C  C   . ASP A 1 92  ? -0.529  -2.957  -4.244  1.00 27.91 ? 92  ASP A C   1 
ATOM   639  O  O   . ASP A 1 92  ? -0.926  -2.936  -5.409  1.00 25.21 ? 92  ASP A O   1 
ATOM   640  C  CB  . ASP A 1 92  ? 0.686   -4.637  -2.803  1.00 26.45 ? 92  ASP A CB  1 
ATOM   641  C  CG  . ASP A 1 92  ? 1.984   -5.383  -2.542  1.00 29.40 ? 92  ASP A CG  1 
ATOM   642  O  OD1 . ASP A 1 92  ? 2.412   -5.478  -1.365  1.00 26.92 ? 92  ASP A OD1 1 
ATOM   643  O  OD2 . ASP A 1 92  ? 2.576   -5.885  -3.526  1.00 31.89 ? 92  ASP A OD2 1 
ATOM   644  N  N   . GLU A 1 93  ? -1.231  -2.457  -3.232  1.00 29.19 ? 93  GLU A N   1 
ATOM   645  C  CA  . GLU A 1 93  ? -2.559  -1.885  -3.413  1.00 31.52 ? 93  GLU A CA  1 
ATOM   646  C  C   . GLU A 1 93  ? -2.722  -0.461  -2.920  1.00 32.08 ? 93  GLU A C   1 
ATOM   647  O  O   . GLU A 1 93  ? -1.991  0.008   -2.044  1.00 32.49 ? 93  GLU A O   1 
ATOM   648  C  CB  . GLU A 1 93  ? -3.585  -2.754  -2.702  1.00 32.78 ? 93  GLU A CB  1 
ATOM   649  C  CG  . GLU A 1 93  ? -3.601  -4.169  -3.170  1.00 34.49 ? 93  GLU A CG  1 
ATOM   650  C  CD  . GLU A 1 93  ? -3.901  -5.114  -2.045  1.00 38.22 ? 93  GLU A CD  1 
ATOM   651  O  OE1 . GLU A 1 93  ? -3.069  -5.216  -1.105  1.00 37.99 ? 93  GLU A OE1 1 
ATOM   652  O  OE2 . GLU A 1 93  ? -4.974  -5.757  -2.107  1.00 40.23 ? 93  GLU A OE2 1 
ATOM   653  N  N   . LEU A 1 94  ? -3.722  0.213   -3.468  1.00 31.94 ? 94  LEU A N   1 
ATOM   654  C  CA  . LEU A 1 94  ? -3.998  1.585   -3.088  1.00 33.98 ? 94  LEU A CA  1 
ATOM   655  C  C   . LEU A 1 94  ? -5.465  1.857   -3.400  1.00 34.41 ? 94  LEU A C   1 
ATOM   656  O  O   . LEU A 1 94  ? -5.911  1.636   -4.523  1.00 34.74 ? 94  LEU A O   1 
ATOM   657  C  CB  . LEU A 1 94  ? -3.084  2.529   -3.879  1.00 33.86 ? 94  LEU A CB  1 
ATOM   658  C  CG  . LEU A 1 94  ? -2.847  3.939   -3.318  1.00 34.51 ? 94  LEU A CG  1 
ATOM   659  C  CD1 . LEU A 1 94  ? -1.894  4.705   -4.234  1.00 34.32 ? 94  LEU A CD1 1 
ATOM   660  C  CD2 . LEU A 1 94  ? -4.169  4.681   -3.200  1.00 32.55 ? 94  LEU A CD2 1 
ATOM   661  N  N   . TYR A 1 95  ? -6.221  2.328   -2.410  1.00 35.38 ? 95  TYR A N   1 
ATOM   662  C  CA  . TYR A 1 95  ? -7.637  2.608   -2.624  1.00 36.98 ? 95  TYR A CA  1 
ATOM   663  C  C   . TYR A 1 95  ? -8.108  3.909   -2.005  1.00 38.29 ? 95  TYR A C   1 
ATOM   664  O  O   . TYR A 1 95  ? -7.680  4.274   -0.910  1.00 39.40 ? 95  TYR A O   1 
ATOM   665  C  CB  . TYR A 1 95  ? -8.499  1.455   -2.092  1.00 38.36 ? 95  TYR A CB  1 
ATOM   666  C  CG  . TYR A 1 95  ? -9.990  1.719   -2.198  1.00 39.57 ? 95  TYR A CG  1 
ATOM   667  C  CD1 . TYR A 1 95  ? -10.699 2.283   -1.134  1.00 39.74 ? 95  TYR A CD1 1 
ATOM   668  C  CD2 . TYR A 1 95  ? -10.683 1.441   -3.374  1.00 38.84 ? 95  TYR A CD2 1 
ATOM   669  C  CE1 . TYR A 1 95  ? -12.059 2.561   -1.244  1.00 40.99 ? 95  TYR A CE1 1 
ATOM   670  C  CE2 . TYR A 1 95  ? -12.044 1.718   -3.491  1.00 40.46 ? 95  TYR A CE2 1 
ATOM   671  C  CZ  . TYR A 1 95  ? -12.726 2.276   -2.426  1.00 41.37 ? 95  TYR A CZ  1 
ATOM   672  O  OH  . TYR A 1 95  ? -14.070 2.550   -2.542  1.00 43.12 ? 95  TYR A OH  1 
ATOM   673  N  N   . ILE A 1 96  ? -8.995  4.603   -2.717  1.00 39.02 ? 96  ILE A N   1 
ATOM   674  C  CA  . ILE A 1 96  ? -9.557  5.861   -2.235  1.00 40.37 ? 96  ILE A CA  1 
ATOM   675  C  C   . ILE A 1 96  ? -11.068 5.853   -2.439  1.00 42.51 ? 96  ILE A C   1 
ATOM   676  O  O   . ILE A 1 96  ? -11.563 5.417   -3.476  1.00 42.91 ? 96  ILE A O   1 
ATOM   677  C  CB  . ILE A 1 96  ? -8.988  7.098   -2.986  1.00 39.21 ? 96  ILE A CB  1 
ATOM   678  C  CG1 . ILE A 1 96  ? -7.467  6.995   -3.124  1.00 38.57 ? 96  ILE A CG1 1 
ATOM   679  C  CG2 . ILE A 1 96  ? -9.343  8.367   -2.220  1.00 37.37 ? 96  ILE A CG2 1 
ATOM   680  C  CD1 . ILE A 1 96  ? -7.018  6.350   -4.433  1.00 39.58 ? 96  ILE A CD1 1 
ATOM   681  N  N   . GLU A 1 97  ? -11.802 6.325   -1.440  1.00 44.57 ? 97  GLU A N   1 
ATOM   682  C  CA  . GLU A 1 97  ? -13.250 6.378   -1.538  1.00 45.11 ? 97  GLU A CA  1 
ATOM   683  C  C   . GLU A 1 97  ? -13.590 7.201   -2.761  1.00 45.73 ? 97  GLU A C   1 
ATOM   684  O  O   . GLU A 1 97  ? -12.972 8.243   -2.996  1.00 45.74 ? 97  GLU A O   1 
ATOM   685  C  CB  . GLU A 1 97  ? -13.832 7.036   -0.299  1.00 45.46 ? 97  GLU A CB  1 
ATOM   686  C  CG  . GLU A 1 97  ? -13.594 6.248   0.970   1.00 45.14 ? 97  GLU A CG  1 
ATOM   687  C  CD  . GLU A 1 97  ? -14.461 5.009   1.051   1.00 46.13 ? 97  GLU A CD  1 
ATOM   688  O  OE1 . GLU A 1 97  ? -14.564 4.431   2.155   1.00 44.61 ? 97  GLU A OE1 1 
ATOM   689  O  OE2 . GLU A 1 97  ? -15.032 4.607   0.010   1.00 47.23 ? 97  GLU A OE2 1 
ATOM   690  N  N   . LYS A 1 98  ? -14.569 6.732   -3.534  1.00 46.95 ? 98  LYS A N   1 
ATOM   691  C  CA  . LYS A 1 98  ? -14.995 7.412   -4.759  1.00 47.68 ? 98  LYS A CA  1 
ATOM   692  C  C   . LYS A 1 98  ? -15.404 8.855   -4.454  1.00 48.74 ? 98  LYS A C   1 
ATOM   693  O  O   . LYS A 1 98  ? -15.417 9.715   -5.335  1.00 49.79 ? 98  LYS A O   1 
ATOM   694  C  CB  . LYS A 1 98  ? -16.156 6.642   -5.418  1.00 46.07 ? 98  LYS A CB  1 
ATOM   695  C  CG  . LYS A 1 98  ? -15.794 5.193   -5.828  1.00 45.53 ? 98  LYS A CG  1 
ATOM   696  C  CD  . LYS A 1 98  ? -16.738 4.588   -6.893  1.00 45.55 ? 98  LYS A CD  1 
ATOM   697  C  CE  . LYS A 1 98  ? -16.636 5.332   -8.246  1.00 48.34 ? 98  LYS A CE  1 
ATOM   698  N  NZ  . LYS A 1 98  ? -17.507 4.819   -9.377  1.00 48.54 ? 98  LYS A NZ  1 
ATOM   699  N  N   . GLU A 1 99  ? -15.701 9.121   -3.187  1.00 52.08 ? 99  GLU A N   1 
ATOM   700  C  CA  . GLU A 1 99  ? -16.107 10.449  -2.757  1.00 54.37 ? 99  GLU A CA  1 
ATOM   701  C  C   . GLU A 1 99  ? -14.904 11.346  -2.445  1.00 54.91 ? 99  GLU A C   1 
ATOM   702  O  O   . GLU A 1 99  ? -15.044 12.566  -2.328  1.00 55.21 ? 99  GLU A O   1 
ATOM   703  C  CB  . GLU A 1 99  ? -16.994 10.323  -1.522  1.00 56.79 ? 99  GLU A CB  1 
ATOM   704  C  CG  . GLU A 1 99  ? -17.617 11.620  -1.064  1.00 59.95 ? 99  GLU A CG  1 
ATOM   705  C  CD  . GLU A 1 99  ? -18.097 11.543  0.362   1.00 61.44 ? 99  GLU A CD  1 
ATOM   706  O  OE1 . GLU A 1 99  ? -18.931 10.659  0.653   1.00 63.47 ? 99  GLU A OE1 1 
ATOM   707  O  OE2 . GLU A 1 99  ? -17.631 12.357  1.187   1.00 61.75 ? 99  GLU A OE2 1 
ATOM   708  N  N   . TYR A 1 100 ? -13.724 10.746  -2.320  1.00 55.55 ? 100 TYR A N   1 
ATOM   709  C  CA  . TYR A 1 100 ? -12.523 11.513  -2.003  1.00 54.51 ? 100 TYR A CA  1 
ATOM   710  C  C   . TYR A 1 100 ? -11.421 11.512  -3.065  1.00 54.78 ? 100 TYR A C   1 
ATOM   711  O  O   . TYR A 1 100 ? -10.313 12.004  -2.819  1.00 53.76 ? 100 TYR A O   1 
ATOM   712  C  CB  . TYR A 1 100 ? -11.956 11.033  -0.668  1.00 53.92 ? 100 TYR A CB  1 
ATOM   713  C  CG  . TYR A 1 100 ? -12.769 11.488  0.520   1.00 53.62 ? 100 TYR A CG  1 
ATOM   714  C  CD1 . TYR A 1 100 ? -12.411 12.627  1.237   1.00 54.04 ? 100 TYR A CD1 1 
ATOM   715  C  CD2 . TYR A 1 100 ? -13.917 10.795  0.911   1.00 54.22 ? 100 TYR A CD2 1 
ATOM   716  C  CE1 . TYR A 1 100 ? -13.176 13.069  2.317   1.00 53.86 ? 100 TYR A CE1 1 
ATOM   717  C  CE2 . TYR A 1 100 ? -14.691 11.229  1.988   1.00 53.76 ? 100 TYR A CE2 1 
ATOM   718  C  CZ  . TYR A 1 100 ? -14.310 12.367  2.684   1.00 53.04 ? 100 TYR A CZ  1 
ATOM   719  O  OH  . TYR A 1 100 ? -15.067 12.806  3.744   1.00 51.59 ? 100 TYR A OH  1 
ATOM   720  N  N   . ARG A 1 101 ? -11.712 10.965  -4.239  1.00 54.67 ? 101 ARG A N   1 
ATOM   721  C  CA  . ARG A 1 101 ? -10.719 10.948  -5.308  1.00 56.02 ? 101 ARG A CA  1 
ATOM   722  C  C   . ARG A 1 101 ? -10.583 12.356  -5.887  1.00 58.03 ? 101 ARG A C   1 
ATOM   723  O  O   . ARG A 1 101 ? -11.363 13.248  -5.549  1.00 57.36 ? 101 ARG A O   1 
ATOM   724  C  CB  . ARG A 1 101 ? -11.120 9.955   -6.405  1.00 54.89 ? 101 ARG A CB  1 
ATOM   725  C  CG  . ARG A 1 101 ? -10.533 8.571   -6.203  1.00 53.75 ? 101 ARG A CG  1 
ATOM   726  C  CD  . ARG A 1 101 ? -11.551 7.554   -5.712  1.00 52.95 ? 101 ARG A CD  1 
ATOM   727  N  NE  . ARG A 1 101 ? -12.257 6.895   -6.807  1.00 52.97 ? 101 ARG A NE  1 
ATOM   728  C  CZ  . ARG A 1 101 ? -12.803 5.687   -6.710  1.00 53.50 ? 101 ARG A CZ  1 
ATOM   729  N  NH1 . ARG A 1 101 ? -12.720 5.015   -5.571  1.00 53.32 ? 101 ARG A NH1 1 
ATOM   730  N  NH2 . ARG A 1 101 ? -13.430 5.142   -7.748  1.00 53.77 ? 101 ARG A NH2 1 
ATOM   731  N  N   . ARG A 1 102 ? -9.592  12.558  -6.752  1.00 59.84 ? 102 ARG A N   1 
ATOM   732  C  CA  . ARG A 1 102 ? -9.373  13.871  -7.352  1.00 61.66 ? 102 ARG A CA  1 
ATOM   733  C  C   . ARG A 1 102 ? -9.115  14.913  -6.263  1.00 62.24 ? 102 ARG A C   1 
ATOM   734  O  O   . ARG A 1 102 ? -9.529  16.067  -6.383  1.00 61.60 ? 102 ARG A O   1 
ATOM   735  C  CB  . ARG A 1 102 ? -10.596 14.291  -8.175  1.00 63.06 ? 102 ARG A CB  1 
ATOM   736  C  CG  . ARG A 1 102 ? -10.572 13.861  -9.634  1.00 65.07 ? 102 ARG A CG  1 
ATOM   737  C  CD  . ARG A 1 102 ? -9.875  14.906  -10.499 1.00 67.20 ? 102 ARG A CD  1 
ATOM   738  N  NE  . ARG A 1 102 ? -8.517  15.191  -10.037 1.00 68.03 ? 102 ARG A NE  1 
ATOM   739  C  CZ  . ARG A 1 102 ? -7.707  16.093  -10.586 1.00 67.77 ? 102 ARG A CZ  1 
ATOM   740  N  NH1 . ARG A 1 102 ? -8.108  16.814  -11.626 1.00 67.07 ? 102 ARG A NH1 1 
ATOM   741  N  NH2 . ARG A 1 102 ? -6.490  16.271  -10.090 1.00 67.46 ? 102 ARG A NH2 1 
ATOM   742  N  N   . GLU A 1 103 ? -8.430  14.505  -5.199  1.00 62.57 ? 103 GLU A N   1 
ATOM   743  C  CA  . GLU A 1 103 ? -8.141  15.420  -4.099  1.00 62.42 ? 103 GLU A CA  1 
ATOM   744  C  C   . GLU A 1 103 ? -6.686  15.327  -3.633  1.00 61.23 ? 103 GLU A C   1 
ATOM   745  O  O   . GLU A 1 103 ? -6.312  15.909  -2.612  1.00 60.93 ? 103 GLU A O   1 
ATOM   746  C  CB  . GLU A 1 103 ? -9.100  15.133  -2.938  1.00 64.44 ? 103 GLU A CB  1 
ATOM   747  C  CG  . GLU A 1 103 ? -9.080  16.153  -1.810  1.00 66.63 ? 103 GLU A CG  1 
ATOM   748  C  CD  . GLU A 1 103 ? -10.336 16.084  -0.967  1.00 68.92 ? 103 GLU A CD  1 
ATOM   749  O  OE1 . GLU A 1 103 ? -10.447 16.849  0.018   1.00 69.72 ? 103 GLU A OE1 1 
ATOM   750  O  OE2 . GLU A 1 103 ? -11.221 15.263  -1.299  1.00 69.23 ? 103 GLU A OE2 1 
ATOM   751  N  N   . GLY A 1 104 ? -5.874  14.589  -4.388  1.00 59.63 ? 104 GLY A N   1 
ATOM   752  C  CA  . GLY A 1 104 ? -4.465  14.444  -4.064  1.00 56.80 ? 104 GLY A CA  1 
ATOM   753  C  C   . GLY A 1 104 ? -4.146  13.518  -2.906  1.00 55.50 ? 104 GLY A C   1 
ATOM   754  O  O   . GLY A 1 104 ? -3.013  13.493  -2.424  1.00 55.13 ? 104 GLY A O   1 
ATOM   755  N  N   . VAL A 1 105 ? -5.139  12.759  -2.452  1.00 54.45 ? 105 VAL A N   1 
ATOM   756  C  CA  . VAL A 1 105 ? -4.944  11.828  -1.350  1.00 53.12 ? 105 VAL A CA  1 
ATOM   757  C  C   . VAL A 1 105 ? -4.024  10.675  -1.769  1.00 52.64 ? 105 VAL A C   1 
ATOM   758  O  O   . VAL A 1 105 ? -3.309  10.102  -0.945  1.00 51.99 ? 105 VAL A O   1 
ATOM   759  C  CB  . VAL A 1 105 ? -6.296  11.274  -0.865  1.00 52.76 ? 105 VAL A CB  1 
ATOM   760  C  CG1 . VAL A 1 105 ? -6.100  10.442  0.391   1.00 53.16 ? 105 VAL A CG1 1 
ATOM   761  C  CG2 . VAL A 1 105 ? -7.248  12.425  -0.602  1.00 52.10 ? 105 VAL A CG2 1 
ATOM   762  N  N   . ALA A 1 106 ? -4.039  10.347  -3.058  1.00 52.04 ? 106 ALA A N   1 
ATOM   763  C  CA  . ALA A 1 106 ? -3.187  9.285   -3.578  1.00 51.54 ? 106 ALA A CA  1 
ATOM   764  C  C   . ALA A 1 106 ? -1.720  9.705   -3.459  1.00 51.50 ? 106 ALA A C   1 
ATOM   765  O  O   . ALA A 1 106 ? -0.904  8.948   -2.932  1.00 52.35 ? 106 ALA A O   1 
ATOM   766  C  CB  . ALA A 1 106 ? -3.533  8.995   -5.028  1.00 52.17 ? 106 ALA A CB  1 
ATOM   767  N  N   . GLU A 1 107 ? -1.394  10.913  -3.937  1.00 49.99 ? 107 GLU A N   1 
ATOM   768  C  CA  . GLU A 1 107 ? -0.022  11.430  -3.879  1.00 48.19 ? 107 GLU A CA  1 
ATOM   769  C  C   . GLU A 1 107 ? 0.496   11.469  -2.454  1.00 46.92 ? 107 GLU A C   1 
ATOM   770  O  O   . GLU A 1 107 ? 1.642   11.108  -2.210  1.00 49.32 ? 107 GLU A O   1 
ATOM   771  C  CB  . GLU A 1 107 ? 0.087   12.842  -4.501  1.00 49.01 ? 107 GLU A CB  1 
ATOM   772  C  CG  . GLU A 1 107 ? 1.490   13.503  -4.337  1.00 52.42 ? 107 GLU A CG  1 
ATOM   773  C  CD  . GLU A 1 107 ? 1.804   14.641  -5.339  1.00 54.41 ? 107 GLU A CD  1 
ATOM   774  O  OE1 . GLU A 1 107 ? 1.931   14.366  -6.560  1.00 56.69 ? 107 GLU A OE1 1 
ATOM   775  O  OE2 . GLU A 1 107 ? 1.946   15.812  -4.903  1.00 54.87 ? 107 GLU A OE2 1 
ATOM   776  N  N   . GLN A 1 108 ? -0.333  11.900  -1.511  1.00 45.43 ? 108 GLN A N   1 
ATOM   777  C  CA  . GLN A 1 108 ? 0.123   11.952  -0.128  1.00 46.00 ? 108 GLN A CA  1 
ATOM   778  C  C   . GLN A 1 108 ? 0.329   10.550  0.456   1.00 44.97 ? 108 GLN A C   1 
ATOM   779  O  O   . GLN A 1 108 ? 1.018   10.393  1.466   1.00 45.72 ? 108 GLN A O   1 
ATOM   780  C  CB  . GLN A 1 108 ? -0.839  12.785  0.729   1.00 46.32 ? 108 GLN A CB  1 
ATOM   781  C  CG  . GLN A 1 108 ? -2.302  12.491  0.511   1.00 47.66 ? 108 GLN A CG  1 
ATOM   782  C  CD  . GLN A 1 108 ? -3.208  13.557  1.110   1.00 49.03 ? 108 GLN A CD  1 
ATOM   783  O  OE1 . GLN A 1 108 ? -3.074  14.746  0.811   1.00 48.46 ? 108 GLN A OE1 1 
ATOM   784  N  NE2 . GLN A 1 108 ? -4.148  13.132  1.948   1.00 49.69 ? 108 GLN A NE2 1 
ATOM   785  N  N   . LEU A 1 109 ? -0.253  9.537   -0.189  1.00 43.80 ? 109 LEU A N   1 
ATOM   786  C  CA  . LEU A 1 109 ? -0.086  8.151   0.250   1.00 41.86 ? 109 LEU A CA  1 
ATOM   787  C  C   . LEU A 1 109 ? 1.172   7.584   -0.415  1.00 41.86 ? 109 LEU A C   1 
ATOM   788  O  O   . LEU A 1 109 ? 1.986   6.932   0.232   1.00 41.33 ? 109 LEU A O   1 
ATOM   789  C  CB  . LEU A 1 109 ? -1.308  7.308   -0.132  1.00 39.67 ? 109 LEU A CB  1 
ATOM   790  C  CG  . LEU A 1 109 ? -2.590  7.513   0.682   1.00 37.79 ? 109 LEU A CG  1 
ATOM   791  C  CD1 . LEU A 1 109 ? -3.728  6.750   0.035   1.00 37.15 ? 109 LEU A CD1 1 
ATOM   792  C  CD2 . LEU A 1 109 ? -2.385  7.045   2.107   1.00 37.27 ? 109 LEU A CD2 1 
HETATM 793  N  N   . MSE A 1 110 ? 1.324   7.838   -1.710  1.00 42.72 ? 110 MSE A N   1 
HETATM 794  C  CA  . MSE A 1 110 ? 2.496   7.384   -2.447  1.00 45.57 ? 110 MSE A CA  1 
HETATM 795  C  C   . MSE A 1 110 ? 3.714   8.108   -1.890  1.00 45.17 ? 110 MSE A C   1 
HETATM 796  O  O   . MSE A 1 110 ? 4.831   7.593   -1.916  1.00 42.57 ? 110 MSE A O   1 
HETATM 797  C  CB  . MSE A 1 110 ? 2.361   7.720   -3.936  1.00 50.28 ? 110 MSE A CB  1 
HETATM 798  C  CG  . MSE A 1 110 ? 1.560   6.711   -4.766  1.00 56.79 ? 110 MSE A CG  1 
HETATM 799  SE SE  . MSE A 1 110 ? 2.477   4.983   -4.945  1.00 68.94 ? 110 MSE A SE  1 
HETATM 800  C  CE  . MSE A 1 110 ? 4.307   5.654   -4.990  1.00 62.79 ? 110 MSE A CE  1 
HETATM 801  N  N   . MSE A 1 111 ? 3.474   9.321   -1.400  1.00 45.02 ? 111 MSE A N   1 
HETATM 802  C  CA  . MSE A 1 111 ? 4.516   10.171  -0.835  1.00 45.45 ? 111 MSE A CA  1 
HETATM 803  C  C   . MSE A 1 111 ? 5.033   9.581   0.471   1.00 41.95 ? 111 MSE A C   1 
HETATM 804  O  O   . MSE A 1 111 ? 6.235   9.601   0.754   1.00 39.75 ? 111 MSE A O   1 
HETATM 805  C  CB  . MSE A 1 111 ? 3.955   11.572  -0.570  1.00 52.45 ? 111 MSE A CB  1 
HETATM 806  C  CG  . MSE A 1 111 ? 4.829   12.715  -1.086  1.00 60.45 ? 111 MSE A CG  1 
HETATM 807  SE SE  . MSE A 1 111 ? 4.924   12.785  -3.035  1.00 72.77 ? 111 MSE A SE  1 
HETATM 808  C  CE  . MSE A 1 111 ? 6.502   11.688  -3.309  1.00 68.85 ? 111 MSE A CE  1 
ATOM   809  N  N   . ARG A 1 112 ? 4.106   9.068   1.271   1.00 38.33 ? 112 ARG A N   1 
ATOM   810  C  CA  . ARG A 1 112 ? 4.452   8.477   2.550   1.00 34.97 ? 112 ARG A CA  1 
ATOM   811  C  C   . ARG A 1 112 ? 5.253   7.182   2.362   1.00 33.90 ? 112 ARG A C   1 
ATOM   812  O  O   . ARG A 1 112 ? 6.366   7.055   2.873   1.00 31.80 ? 112 ARG A O   1 
ATOM   813  C  CB  . ARG A 1 112 ? 3.180   8.183   3.352   1.00 32.76 ? 112 ARG A CB  1 
ATOM   814  C  CG  . ARG A 1 112 ? 3.444   7.632   4.745   1.00 32.43 ? 112 ARG A CG  1 
ATOM   815  C  CD  . ARG A 1 112 ? 4.060   8.690   5.660   1.00 33.84 ? 112 ARG A CD  1 
ATOM   816  N  NE  . ARG A 1 112 ? 4.506   8.143   6.942   1.00 32.62 ? 112 ARG A NE  1 
ATOM   817  C  CZ  . ARG A 1 112 ? 5.447   7.206   7.068   1.00 31.94 ? 112 ARG A CZ  1 
ATOM   818  N  NH1 . ARG A 1 112 ? 6.051   6.704   5.992   1.00 29.77 ? 112 ARG A NH1 1 
ATOM   819  N  NH2 . ARG A 1 112 ? 5.789   6.771   8.272   1.00 29.00 ? 112 ARG A NH2 1 
ATOM   820  N  N   . ILE A 1 113 ? 4.699   6.227   1.619   1.00 33.66 ? 113 ILE A N   1 
ATOM   821  C  CA  . ILE A 1 113 ? 5.398   4.967   1.426   1.00 35.52 ? 113 ILE A CA  1 
ATOM   822  C  C   . ILE A 1 113 ? 6.816   5.133   0.871   1.00 38.50 ? 113 ILE A C   1 
ATOM   823  O  O   . ILE A 1 113 ? 7.723   4.376   1.244   1.00 39.42 ? 113 ILE A O   1 
ATOM   824  C  CB  . ILE A 1 113 ? 4.579   3.984   0.538   1.00 34.04 ? 113 ILE A CB  1 
ATOM   825  C  CG1 . ILE A 1 113 ? 5.274   2.612   0.539   1.00 34.15 ? 113 ILE A CG1 1 
ATOM   826  C  CG2 . ILE A 1 113 ? 4.412   4.529   -0.874  1.00 28.58 ? 113 ILE A CG2 1 
ATOM   827  C  CD1 . ILE A 1 113 ? 4.374   1.442   0.139   1.00 35.83 ? 113 ILE A CD1 1 
ATOM   828  N  N   . GLU A 1 114 ? 7.014   6.120   -0.005  1.00 39.91 ? 114 GLU A N   1 
ATOM   829  C  CA  . GLU A 1 114 ? 8.334   6.374   -0.583  1.00 40.84 ? 114 GLU A CA  1 
ATOM   830  C  C   . GLU A 1 114 ? 9.270   6.956   0.479   1.00 40.57 ? 114 GLU A C   1 
ATOM   831  O  O   . GLU A 1 114 ? 10.480  6.767   0.423   1.00 40.89 ? 114 GLU A O   1 
ATOM   832  C  CB  . GLU A 1 114 ? 8.235   7.354   -1.753  1.00 42.80 ? 114 GLU A CB  1 
ATOM   833  C  CG  . GLU A 1 114 ? 7.384   6.893   -2.927  1.00 45.61 ? 114 GLU A CG  1 
ATOM   834  C  CD  . GLU A 1 114 ? 7.289   7.952   -4.023  1.00 46.78 ? 114 GLU A CD  1 
ATOM   835  O  OE1 . GLU A 1 114 ? 6.524   7.756   -4.993  1.00 45.66 ? 114 GLU A OE1 1 
ATOM   836  O  OE2 . GLU A 1 114 ? 7.980   8.986   -3.910  1.00 46.57 ? 114 GLU A OE2 1 
ATOM   837  N  N   . GLN A 1 115 ? 8.711   7.666   1.448   1.00 39.55 ? 115 GLN A N   1 
ATOM   838  C  CA  . GLN A 1 115 ? 9.532   8.239   2.499   1.00 39.66 ? 115 GLN A CA  1 
ATOM   839  C  C   . GLN A 1 115 ? 10.238  7.105   3.228   1.00 38.05 ? 115 GLN A C   1 
ATOM   840  O  O   . GLN A 1 115 ? 11.461  7.104   3.345   1.00 37.90 ? 115 GLN A O   1 
ATOM   841  C  CB  . GLN A 1 115 ? 8.663   9.022   3.470   1.00 42.15 ? 115 GLN A CB  1 
ATOM   842  C  CG  . GLN A 1 115 ? 9.430   9.801   4.515   1.00 45.70 ? 115 GLN A CG  1 
ATOM   843  C  CD  . GLN A 1 115 ? 8.500   10.371  5.572   1.00 49.28 ? 115 GLN A CD  1 
ATOM   844  O  OE1 . GLN A 1 115 ? 7.976   9.635   6.410   1.00 50.59 ? 115 GLN A OE1 1 
ATOM   845  N  NE2 . GLN A 1 115 ? 8.275   11.684  5.528   1.00 48.96 ? 115 GLN A NE2 1 
ATOM   846  N  N   . GLU A 1 116 ? 9.459   6.143   3.718   1.00 37.60 ? 116 GLU A N   1 
ATOM   847  C  CA  . GLU A 1 116 ? 10.004  4.989   4.430   1.00 35.81 ? 116 GLU A CA  1 
ATOM   848  C  C   . GLU A 1 116 ? 10.893  4.147   3.520   1.00 34.50 ? 116 GLU A C   1 
ATOM   849  O  O   . GLU A 1 116 ? 11.911  3.602   3.951   1.00 32.47 ? 116 GLU A O   1 
ATOM   850  C  CB  . GLU A 1 116 ? 8.871   4.131   4.981   1.00 35.71 ? 116 GLU A CB  1 
ATOM   851  C  CG  . GLU A 1 116 ? 8.420   4.553   6.366   1.00 37.45 ? 116 GLU A CG  1 
ATOM   852  C  CD  . GLU A 1 116 ? 9.321   4.017   7.460   1.00 37.50 ? 116 GLU A CD  1 
ATOM   853  O  OE1 . GLU A 1 116 ? 9.267   2.799   7.731   1.00 35.31 ? 116 GLU A OE1 1 
ATOM   854  O  OE2 . GLU A 1 116 ? 10.094  4.809   8.038   1.00 41.54 ? 116 GLU A OE2 1 
ATOM   855  N  N   . LEU A 1 117 ? 10.498  4.042   2.258   1.00 33.22 ? 117 LEU A N   1 
ATOM   856  C  CA  . LEU A 1 117 ? 11.264  3.285   1.287   1.00 33.12 ? 117 LEU A CA  1 
ATOM   857  C  C   . LEU A 1 117 ? 12.646  3.893   1.101   1.00 33.88 ? 117 LEU A C   1 
ATOM   858  O  O   . LEU A 1 117 ? 13.655  3.203   1.237   1.00 32.84 ? 117 LEU A O   1 
ATOM   859  C  CB  . LEU A 1 117 ? 10.522  3.275   -0.041  1.00 32.67 ? 117 LEU A CB  1 
ATOM   860  C  CG  . LEU A 1 117 ? 10.076  1.879   -0.463  1.00 34.42 ? 117 LEU A CG  1 
ATOM   861  C  CD1 . LEU A 1 117 ? 9.582   1.083   0.753   1.00 34.15 ? 117 LEU A CD1 1 
ATOM   862  C  CD2 . LEU A 1 117 ? 8.984   2.009   -1.511  1.00 32.93 ? 117 LEU A CD2 1 
ATOM   863  N  N   . LYS A 1 118 ? 12.668  5.188   0.781   1.00 34.43 ? 118 LYS A N   1 
ATOM   864  C  CA  . LYS A 1 118 ? 13.894  5.939   0.559   1.00 33.90 ? 118 LYS A CA  1 
ATOM   865  C  C   . LYS A 1 118 ? 14.857  5.847   1.726   1.00 34.17 ? 118 LYS A C   1 
ATOM   866  O  O   . LYS A 1 118 ? 16.053  5.595   1.539   1.00 33.38 ? 118 LYS A O   1 
ATOM   867  C  CB  . LYS A 1 118 ? 13.588  7.418   0.309   1.00 37.44 ? 118 LYS A CB  1 
ATOM   868  C  CG  . LYS A 1 118 ? 13.522  7.821   -1.167  1.00 42.09 ? 118 LYS A CG  1 
ATOM   869  C  CD  . LYS A 1 118 ? 12.119  7.709   -1.763  1.00 43.56 ? 118 LYS A CD  1 
ATOM   870  C  CE  . LYS A 1 118 ? 11.246  8.911   -1.395  1.00 45.34 ? 118 LYS A CE  1 
ATOM   871  N  NZ  . LYS A 1 118 ? 11.797  10.196  -1.930  1.00 47.35 ? 118 LYS A NZ  1 
ATOM   872  N  N   . ASP A 1 119 ? 14.357  6.060   2.937   1.00 33.16 ? 119 ASP A N   1 
ATOM   873  C  CA  . ASP A 1 119 ? 15.256  5.992   4.071   1.00 33.01 ? 119 ASP A CA  1 
ATOM   874  C  C   . ASP A 1 119 ? 15.623  4.556   4.455   1.00 30.03 ? 119 ASP A C   1 
ATOM   875  O  O   . ASP A 1 119 ? 16.393  4.341   5.383   1.00 32.04 ? 119 ASP A O   1 
ATOM   876  C  CB  . ASP A 1 119 ? 14.694  6.815   5.247   1.00 36.55 ? 119 ASP A CB  1 
ATOM   877  C  CG  . ASP A 1 119 ? 13.396  6.279   5.765   1.00 38.44 ? 119 ASP A CG  1 
ATOM   878  O  OD1 . ASP A 1 119 ? 12.671  7.036   6.447   1.00 37.58 ? 119 ASP A OD1 1 
ATOM   879  O  OD2 . ASP A 1 119 ? 13.109  5.096   5.496   1.00 42.26 ? 119 ASP A OD2 1 
ATOM   880  N  N   . TYR A 1 120 ? 15.082  3.580   3.724   1.00 28.13 ? 120 TYR A N   1 
ATOM   881  C  CA  . TYR A 1 120 ? 15.408  2.166   3.947   1.00 26.23 ? 120 TYR A CA  1 
ATOM   882  C  C   . TYR A 1 120 ? 16.353  1.697   2.838   1.00 28.13 ? 120 TYR A C   1 
ATOM   883  O  O   . TYR A 1 120 ? 16.570  0.495   2.643   1.00 28.99 ? 120 TYR A O   1 
ATOM   884  C  CB  . TYR A 1 120 ? 14.164  1.270   3.921   1.00 21.68 ? 120 TYR A CB  1 
ATOM   885  C  CG  . TYR A 1 120 ? 13.672  0.896   5.293   1.00 18.74 ? 120 TYR A CG  1 
ATOM   886  C  CD1 . TYR A 1 120 ? 12.819  1.740   5.995   1.00 16.37 ? 120 TYR A CD1 1 
ATOM   887  C  CD2 . TYR A 1 120 ? 14.126  -0.267  5.925   1.00 19.57 ? 120 TYR A CD2 1 
ATOM   888  C  CE1 . TYR A 1 120 ? 12.433  1.455   7.297   1.00 16.60 ? 120 TYR A CE1 1 
ATOM   889  C  CE2 . TYR A 1 120 ? 13.750  -0.576  7.233   1.00 17.45 ? 120 TYR A CE2 1 
ATOM   890  C  CZ  . TYR A 1 120 ? 12.899  0.298   7.913   1.00 17.79 ? 120 TYR A CZ  1 
ATOM   891  O  OH  . TYR A 1 120 ? 12.516  0.003   9.205   1.00 13.01 ? 120 TYR A OH  1 
ATOM   892  N  N   . GLY A 1 121 ? 16.889  2.661   2.096   1.00 28.84 ? 121 GLY A N   1 
ATOM   893  C  CA  . GLY A 1 121 ? 17.802  2.363   1.008   1.00 31.02 ? 121 GLY A CA  1 
ATOM   894  C  C   . GLY A 1 121 ? 17.307  1.423   -0.079  1.00 31.45 ? 121 GLY A C   1 
ATOM   895  O  O   . GLY A 1 121 ? 18.050  0.540   -0.507  1.00 31.62 ? 121 GLY A O   1 
ATOM   896  N  N   . VAL A 1 122 ? 16.069  1.586   -0.537  1.00 31.99 ? 122 VAL A N   1 
ATOM   897  C  CA  . VAL A 1 122 ? 15.578  0.701   -1.597  1.00 33.99 ? 122 VAL A CA  1 
ATOM   898  C  C   . VAL A 1 122 ? 16.166  1.088   -2.950  1.00 35.23 ? 122 VAL A C   1 
ATOM   899  O  O   . VAL A 1 122 ? 16.155  2.258   -3.340  1.00 35.53 ? 122 VAL A O   1 
ATOM   900  C  CB  . VAL A 1 122 ? 14.035  0.696   -1.713  1.00 32.80 ? 122 VAL A CB  1 
ATOM   901  C  CG1 . VAL A 1 122 ? 13.420  0.208   -0.407  1.00 30.38 ? 122 VAL A CG1 1 
ATOM   902  C  CG2 . VAL A 1 122 ? 13.535  2.080   -2.091  1.00 35.53 ? 122 VAL A CG2 1 
ATOM   903  N  N   . LYS A 1 123 ? 16.674  0.091   -3.663  1.00 35.51 ? 123 LYS A N   1 
ATOM   904  C  CA  . LYS A 1 123 ? 17.290  0.326   -4.957  1.00 34.83 ? 123 LYS A CA  1 
ATOM   905  C  C   . LYS A 1 123 ? 16.260  0.345   -6.070  1.00 35.73 ? 123 LYS A C   1 
ATOM   906  O  O   . LYS A 1 123 ? 16.290  1.231   -6.922  1.00 37.34 ? 123 LYS A O   1 
ATOM   907  C  CB  . LYS A 1 123 ? 18.337  -0.748  -5.232  1.00 35.68 ? 123 LYS A CB  1 
ATOM   908  C  CG  . LYS A 1 123 ? 19.329  -0.951  -4.078  1.00 34.60 ? 123 LYS A CG  1 
ATOM   909  C  CD  . LYS A 1 123 ? 19.941  0.363   -3.622  1.00 32.62 ? 123 LYS A CD  1 
ATOM   910  C  CE  . LYS A 1 123 ? 21.021  0.121   -2.587  1.00 34.39 ? 123 LYS A CE  1 
ATOM   911  N  NZ  . LYS A 1 123 ? 21.558  1.393   -2.016  1.00 35.13 ? 123 LYS A NZ  1 
ATOM   912  N  N   . GLU A 1 124 ? 15.351  -0.631  -6.060  1.00 35.46 ? 124 GLU A N   1 
ATOM   913  C  CA  . GLU A 1 124 ? 14.299  -0.726  -7.072  1.00 34.92 ? 124 GLU A CA  1 
ATOM   914  C  C   . GLU A 1 124 ? 12.893  -0.796  -6.470  1.00 34.84 ? 124 GLU A C   1 
ATOM   915  O  O   . GLU A 1 124 ? 12.696  -1.375  -5.406  1.00 33.97 ? 124 GLU A O   1 
ATOM   916  C  CB  . GLU A 1 124 ? 14.528  -1.954  -7.961  1.00 34.39 ? 124 GLU A CB  1 
ATOM   917  C  CG  . GLU A 1 124 ? 15.811  -1.910  -8.788  1.00 35.82 ? 124 GLU A CG  1 
ATOM   918  C  CD  . GLU A 1 124 ? 15.982  -0.597  -9.534  1.00 36.56 ? 124 GLU A CD  1 
ATOM   919  O  OE1 . GLU A 1 124 ? 14.986  -0.134  -10.135 1.00 37.55 ? 124 GLU A OE1 1 
ATOM   920  O  OE2 . GLU A 1 124 ? 17.109  -0.040  -9.530  1.00 34.80 ? 124 GLU A OE2 1 
ATOM   921  N  N   . ILE A 1 125 ? 11.925  -0.205  -7.173  1.00 34.21 ? 125 ILE A N   1 
ATOM   922  C  CA  . ILE A 1 125 ? 10.527  -0.194  -6.739  1.00 35.99 ? 125 ILE A CA  1 
ATOM   923  C  C   . ILE A 1 125 ? 9.549   -0.636  -7.839  1.00 35.16 ? 125 ILE A C   1 
ATOM   924  O  O   . ILE A 1 125 ? 9.486   -0.033  -8.913  1.00 32.68 ? 125 ILE A O   1 
ATOM   925  C  CB  . ILE A 1 125 ? 10.090  1.216   -6.261  1.00 37.40 ? 125 ILE A CB  1 
ATOM   926  C  CG1 . ILE A 1 125 ? 10.930  1.646   -5.064  1.00 39.76 ? 125 ILE A CG1 1 
ATOM   927  C  CG2 . ILE A 1 125 ? 8.616   1.213   -5.889  1.00 34.83 ? 125 ILE A CG2 1 
ATOM   928  C  CD1 . ILE A 1 125 ? 10.861  0.683   -3.886  1.00 43.46 ? 125 ILE A CD1 1 
ATOM   929  N  N   . PHE A 1 126 ? 8.773   -1.676  -7.545  1.00 34.99 ? 126 PHE A N   1 
ATOM   930  C  CA  . PHE A 1 126 ? 7.793   -2.213  -8.487  1.00 34.81 ? 126 PHE A CA  1 
ATOM   931  C  C   . PHE A 1 126 ? 6.386   -1.875  -8.022  1.00 35.14 ? 126 PHE A C   1 
ATOM   932  O  O   . PHE A 1 126 ? 5.977   -2.298  -6.945  1.00 36.03 ? 126 PHE A O   1 
ATOM   933  C  CB  . PHE A 1 126 ? 7.931   -3.732  -8.571  1.00 33.37 ? 126 PHE A CB  1 
ATOM   934  C  CG  . PHE A 1 126 ? 9.293   -4.194  -8.970  1.00 32.14 ? 126 PHE A CG  1 
ATOM   935  C  CD1 . PHE A 1 126 ? 9.709   -4.099  -10.290 1.00 32.14 ? 126 PHE A CD1 1 
ATOM   936  C  CD2 . PHE A 1 126 ? 10.173  -4.701  -8.017  1.00 31.54 ? 126 PHE A CD2 1 
ATOM   937  C  CE1 . PHE A 1 126 ? 10.983  -4.502  -10.654 1.00 33.36 ? 126 PHE A CE1 1 
ATOM   938  C  CE2 . PHE A 1 126 ? 11.448  -5.108  -8.369  1.00 29.51 ? 126 PHE A CE2 1 
ATOM   939  C  CZ  . PHE A 1 126 ? 11.858  -5.008  -9.689  1.00 31.60 ? 126 PHE A CZ  1 
ATOM   940  N  N   . VAL A 1 127 ? 5.654   -1.116  -8.833  1.00 35.45 ? 127 VAL A N   1 
ATOM   941  C  CA  . VAL A 1 127 ? 4.288   -0.739  -8.493  1.00 37.74 ? 127 VAL A CA  1 
ATOM   942  C  C   . VAL A 1 127 ? 3.308   -1.742  -9.101  1.00 40.47 ? 127 VAL A C   1 
ATOM   943  O  O   . VAL A 1 127 ? 3.350   -2.036  -10.301 1.00 41.31 ? 127 VAL A O   1 
ATOM   944  C  CB  . VAL A 1 127 ? 3.969   0.710   -8.975  1.00 38.80 ? 127 VAL A CB  1 
ATOM   945  C  CG1 . VAL A 1 127 ? 2.549   1.119   -8.581  1.00 35.67 ? 127 VAL A CG1 1 
ATOM   946  C  CG2 . VAL A 1 127 ? 4.972   1.690   -8.352  1.00 37.33 ? 127 VAL A CG2 1 
ATOM   947  N  N   . GLU A 1 128 ? 2.439   -2.283  -8.254  1.00 43.05 ? 128 GLU A N   1 
ATOM   948  C  CA  . GLU A 1 128 ? 1.453   -3.276  -8.678  1.00 45.52 ? 128 GLU A CA  1 
ATOM   949  C  C   . GLU A 1 128 ? 0.037   -2.707  -8.671  1.00 45.40 ? 128 GLU A C   1 
ATOM   950  O  O   . GLU A 1 128 ? -0.915  -3.426  -8.951  1.00 43.99 ? 128 GLU A O   1 
ATOM   951  C  CB  . GLU A 1 128 ? 1.480   -4.485  -7.734  1.00 47.18 ? 128 GLU A CB  1 
ATOM   952  C  CG  . GLU A 1 128 ? 2.850   -5.037  -7.390  1.00 48.55 ? 128 GLU A CG  1 
ATOM   953  C  CD  . GLU A 1 128 ? 3.515   -5.757  -8.545  1.00 50.43 ? 128 GLU A CD  1 
ATOM   954  O  OE1 . GLU A 1 128 ? 3.775   -5.101  -9.574  1.00 52.47 ? 128 GLU A OE1 1 
ATOM   955  O  OE2 . GLU A 1 128 ? 3.778   -6.975  -8.427  1.00 48.09 ? 128 GLU A OE2 1 
ATOM   956  N  N   . VAL A 1 129 ? -0.110  -1.428  -8.336  1.00 46.35 ? 129 VAL A N   1 
ATOM   957  C  CA  . VAL A 1 129 ? -1.440  -0.820  -8.286  1.00 48.90 ? 129 VAL A CA  1 
ATOM   958  C  C   . VAL A 1 129 ? -2.145  -0.846  -9.652  1.00 51.81 ? 129 VAL A C   1 
ATOM   959  O  O   . VAL A 1 129 ? -1.493  -0.953  -10.690 1.00 52.12 ? 129 VAL A O   1 
ATOM   960  C  CB  . VAL A 1 129 ? -1.362  0.627   -7.773  1.00 47.08 ? 129 VAL A CB  1 
ATOM   961  C  CG1 . VAL A 1 129 ? -2.751  1.132   -7.449  1.00 45.48 ? 129 VAL A CG1 1 
ATOM   962  C  CG2 . VAL A 1 129 ? -0.462  0.687   -6.547  1.00 46.44 ? 129 VAL A CG2 1 
ATOM   963  N  N   . TRP A 1 130 ? -3.477  -0.752  -9.640  1.00 54.89 ? 130 TRP A N   1 
ATOM   964  C  CA  . TRP A 1 130 ? -4.293  -0.787  -10.862 1.00 56.41 ? 130 TRP A CA  1 
ATOM   965  C  C   . TRP A 1 130 ? -4.333  -2.202  -11.428 1.00 56.56 ? 130 TRP A C   1 
ATOM   966  O  O   . TRP A 1 130 ? -5.191  -3.008  -11.067 1.00 55.91 ? 130 TRP A O   1 
ATOM   967  C  CB  . TRP A 1 130 ? -3.740  0.166   -11.932 1.00 58.75 ? 130 TRP A CB  1 
ATOM   968  C  CG  . TRP A 1 130 ? -4.239  1.582   -11.831 1.00 63.61 ? 130 TRP A CG  1 
ATOM   969  C  CD1 . TRP A 1 130 ? -5.539  2.002   -11.889 1.00 64.89 ? 130 TRP A CD1 1 
ATOM   970  C  CD2 . TRP A 1 130 ? -3.441  2.769   -11.674 1.00 65.82 ? 130 TRP A CD2 1 
ATOM   971  N  NE1 . TRP A 1 130 ? -5.603  3.379   -11.772 1.00 65.99 ? 130 TRP A NE1 1 
ATOM   972  C  CE2 . TRP A 1 130 ? -4.331  3.873   -11.634 1.00 66.59 ? 130 TRP A CE2 1 
ATOM   973  C  CE3 . TRP A 1 130 ? -2.064  3.005   -11.551 1.00 66.37 ? 130 TRP A CE3 1 
ATOM   974  C  CZ2 . TRP A 1 130 ? -3.883  5.197   -11.489 1.00 67.23 ? 130 TRP A CZ2 1 
ATOM   975  C  CZ3 . TRP A 1 130 ? -1.618  4.325   -11.406 1.00 68.45 ? 130 TRP A CZ3 1 
ATOM   976  C  CH2 . TRP A 1 130 ? -2.528  5.400   -11.371 1.00 67.38 ? 130 TRP A CH2 1 
ATOM   977  N  N   . ASN A 1 133 ? 1.928   -1.770  -13.292 1.00 64.69 ? 133 ASN A N   1 
ATOM   978  C  CA  . ASN A 1 133 ? 2.999   -2.343  -14.104 1.00 64.04 ? 133 ASN A CA  1 
ATOM   979  C  C   . ASN A 1 133 ? 4.208   -1.410  -14.201 1.00 62.36 ? 133 ASN A C   1 
ATOM   980  O  O   . ASN A 1 133 ? 5.207   -1.748  -14.829 1.00 62.20 ? 133 ASN A O   1 
ATOM   981  C  CB  . ASN A 1 133 ? 2.479   -2.666  -15.512 1.00 65.96 ? 133 ASN A CB  1 
ATOM   982  C  CG  . ASN A 1 133 ? 2.121   -1.416  -16.315 1.00 66.17 ? 133 ASN A CG  1 
ATOM   983  O  OD1 . ASN A 1 133 ? 1.272   -0.622  -15.911 1.00 66.50 ? 133 ASN A OD1 1 
ATOM   984  N  ND2 . ASN A 1 133 ? 2.770   -1.246  -17.462 1.00 65.07 ? 133 ASN A ND2 1 
ATOM   985  N  N   . LYS A 1 134 ? 4.114   -0.241  -13.575 1.00 60.34 ? 134 LYS A N   1 
ATOM   986  C  CA  . LYS A 1 134 ? 5.202   0.733   -13.599 1.00 59.12 ? 134 LYS A CA  1 
ATOM   987  C  C   . LYS A 1 134 ? 6.230   0.479   -12.493 1.00 58.71 ? 134 LYS A C   1 
ATOM   988  O  O   . LYS A 1 134 ? 5.877   0.092   -11.377 1.00 59.17 ? 134 LYS A O   1 
ATOM   989  C  CB  . LYS A 1 134 ? 4.641   2.151   -13.445 1.00 58.44 ? 134 LYS A CB  1 
ATOM   990  C  CG  . LYS A 1 134 ? 5.672   3.251   -13.658 1.00 56.53 ? 134 LYS A CG  1 
ATOM   991  C  CD  . LYS A 1 134 ? 5.312   4.526   -12.907 1.00 54.78 ? 134 LYS A CD  1 
ATOM   992  C  CE  . LYS A 1 134 ? 5.383   4.319   -11.395 1.00 53.11 ? 134 LYS A CE  1 
ATOM   993  N  NZ  . LYS A 1 134 ? 5.225   5.588   -10.623 1.00 48.53 ? 134 LYS A NZ  1 
ATOM   994  N  N   . GLY A 1 135 ? 7.501   0.708   -12.808 1.00 58.15 ? 135 GLY A N   1 
ATOM   995  C  CA  . GLY A 1 135 ? 8.564   0.524   -11.832 1.00 57.17 ? 135 GLY A CA  1 
ATOM   996  C  C   . GLY A 1 135 ? 9.273   1.840   -11.553 1.00 56.21 ? 135 GLY A C   1 
ATOM   997  O  O   . GLY A 1 135 ? 8.786   2.898   -11.943 1.00 56.69 ? 135 GLY A O   1 
ATOM   998  N  N   . ALA A 1 136 ? 10.418  1.780   -10.880 1.00 55.92 ? 136 ALA A N   1 
ATOM   999  C  CA  . ALA A 1 136 ? 11.197  2.974   -10.557 1.00 54.72 ? 136 ALA A CA  1 
ATOM   1000 C  C   . ALA A 1 136 ? 12.631  2.607   -10.181 1.00 53.74 ? 136 ALA A C   1 
ATOM   1001 O  O   . ALA A 1 136 ? 12.874  1.974   -9.151  1.00 51.97 ? 136 ALA A O   1 
ATOM   1002 C  CB  . ALA A 1 136 ? 10.539  3.742   -9.413  1.00 54.78 ? 136 ALA A CB  1 
HETATM 1003 S  S   . SO4 B 2 .   ? 3.449   7.949   10.679  1.00 46.27 ? 201 SO4 A S   1 
HETATM 1004 O  O1  . SO4 B 2 .   ? 2.560   6.899   11.228  1.00 44.12 ? 201 SO4 A O1  1 
HETATM 1005 O  O2  . SO4 B 2 .   ? 4.822   7.425   10.585  1.00 42.24 ? 201 SO4 A O2  1 
HETATM 1006 O  O3  . SO4 B 2 .   ? 3.444   9.109   11.591  1.00 46.84 ? 201 SO4 A O3  1 
HETATM 1007 O  O4  . SO4 B 2 .   ? 2.971   8.369   9.340   1.00 43.44 ? 201 SO4 A O4  1 
HETATM 1008 O  O   . HOH C 3 .   ? 0.807   7.664   13.517  1.00 28.57 ? 167 HOH A O   1 
HETATM 1009 O  O   . HOH C 3 .   ? 4.122   5.974   15.966  1.00 29.65 ? 168 HOH A O   1 
HETATM 1010 O  O   . HOH C 3 .   ? 8.806   0.004   8.459   1.00 13.58 ? 169 HOH A O   1 
HETATM 1011 O  O   . HOH C 3 .   ? -6.784  7.974   15.024  1.00 31.77 ? 170 HOH A O   1 
HETATM 1012 O  O   . HOH C 3 .   ? -1.711  -2.142  16.588  1.00 9.65  ? 171 HOH A O   1 
HETATM 1013 O  O   . HOH C 3 .   ? 2.637   -4.009  15.464  1.00 31.49 ? 172 HOH A O   1 
HETATM 1014 O  O   . HOH C 3 .   ? 6.146   -5.740  12.586  1.00 17.34 ? 173 HOH A O   1 
HETATM 1015 O  O   . HOH C 3 .   ? -8.426  -9.229  3.514   1.00 22.82 ? 174 HOH A O   1 
HETATM 1016 O  O   . HOH C 3 .   ? -18.105 -3.218  3.441   1.00 64.13 ? 175 HOH A O   1 
HETATM 1017 O  O   . HOH C 3 .   ? -3.038  -8.207  2.168   1.00 33.82 ? 176 HOH A O   1 
HETATM 1018 O  O   . HOH C 3 .   ? -1.334  -10.798 15.101  1.00 40.22 ? 177 HOH A O   1 
HETATM 1019 O  O   . HOH C 3 .   ? 25.331  -14.352 -2.779  1.00 35.97 ? 178 HOH A O   1 
HETATM 1020 O  O   . HOH C 3 .   ? 7.047   -7.882  -8.322  1.00 36.82 ? 179 HOH A O   1 
HETATM 1021 O  O   . HOH C 3 .   ? 8.249   11.348  -0.870  1.00 30.47 ? 180 HOH A O   1 
HETATM 1022 O  O   . HOH C 3 .   ? -6.735  16.317  7.919   1.00 26.41 ? 181 HOH A O   1 
HETATM 1023 O  O   . HOH C 3 .   ? -10.424 -3.282  13.743  1.00 20.14 ? 182 HOH A O   1 
HETATM 1024 O  O   . HOH C 3 .   ? 11.283  -0.450  -12.598 1.00 34.62 ? 183 HOH A O   1 
HETATM 1025 O  O   . HOH C 3 .   ? 2.123   -12.071 10.128  1.00 28.21 ? 184 HOH A O   1 
HETATM 1026 O  O   . HOH C 3 .   ? 7.916   -11.743 8.462   1.00 31.56 ? 185 HOH A O   1 
HETATM 1027 O  O   . HOH C 3 .   ? -10.276 5.786   12.327  1.00 49.69 ? 186 HOH A O   1 
HETATM 1028 O  O   . HOH C 3 .   ? -9.127  15.785  10.779  1.00 47.21 ? 187 HOH A O   1 
HETATM 1029 O  O   . HOH C 3 .   ? -8.174  12.259  14.879  1.00 36.65 ? 188 HOH A O   1 
HETATM 1030 O  O   . HOH C 3 .   ? -6.688  14.537  14.383  1.00 50.11 ? 189 HOH A O   1 
HETATM 1031 O  O   . HOH C 3 .   ? 20.523  -3.492  0.352   1.00 22.43 ? 190 HOH A O   1 
HETATM 1032 O  O   . HOH C 3 .   ? 23.157  -2.700  -4.360  1.00 19.29 ? 191 HOH A O   1 
HETATM 1033 O  O   . HOH C 3 .   ? -2.811  12.330  -6.149  1.00 34.08 ? 192 HOH A O   1 
HETATM 1034 O  O   . HOH C 3 .   ? 0.382   5.200   -8.953  1.00 36.00 ? 193 HOH A O   1 
# 
